data_7VRD
#
_entry.id   7VRD
#
_cell.length_a   264.264
_cell.length_b   61.848
_cell.length_c   111.752
_cell.angle_alpha   90.000
_cell.angle_beta   109.800
_cell.angle_gamma   90.000
#
_symmetry.space_group_name_H-M   'C 1 2 1'
#
loop_
_entity.id
_entity.type
_entity.pdbx_description
1 polymer 'Enolase 1'
2 non-polymer 'MAGNESIUM ION'
3 non-polymer '2-PHOSPHOGLYCERIC ACID'
4 water water
#
_entity_poly.entity_id   1
_entity_poly.type   'polypeptide(L)'
_entity_poly.pdbx_seq_one_letter_code
;SYATKIHARYVYDSRGNPTVEVDFTTDKGLFRSIVPSGASTGVHEALELRDGDKSKWLGKGVLKAVANVNDIIAPALIKA
KIDVVDQAKIDEFLLSLDGTPNKSKLGANAILGVSLAAANAAAAAQGIPLYKHIANISNAKKGKFVLPVPFQNVLNGGSH
AGGALAFQEFMIAPTGVSTFSEALRIGSEVYHNLKSLTKKKYGQSAGNVGDEGGVAPDIKTPKEALDLIMDAIDKAGYKG
KVGIAMDVASSEFYKDGKYDLDFKNPESDPSKWLSGPQLADLYEQLISEYPIVSIEDPFAEDDWDAWVHFFERVGDKIQI
VGDDLTVTNPTRIKTAIEKKAANALLLKVNQIGTLTESIQAANDSYAAGWGVMVSHRSGETEDTFIADLSVGLRSGQIKT
GAPARSERLAKLNQILRIEEELGSEAIYAGKDFQKASQL
;
_entity_poly.pdbx_strand_id   A,B,C,D
#
loop_
_chem_comp.id
_chem_comp.type
_chem_comp.name
_chem_comp.formula
2PG non-polymer '2-PHOSPHOGLYCERIC ACID' 'C3 H7 O7 P'
MG non-polymer 'MAGNESIUM ION' 'Mg 2'
#
# COMPACT_ATOMS: atom_id res chain seq x y z
N SER A 1 17.17 18.20 44.33
CA SER A 1 17.56 16.77 44.45
C SER A 1 18.70 16.47 43.46
N TYR A 2 19.81 15.93 43.96
CA TYR A 2 20.99 15.58 43.12
C TYR A 2 21.45 14.15 43.48
N ALA A 3 22.19 13.51 42.56
CA ALA A 3 22.70 12.15 42.78
C ALA A 3 23.67 12.10 43.96
N THR A 4 23.43 11.18 44.89
CA THR A 4 24.37 10.89 45.99
C THR A 4 25.21 9.63 45.72
N LYS A 5 24.65 8.70 44.95
CA LYS A 5 25.35 7.49 44.57
C LYS A 5 24.82 7.04 43.19
N ILE A 6 25.73 6.60 42.32
CA ILE A 6 25.37 6.02 41.02
C ILE A 6 26.20 4.75 40.83
N HIS A 7 25.50 3.63 40.68
CA HIS A 7 26.14 2.33 40.57
C HIS A 7 25.46 1.49 39.49
N ALA A 8 26.26 0.90 38.62
CA ALA A 8 25.77 0.03 37.53
C ALA A 8 26.14 -1.43 37.80
N ARG A 9 25.35 -2.32 37.22
CA ARG A 9 25.61 -3.76 37.25
C ARG A 9 25.11 -4.29 35.92
N TYR A 10 25.50 -5.52 35.57
CA TYR A 10 24.84 -6.21 34.48
C TYR A 10 23.69 -7.06 35.06
N VAL A 11 22.63 -7.17 34.26
CA VAL A 11 21.53 -8.10 34.49
C VAL A 11 21.24 -8.78 33.15
N TYR A 12 20.34 -9.76 33.15
CA TYR A 12 20.03 -10.49 31.91
C TYR A 12 18.74 -9.96 31.30
N ASP A 13 18.80 -9.73 29.98
CA ASP A 13 17.62 -9.33 29.22
C ASP A 13 16.76 -10.55 28.87
N SER A 14 15.69 -10.30 28.13
CA SER A 14 14.70 -11.33 27.87
C SER A 14 15.17 -12.44 26.92
N ARG A 15 16.32 -12.26 26.27
CA ARG A 15 16.94 -13.34 25.47
C ARG A 15 18.06 -14.05 26.23
N GLY A 16 18.29 -13.66 27.47
CA GLY A 16 19.39 -14.21 28.27
C GLY A 16 20.74 -13.62 27.98
N ASN A 17 20.79 -12.41 27.42
CA ASN A 17 22.05 -11.70 27.18
C ASN A 17 22.23 -10.57 28.18
N PRO A 18 23.48 -10.32 28.62
CA PRO A 18 23.70 -9.25 29.59
C PRO A 18 23.31 -7.88 29.04
N THR A 19 22.82 -7.04 29.93
CA THR A 19 22.63 -5.61 29.64
C THR A 19 22.89 -4.80 30.90
N VAL A 20 22.86 -3.47 30.77
CA VAL A 20 23.27 -2.58 31.84
C VAL A 20 22.06 -2.11 32.67
N GLU A 21 22.18 -2.24 34.00
CA GLU A 21 21.23 -1.68 34.96
C GLU A 21 21.94 -0.59 35.77
N VAL A 22 21.28 0.54 35.95
CA VAL A 22 21.82 1.63 36.75
C VAL A 22 20.94 1.89 37.96
N ASP A 23 21.54 1.95 39.14
CA ASP A 23 20.92 2.40 40.39
C ASP A 23 21.37 3.83 40.67
N PHE A 24 20.41 4.75 40.71
CA PHE A 24 20.65 6.19 40.85
C PHE A 24 20.00 6.61 42.17
N THR A 25 20.83 6.95 43.15
CA THR A 25 20.34 7.29 44.50
C THR A 25 20.39 8.80 44.72
N THR A 26 19.30 9.32 45.29
CA THR A 26 19.20 10.71 45.75
C THR A 26 18.65 10.71 47.19
N ASP A 27 18.35 11.90 47.73
CA ASP A 27 17.68 12.06 49.02
C ASP A 27 16.34 11.32 49.06
N LYS A 28 15.71 11.12 47.91
CA LYS A 28 14.40 10.46 47.84
C LYS A 28 14.46 8.94 47.74
N GLY A 29 15.65 8.36 47.62
CA GLY A 29 15.77 6.90 47.54
C GLY A 29 16.53 6.44 46.31
N LEU A 30 16.34 5.17 45.98
CA LEU A 30 17.08 4.53 44.89
C LEU A 30 16.15 4.35 43.69
N PHE A 31 16.62 4.78 42.51
CA PHE A 31 15.86 4.73 41.27
C PHE A 31 16.64 3.91 40.26
N ARG A 32 15.97 2.93 39.67
CA ARG A 32 16.66 1.95 38.84
C ARG A 32 16.14 2.01 37.41
N SER A 33 17.05 1.97 36.45
CA SER A 33 16.68 1.85 35.05
C SER A 33 17.53 0.78 34.39
N ILE A 34 16.98 0.10 33.40
CA ILE A 34 17.68 -0.97 32.69
C ILE A 34 17.62 -0.63 31.20
N VAL A 35 18.76 -0.83 30.53
CA VAL A 35 18.92 -0.53 29.11
C VAL A 35 18.49 -1.75 28.29
N PRO A 36 17.62 -1.56 27.28
CA PRO A 36 17.23 -2.66 26.41
C PRO A 36 18.25 -2.89 25.30
N SER A 37 18.03 -3.90 24.48
CA SER A 37 18.96 -4.21 23.40
C SER A 37 18.24 -4.77 22.18
N GLY A 38 18.57 -4.26 21.00
CA GLY A 38 17.97 -4.74 19.75
C GLY A 38 18.72 -5.92 19.14
N ALA A 39 18.04 -6.58 18.20
CA ALA A 39 18.60 -7.62 17.35
C ALA A 39 18.70 -7.07 15.92
N SER A 40 17.58 -6.58 15.38
CA SER A 40 17.59 -5.92 14.08
C SER A 40 17.94 -4.45 14.30
N THR A 41 19.21 -4.20 14.58
CA THR A 41 19.66 -2.88 14.94
C THR A 41 20.12 -2.15 13.69
N GLY A 42 19.67 -0.90 13.56
CA GLY A 42 20.02 -0.03 12.44
C GLY A 42 21.51 0.28 12.48
N VAL A 43 22.12 0.34 11.30
CA VAL A 43 23.55 0.67 11.21
C VAL A 43 23.86 2.05 11.79
N HIS A 44 22.86 2.94 11.84
CA HIS A 44 23.03 4.30 12.36
C HIS A 44 22.70 4.50 13.84
N GLU A 45 22.35 3.42 14.54
CA GLU A 45 22.09 3.48 15.98
C GLU A 45 23.33 3.89 16.74
N ALA A 46 23.15 4.62 17.85
CA ALA A 46 24.24 4.89 18.78
C ALA A 46 24.91 3.58 19.23
N LEU A 47 26.20 3.64 19.53
CA LEU A 47 26.98 2.42 19.86
C LEU A 47 26.47 1.67 21.10
N GLU A 48 26.16 0.40 20.92
CA GLU A 48 25.96 -0.52 22.03
C GLU A 48 27.30 -1.20 22.29
N LEU A 49 27.92 -0.86 23.41
CA LEU A 49 29.25 -1.36 23.76
C LEU A 49 29.17 -2.75 24.40
N ARG A 50 29.79 -3.72 23.73
CA ARG A 50 29.90 -5.09 24.20
C ARG A 50 31.38 -5.42 24.39
N ASP A 51 31.67 -6.37 25.26
CA ASP A 51 33.05 -6.67 25.65
C ASP A 51 33.83 -7.42 24.57
N GLY A 52 33.15 -8.32 23.85
CA GLY A 52 33.78 -9.11 22.80
C GLY A 52 34.70 -10.21 23.31
N ASP A 53 34.58 -10.58 24.59
CA ASP A 53 35.36 -11.70 25.15
C ASP A 53 34.61 -12.98 24.84
N LYS A 54 35.11 -13.74 23.86
CA LYS A 54 34.40 -14.91 23.35
C LYS A 54 34.23 -16.02 24.41
N SER A 55 35.02 -15.98 25.47
CA SER A 55 34.94 -16.94 26.57
C SER A 55 33.83 -16.62 27.60
N LYS A 56 33.21 -15.45 27.50
CA LYS A 56 32.15 -15.05 28.44
C LYS A 56 30.96 -14.49 27.67
N TRP A 57 29.78 -15.07 27.94
CA TRP A 57 28.53 -14.65 27.30
C TRP A 57 28.60 -14.58 25.77
N LEU A 58 29.42 -15.43 25.16
CA LEU A 58 29.55 -15.47 23.70
C LEU A 58 30.00 -14.12 23.12
N GLY A 59 30.78 -13.35 23.90
CA GLY A 59 31.29 -12.04 23.49
C GLY A 59 30.33 -10.88 23.75
N LYS A 60 29.19 -11.19 24.39
CA LYS A 60 28.14 -10.18 24.61
C LYS A 60 28.14 -9.61 26.04
N GLY A 61 29.23 -9.75 26.77
CA GLY A 61 29.31 -9.11 28.09
C GLY A 61 29.17 -7.60 27.96
N VAL A 62 28.75 -6.96 29.05
CA VAL A 62 28.68 -5.49 29.11
C VAL A 62 29.50 -4.97 30.28
N LEU A 63 30.54 -5.72 30.67
CA LEU A 63 31.40 -5.29 31.77
C LEU A 63 32.08 -3.93 31.51
N LYS A 64 32.47 -3.67 30.26
CA LYS A 64 33.11 -2.40 29.93
C LYS A 64 32.17 -1.22 30.07
N ALA A 65 30.93 -1.39 29.61
CA ALA A 65 29.90 -0.35 29.77
C ALA A 65 29.57 -0.10 31.25
N VAL A 66 29.44 -1.17 32.03
CA VAL A 66 29.19 -1.07 33.46
C VAL A 66 30.34 -0.33 34.15
N ALA A 67 31.56 -0.67 33.78
CA ALA A 67 32.73 0.00 34.32
C ALA A 67 32.76 1.48 33.92
N ASN A 68 32.34 1.80 32.70
CA ASN A 68 32.22 3.20 32.27
C ASN A 68 31.26 3.99 33.14
N VAL A 69 30.15 3.38 33.54
CA VAL A 69 29.26 4.02 34.51
C VAL A 69 29.94 4.19 35.86
N ASN A 70 30.52 3.12 36.40
CA ASN A 70 30.98 3.11 37.78
C ASN A 70 32.22 3.96 37.98
N ASP A 71 33.09 3.99 36.97
CA ASP A 71 34.44 4.58 37.12
C ASP A 71 34.63 5.92 36.43
N ILE A 72 33.79 6.24 35.44
CA ILE A 72 33.91 7.49 34.70
C ILE A 72 32.68 8.38 34.94
N ILE A 73 31.51 7.87 34.56
CA ILE A 73 30.30 8.69 34.63
C ILE A 73 29.90 9.04 36.07
N ALA A 74 29.86 8.03 36.94
CA ALA A 74 29.37 8.21 38.31
C ALA A 74 30.11 9.30 39.10
N PRO A 75 31.45 9.18 39.25
CA PRO A 75 32.11 10.22 40.04
C PRO A 75 32.02 11.62 39.43
N ALA A 76 32.10 11.71 38.09
CA ALA A 76 31.97 13.02 37.42
C ALA A 76 30.59 13.65 37.66
N LEU A 77 29.53 12.88 37.41
CA LEU A 77 28.18 13.40 37.61
C LEU A 77 27.89 13.74 39.08
N ILE A 78 28.31 12.88 40.01
CA ILE A 78 28.09 13.15 41.45
C ILE A 78 28.78 14.46 41.88
N LYS A 79 30.00 14.68 41.41
CA LYS A 79 30.74 15.92 41.69
C LYS A 79 29.98 17.15 41.17
N ALA A 80 29.26 17.00 40.06
CA ALA A 80 28.57 18.12 39.41
C ALA A 80 27.32 18.62 40.15
N LYS A 81 26.73 17.81 41.01
CA LYS A 81 25.53 18.18 41.78
C LYS A 81 24.44 18.78 40.91
N ILE A 82 24.08 18.08 39.84
CA ILE A 82 23.09 18.59 38.91
C ILE A 82 21.69 18.25 39.44
N ASP A 83 20.79 19.22 39.44
CA ASP A 83 19.39 19.03 39.83
C ASP A 83 18.76 18.03 38.84
N VAL A 84 18.31 16.88 39.34
CA VAL A 84 17.77 15.83 38.45
C VAL A 84 16.54 16.27 37.65
N VAL A 85 15.81 17.27 38.16
CA VAL A 85 14.63 17.82 37.46
C VAL A 85 15.06 18.47 36.14
N ASP A 86 16.30 18.96 36.07
CA ASP A 86 16.84 19.57 34.85
C ASP A 86 17.45 18.47 33.97
N GLN A 87 16.57 17.70 33.35
CA GLN A 87 16.96 16.60 32.48
C GLN A 87 17.91 17.02 31.36
N ALA A 88 17.66 18.19 30.76
CA ALA A 88 18.52 18.68 29.67
C ALA A 88 19.96 18.89 30.18
N LYS A 89 20.10 19.36 31.40
CA LYS A 89 21.44 19.60 31.97
C LYS A 89 22.14 18.29 32.32
N ILE A 90 21.39 17.32 32.85
CA ILE A 90 21.90 15.96 33.10
C ILE A 90 22.45 15.38 31.78
N ASP A 91 21.65 15.48 30.72
CA ASP A 91 22.00 14.87 29.44
C ASP A 91 23.14 15.60 28.73
N GLU A 92 23.15 16.93 28.82
CA GLU A 92 24.25 17.73 28.31
C GLU A 92 25.56 17.30 29.00
N PHE A 93 25.49 17.07 30.31
CA PHE A 93 26.66 16.63 31.06
C PHE A 93 27.13 15.25 30.59
N LEU A 94 26.20 14.32 30.42
CA LEU A 94 26.57 12.98 29.97
C LEU A 94 27.18 13.00 28.57
N LEU A 95 26.62 13.81 27.67
CA LEU A 95 27.12 13.92 26.29
C LEU A 95 28.53 14.52 26.30
N SER A 96 28.77 15.45 27.22
CA SER A 96 30.08 16.09 27.35
C SER A 96 31.18 15.10 27.77
N LEU A 97 30.81 14.06 28.52
CA LEU A 97 31.79 13.04 28.95
C LEU A 97 32.23 12.13 27.81
N ASP A 98 31.35 11.98 26.83
CA ASP A 98 31.62 11.06 25.72
C ASP A 98 32.25 11.82 24.55
N GLY A 99 31.59 12.90 24.14
CA GLY A 99 32.09 13.79 23.10
C GLY A 99 32.10 13.25 21.68
N THR A 100 31.42 12.13 21.42
CA THR A 100 31.33 11.56 20.06
C THR A 100 29.88 11.59 19.59
N PRO A 101 29.65 11.71 18.27
CA PRO A 101 28.26 11.78 17.77
C PRO A 101 27.44 10.50 18.00
N ASN A 102 28.10 9.35 18.00
CA ASN A 102 27.44 8.05 18.17
C ASN A 102 27.68 7.40 19.55
N LYS A 103 28.18 8.19 20.51
CA LYS A 103 28.43 7.71 21.88
C LYS A 103 29.37 6.51 21.92
N SER A 104 30.39 6.53 21.06
CA SER A 104 31.29 5.40 20.91
C SER A 104 32.49 5.43 21.87
N LYS A 105 32.65 6.50 22.64
CA LYS A 105 33.68 6.50 23.69
C LYS A 105 33.21 5.71 24.91
N LEU A 106 32.01 6.01 25.42
CA LEU A 106 31.49 5.37 26.63
C LEU A 106 30.45 4.29 26.38
N GLY A 107 29.80 4.35 25.22
CA GLY A 107 28.67 3.47 24.93
C GLY A 107 27.34 4.12 25.26
N ALA A 108 26.40 4.08 24.30
CA ALA A 108 25.02 4.49 24.55
C ALA A 108 24.40 3.69 25.71
N ASN A 109 24.85 2.44 25.88
CA ASN A 109 24.34 1.60 26.96
C ASN A 109 24.94 1.91 28.33
N ALA A 110 25.99 2.73 28.39
CA ALA A 110 26.48 3.32 29.63
C ALA A 110 25.73 4.62 29.95
N ILE A 111 25.49 5.44 28.93
CA ILE A 111 24.86 6.75 29.09
C ILE A 111 23.37 6.66 29.41
N LEU A 112 22.65 5.84 28.65
CA LEU A 112 21.19 5.85 28.75
C LEU A 112 20.65 5.51 30.13
N GLY A 113 21.21 4.49 30.79
CA GLY A 113 20.70 4.05 32.09
C GLY A 113 20.74 5.19 33.10
N VAL A 114 21.78 6.01 33.00
CA VAL A 114 21.90 7.16 33.88
C VAL A 114 20.85 8.22 33.54
N SER A 115 20.68 8.50 32.24
CA SER A 115 19.70 9.46 31.76
C SER A 115 18.28 9.09 32.22
N LEU A 116 17.92 7.82 32.07
CA LEU A 116 16.59 7.36 32.44
C LEU A 116 16.36 7.34 33.95
N ALA A 117 17.34 6.85 34.71
CA ALA A 117 17.21 6.80 36.16
C ALA A 117 17.09 8.22 36.76
N ALA A 118 17.80 9.19 36.19
CA ALA A 118 17.64 10.60 36.59
C ALA A 118 16.19 11.07 36.48
N ALA A 119 15.53 10.72 35.38
CA ALA A 119 14.13 11.10 35.18
C ALA A 119 13.20 10.49 36.25
N ASN A 120 13.42 9.23 36.61
CA ASN A 120 12.68 8.58 37.69
C ASN A 120 12.89 9.31 39.01
N ALA A 121 14.15 9.65 39.29
CA ALA A 121 14.50 10.38 40.51
C ALA A 121 13.84 11.77 40.54
N ALA A 122 13.81 12.43 39.37
CA ALA A 122 13.18 13.74 39.22
C ALA A 122 11.68 13.71 39.51
N ALA A 123 11.00 12.69 39.00
CA ALA A 123 9.57 12.52 39.30
C ALA A 123 9.34 12.46 40.81
N ALA A 124 10.11 11.62 41.48
CA ALA A 124 10.06 11.49 42.95
C ALA A 124 10.36 12.80 43.69
N ALA A 125 11.35 13.55 43.21
CA ALA A 125 11.70 14.85 43.81
C ALA A 125 10.52 15.83 43.81
N GLN A 126 9.75 15.80 42.74
CA GLN A 126 8.59 16.68 42.58
C GLN A 126 7.29 16.11 43.13
N GLY A 127 7.33 14.84 43.54
CA GLY A 127 6.15 14.16 44.07
C GLY A 127 5.08 13.98 43.01
N ILE A 128 5.51 13.73 41.77
CA ILE A 128 4.61 13.50 40.63
C ILE A 128 4.95 12.17 39.95
N PRO A 129 3.99 11.56 39.26
CA PRO A 129 4.29 10.34 38.49
C PRO A 129 5.25 10.64 37.36
N LEU A 130 6.01 9.62 36.96
CA LEU A 130 6.96 9.79 35.88
C LEU A 130 6.29 10.31 34.59
N TYR A 131 5.10 9.82 34.22
CA TYR A 131 4.45 10.28 32.99
C TYR A 131 4.16 11.79 33.03
N LYS A 132 3.86 12.33 34.21
CA LYS A 132 3.60 13.78 34.35
C LYS A 132 4.90 14.58 34.18
N HIS A 133 5.98 14.10 34.79
CA HIS A 133 7.30 14.71 34.62
C HIS A 133 7.73 14.75 33.16
N ILE A 134 7.51 13.63 32.46
CA ILE A 134 7.81 13.56 31.02
C ILE A 134 6.94 14.54 30.22
N ALA A 135 5.65 14.61 30.54
CA ALA A 135 4.76 15.60 29.90
C ALA A 135 5.28 17.02 30.11
N ASN A 136 5.78 17.31 31.32
CA ASN A 136 6.37 18.61 31.64
C ASN A 136 7.62 18.91 30.81
N ILE A 137 8.61 18.02 30.84
CA ILE A 137 9.90 18.31 30.21
C ILE A 137 9.83 18.22 28.68
N SER A 138 8.80 17.56 28.16
CA SER A 138 8.60 17.44 26.71
C SER A 138 7.70 18.53 26.15
N ASN A 139 7.14 19.37 27.02
CA ASN A 139 6.24 20.43 26.62
C ASN A 139 5.00 19.92 25.90
N ALA A 140 4.46 18.80 26.38
CA ALA A 140 3.26 18.22 25.80
C ALA A 140 2.09 19.18 25.96
N LYS A 141 1.16 19.13 25.02
CA LYS A 141 -0.06 19.92 25.11
C LYS A 141 -0.82 19.62 26.41
N LYS A 142 -1.39 20.67 27.01
CA LYS A 142 -2.08 20.57 28.29
C LYS A 142 -3.54 20.20 28.05
N GLY A 143 -4.07 19.34 28.90
CA GLY A 143 -5.42 18.79 28.74
C GLY A 143 -5.45 17.40 29.31
N LYS A 144 -6.39 16.57 28.82
CA LYS A 144 -6.49 15.18 29.23
C LYS A 144 -5.20 14.47 28.84
N PHE A 145 -4.75 13.53 29.67
CA PHE A 145 -3.68 12.62 29.25
C PHE A 145 -4.22 11.66 28.21
N VAL A 146 -3.38 11.27 27.26
CA VAL A 146 -3.79 10.34 26.20
C VAL A 146 -3.11 9.01 26.44
N LEU A 147 -3.90 7.95 26.55
CA LEU A 147 -3.37 6.60 26.68
C LEU A 147 -3.18 5.99 25.30
N PRO A 148 -2.08 5.28 25.11
CA PRO A 148 -1.72 4.80 23.77
C PRO A 148 -2.48 3.56 23.32
N VAL A 149 -2.73 3.49 22.01
CA VAL A 149 -3.10 2.23 21.38
C VAL A 149 -1.93 1.26 21.51
N PRO A 150 -2.17 0.08 22.07
CA PRO A 150 -1.12 -0.94 22.11
C PRO A 150 -1.05 -1.73 20.80
N PHE A 151 0.01 -1.48 20.03
CA PHE A 151 0.32 -2.20 18.81
C PHE A 151 1.07 -3.48 19.21
N GLN A 152 0.38 -4.61 19.10
CA GLN A 152 0.81 -5.87 19.69
C GLN A 152 1.32 -6.85 18.63
N ASN A 153 2.62 -7.12 18.67
CA ASN A 153 3.28 -7.98 17.70
C ASN A 153 2.98 -9.46 17.98
N VAL A 154 1.85 -9.93 17.46
CA VAL A 154 1.30 -11.24 17.81
C VAL A 154 1.81 -12.37 16.93
N LEU A 155 2.46 -12.04 15.82
CA LEU A 155 3.06 -13.06 14.96
C LEU A 155 4.44 -12.55 14.51
N ASN A 156 5.47 -13.29 14.93
CA ASN A 156 6.86 -12.86 14.82
C ASN A 156 7.55 -13.59 13.68
N GLY A 157 8.37 -12.84 12.94
CA GLY A 157 9.21 -13.40 11.87
C GLY A 157 10.57 -12.74 11.87
N GLY A 158 11.19 -12.69 10.69
CA GLY A 158 12.47 -12.02 10.52
C GLY A 158 13.50 -12.51 11.51
N SER A 159 14.26 -11.55 12.05
CA SER A 159 15.35 -11.83 12.98
C SER A 159 14.90 -12.19 14.40
N HIS A 160 13.58 -12.21 14.63
CA HIS A 160 13.05 -12.49 15.97
C HIS A 160 12.55 -13.92 16.13
N ALA A 161 12.51 -14.71 15.06
CA ALA A 161 11.98 -16.07 15.15
C ALA A 161 12.56 -16.93 14.06
N GLY A 162 12.75 -18.20 14.37
CA GLY A 162 13.18 -19.15 13.37
C GLY A 162 12.01 -19.51 12.47
N GLY A 163 12.32 -19.80 11.22
CA GLY A 163 11.29 -20.12 10.22
C GLY A 163 11.54 -19.26 9.02
N ALA A 164 10.72 -19.40 7.97
CA ALA A 164 11.02 -18.76 6.69
C ALA A 164 10.55 -17.30 6.59
N LEU A 165 9.65 -16.89 7.46
CA LEU A 165 8.97 -15.60 7.28
C LEU A 165 9.95 -14.43 7.42
N ALA A 166 10.07 -13.64 6.36
CA ALA A 166 11.05 -12.54 6.29
C ALA A 166 10.62 -11.31 7.07
N PHE A 167 9.37 -10.89 6.88
CA PHE A 167 8.86 -9.69 7.54
C PHE A 167 8.94 -9.93 9.06
N GLN A 168 9.35 -8.92 9.81
CA GLN A 168 9.67 -9.12 11.23
C GLN A 168 8.45 -9.19 12.18
N GLU A 169 7.47 -8.32 11.99
CA GLU A 169 6.40 -8.12 12.96
C GLU A 169 5.07 -7.96 12.28
N PHE A 170 4.09 -8.74 12.75
CA PHE A 170 2.70 -8.59 12.36
C PHE A 170 1.90 -8.26 13.62
N MET A 171 1.36 -7.05 13.65
CA MET A 171 0.77 -6.48 14.87
C MET A 171 -0.74 -6.31 14.73
N ILE A 172 -1.43 -6.41 15.85
CA ILE A 172 -2.82 -5.95 15.94
C ILE A 172 -2.88 -4.64 16.71
N ALA A 173 -3.85 -3.80 16.34
CA ALA A 173 -4.01 -2.48 16.94
C ALA A 173 -5.50 -2.29 17.24
N PRO A 174 -5.95 -2.53 18.49
CA PRO A 174 -7.39 -2.44 18.80
C PRO A 174 -7.86 -1.01 18.98
N THR A 175 -8.13 -0.37 17.85
CA THR A 175 -8.49 1.03 17.80
C THR A 175 -9.99 1.28 18.01
N GLY A 176 -10.81 0.25 17.77
CA GLY A 176 -12.27 0.42 17.73
C GLY A 176 -12.97 0.19 19.06
N VAL A 177 -12.31 0.55 20.15
CA VAL A 177 -12.90 0.49 21.50
C VAL A 177 -12.58 1.79 22.22
N SER A 178 -13.28 2.05 23.32
CA SER A 178 -13.24 3.38 23.94
C SER A 178 -12.26 3.48 25.11
N THR A 179 -11.69 2.36 25.57
CA THR A 179 -10.75 2.41 26.70
C THR A 179 -9.51 1.55 26.45
N PHE A 180 -8.40 1.95 27.07
CA PHE A 180 -7.19 1.16 27.03
C PHE A 180 -7.40 -0.25 27.62
N SER A 181 -8.10 -0.37 28.74
CA SER A 181 -8.37 -1.69 29.33
C SER A 181 -9.09 -2.58 28.32
N GLU A 182 -10.07 -2.04 27.61
CA GLU A 182 -10.77 -2.85 26.61
C GLU A 182 -9.84 -3.26 25.49
N ALA A 183 -8.96 -2.35 25.05
CA ALA A 183 -8.03 -2.64 23.97
C ALA A 183 -7.09 -3.79 24.36
N LEU A 184 -6.62 -3.79 25.60
CA LEU A 184 -5.71 -4.82 26.06
C LEU A 184 -6.43 -6.17 26.23
N ARG A 185 -7.65 -6.12 26.76
CA ARG A 185 -8.49 -7.32 26.82
C ARG A 185 -8.70 -7.92 25.43
N ILE A 186 -9.15 -7.10 24.49
CA ILE A 186 -9.33 -7.57 23.11
C ILE A 186 -8.03 -8.12 22.52
N GLY A 187 -6.91 -7.46 22.75
CA GLY A 187 -5.63 -7.96 22.24
C GLY A 187 -5.32 -9.35 22.78
N SER A 188 -5.54 -9.54 24.08
CA SER A 188 -5.27 -10.82 24.73
C SER A 188 -6.21 -11.89 24.18
N GLU A 189 -7.47 -11.54 23.93
CA GLU A 189 -8.42 -12.53 23.39
C GLU A 189 -8.10 -12.93 21.96
N VAL A 190 -7.72 -11.94 21.14
CA VAL A 190 -7.34 -12.21 19.75
C VAL A 190 -6.06 -13.07 19.75
N TYR A 191 -5.12 -12.72 20.63
CA TYR A 191 -3.87 -13.46 20.72
C TYR A 191 -4.10 -14.93 21.06
N HIS A 192 -4.94 -15.20 22.06
CA HIS A 192 -5.24 -16.58 22.46
C HIS A 192 -5.94 -17.35 21.34
N ASN A 193 -6.88 -16.70 20.66
CA ASN A 193 -7.53 -17.27 19.48
C ASN A 193 -6.49 -17.59 18.39
N LEU A 194 -5.60 -16.64 18.15
CA LEU A 194 -4.51 -16.83 17.18
C LEU A 194 -3.62 -18.01 17.55
N LYS A 195 -3.26 -18.14 18.83
CA LYS A 195 -2.42 -19.26 19.26
C LYS A 195 -3.10 -20.60 18.95
N SER A 196 -4.38 -20.67 19.26
CA SER A 196 -5.17 -21.88 19.04
C SER A 196 -5.24 -22.21 17.55
N LEU A 197 -5.56 -21.20 16.73
CA LEU A 197 -5.66 -21.38 15.28
C LEU A 197 -4.31 -21.76 14.66
N THR A 198 -3.24 -21.18 15.18
CA THR A 198 -1.89 -21.44 14.68
C THR A 198 -1.49 -22.90 14.95
N LYS A 199 -1.80 -23.39 16.15
CA LYS A 199 -1.46 -24.77 16.53
C LYS A 199 -2.26 -25.76 15.69
N LYS A 200 -3.54 -25.45 15.45
CA LYS A 200 -4.41 -26.31 14.63
C LYS A 200 -3.92 -26.43 13.20
N LYS A 201 -3.48 -25.32 12.61
CA LYS A 201 -3.11 -25.26 11.20
C LYS A 201 -1.65 -25.65 10.94
N TYR A 202 -0.77 -25.29 11.87
CA TYR A 202 0.67 -25.43 11.64
C TYR A 202 1.36 -26.38 12.62
N GLY A 203 0.62 -26.89 13.60
CA GLY A 203 1.16 -27.84 14.57
C GLY A 203 1.56 -27.16 15.87
N GLN A 204 1.76 -27.97 16.90
CA GLN A 204 1.98 -27.47 18.26
C GLN A 204 3.18 -26.50 18.33
N SER A 205 4.27 -26.83 17.63
CA SER A 205 5.52 -26.04 17.66
C SER A 205 5.35 -24.63 17.09
N ALA A 206 4.39 -24.46 16.19
CA ALA A 206 4.08 -23.16 15.59
C ALA A 206 3.53 -22.18 16.62
N GLY A 207 2.94 -22.72 17.68
CA GLY A 207 2.42 -21.92 18.78
C GLY A 207 3.47 -21.48 19.77
N ASN A 208 4.68 -22.05 19.69
CA ASN A 208 5.80 -21.51 20.46
C ASN A 208 6.08 -20.10 19.93
N VAL A 209 6.79 -19.31 20.70
CA VAL A 209 6.85 -17.87 20.41
C VAL A 209 8.23 -17.38 20.00
N GLY A 210 8.23 -16.29 19.24
CA GLY A 210 9.42 -15.54 18.90
C GLY A 210 9.85 -14.66 20.06
N ASP A 211 10.89 -13.87 19.79
CA ASP A 211 11.51 -13.04 20.82
C ASP A 211 10.54 -12.07 21.49
N GLU A 212 9.51 -11.61 20.76
CA GLU A 212 8.58 -10.60 21.29
C GLU A 212 7.23 -11.18 21.70
N GLY A 213 7.14 -12.50 21.76
CA GLY A 213 5.99 -13.18 22.35
C GLY A 213 4.91 -13.56 21.34
N GLY A 214 5.14 -13.24 20.07
CA GLY A 214 4.18 -13.62 19.02
C GLY A 214 4.36 -15.08 18.64
N VAL A 215 3.31 -15.71 18.12
CA VAL A 215 3.45 -17.06 17.56
C VAL A 215 4.39 -17.02 16.35
N ALA A 216 5.02 -18.14 16.06
CA ALA A 216 6.07 -18.20 15.05
C ALA A 216 5.86 -19.40 14.12
N PRO A 217 4.76 -19.40 13.34
CA PRO A 217 4.61 -20.46 12.36
C PRO A 217 5.66 -20.32 11.26
N ASP A 218 6.06 -21.46 10.71
CA ASP A 218 7.03 -21.51 9.62
C ASP A 218 6.30 -21.36 8.28
N ILE A 219 6.12 -20.10 7.87
CA ILE A 219 5.36 -19.75 6.68
C ILE A 219 6.23 -18.81 5.84
N LYS A 220 6.01 -18.80 4.53
CA LYS A 220 6.88 -18.04 3.63
C LYS A 220 6.32 -16.67 3.22
N THR A 221 5.02 -16.45 3.38
CA THR A 221 4.39 -15.25 2.79
C THR A 221 3.65 -14.40 3.81
N PRO A 222 3.70 -13.07 3.64
CA PRO A 222 2.89 -12.17 4.45
C PRO A 222 1.40 -12.51 4.40
N LYS A 223 0.91 -12.91 3.23
CA LYS A 223 -0.51 -13.28 3.08
C LYS A 223 -0.91 -14.35 4.09
N GLU A 224 -0.07 -15.38 4.25
CA GLU A 224 -0.36 -16.46 5.19
C GLU A 224 -0.45 -15.93 6.62
N ALA A 225 0.45 -15.02 6.98
CA ALA A 225 0.43 -14.41 8.31
C ALA A 225 -0.83 -13.59 8.52
N LEU A 226 -1.15 -12.75 7.54
CA LEU A 226 -2.26 -11.82 7.61
C LEU A 226 -3.60 -12.55 7.62
N ASP A 227 -3.71 -13.62 6.84
CA ASP A 227 -4.91 -14.47 6.84
C ASP A 227 -5.16 -15.12 8.21
N LEU A 228 -4.08 -15.59 8.84
CA LEU A 228 -4.15 -16.15 10.19
C LEU A 228 -4.67 -15.12 11.20
N ILE A 229 -4.12 -13.91 11.17
CA ILE A 229 -4.53 -12.84 12.07
C ILE A 229 -5.98 -12.39 11.83
N MET A 230 -6.38 -12.30 10.56
CA MET A 230 -7.76 -11.93 10.23
C MET A 230 -8.75 -12.95 10.79
N ASP A 231 -8.38 -14.22 10.71
CA ASP A 231 -9.20 -15.32 11.23
C ASP A 231 -9.31 -15.22 12.77
N ALA A 232 -8.20 -14.95 13.43
CA ALA A 232 -8.19 -14.78 14.89
C ALA A 232 -9.06 -13.60 15.34
N ILE A 233 -8.98 -12.48 14.64
CA ILE A 233 -9.81 -11.30 14.94
C ILE A 233 -11.29 -11.68 14.83
N ASP A 234 -11.63 -12.40 13.75
CA ASP A 234 -13.01 -12.80 13.47
C ASP A 234 -13.52 -13.80 14.51
N LYS A 235 -12.73 -14.85 14.78
CA LYS A 235 -13.16 -15.92 15.70
C LYS A 235 -13.26 -15.41 17.15
N ALA A 236 -12.45 -14.42 17.51
CA ALA A 236 -12.50 -13.77 18.82
C ALA A 236 -13.75 -12.88 18.99
N GLY A 237 -14.36 -12.48 17.87
CA GLY A 237 -15.58 -11.67 17.88
C GLY A 237 -15.40 -10.19 17.63
N TYR A 238 -14.26 -9.78 17.05
CA TYR A 238 -13.92 -8.36 16.95
C TYR A 238 -13.66 -7.91 15.50
N LYS A 239 -14.27 -8.61 14.54
CA LYS A 239 -14.17 -8.24 13.12
C LYS A 239 -14.54 -6.76 12.95
N GLY A 240 -13.68 -5.99 12.30
CA GLY A 240 -13.90 -4.56 12.05
C GLY A 240 -13.45 -3.59 13.14
N LYS A 241 -12.96 -4.12 14.26
CA LYS A 241 -12.55 -3.29 15.39
C LYS A 241 -11.04 -3.30 15.59
N VAL A 242 -10.33 -4.10 14.79
CA VAL A 242 -8.91 -4.32 15.02
C VAL A 242 -8.08 -4.05 13.76
N GLY A 243 -7.24 -3.02 13.83
CA GLY A 243 -6.31 -2.70 12.75
C GLY A 243 -5.11 -3.63 12.76
N ILE A 244 -4.42 -3.70 11.63
CA ILE A 244 -3.19 -4.49 11.50
C ILE A 244 -2.05 -3.53 11.15
N ALA A 245 -0.88 -3.80 11.71
CA ALA A 245 0.33 -3.04 11.40
C ALA A 245 1.45 -4.03 11.13
N MET A 246 2.44 -3.61 10.35
CA MET A 246 3.61 -4.45 10.09
C MET A 246 4.88 -3.66 10.38
N ASP A 247 5.89 -4.36 10.89
CA ASP A 247 7.28 -3.89 10.83
C ASP A 247 8.00 -4.87 9.92
N VAL A 248 8.34 -4.39 8.72
CA VAL A 248 8.98 -5.21 7.73
C VAL A 248 10.43 -5.45 8.15
N ALA A 249 11.05 -4.45 8.78
CA ALA A 249 12.49 -4.45 9.09
C ALA A 249 13.30 -4.86 7.85
N SER A 250 13.00 -4.18 6.74
CA SER A 250 13.52 -4.54 5.40
C SER A 250 15.04 -4.45 5.27
N SER A 251 15.70 -3.64 6.10
CA SER A 251 17.17 -3.61 6.08
C SER A 251 17.77 -4.99 6.33
N GLU A 252 17.08 -5.83 7.09
CA GLU A 252 17.57 -7.17 7.41
C GLU A 252 17.68 -8.08 6.19
N PHE A 253 16.95 -7.76 5.11
CA PHE A 253 16.98 -8.57 3.90
C PHE A 253 17.32 -7.79 2.62
N TYR A 254 17.97 -6.64 2.80
CA TYR A 254 18.41 -5.79 1.69
C TYR A 254 19.82 -6.24 1.28
N LYS A 255 19.93 -6.75 0.05
CA LYS A 255 21.18 -7.32 -0.49
C LYS A 255 21.29 -7.02 -1.98
N ASP A 256 22.45 -6.52 -2.41
CA ASP A 256 22.71 -6.20 -3.83
C ASP A 256 21.65 -5.25 -4.41
N GLY A 257 21.19 -4.29 -3.61
CA GLY A 257 20.17 -3.33 -4.03
C GLY A 257 18.76 -3.89 -4.14
N LYS A 258 18.58 -5.14 -3.71
CA LYS A 258 17.29 -5.83 -3.82
C LYS A 258 16.87 -6.38 -2.46
N TYR A 259 15.66 -6.96 -2.39
CA TYR A 259 15.04 -7.39 -1.14
C TYR A 259 14.70 -8.88 -1.21
N ASP A 260 15.35 -9.68 -0.36
CA ASP A 260 15.21 -11.13 -0.32
C ASP A 260 14.14 -11.56 0.69
N LEU A 261 12.93 -11.90 0.22
CA LEU A 261 11.88 -12.38 1.14
C LEU A 261 12.07 -13.83 1.60
N ASP A 262 13.19 -14.46 1.22
CA ASP A 262 13.57 -15.79 1.74
C ASP A 262 14.98 -15.71 2.34
N PHE A 263 15.28 -14.61 3.05
CA PHE A 263 16.66 -14.33 3.49
C PHE A 263 17.22 -15.29 4.53
N LYS A 264 16.36 -16.02 5.22
CA LYS A 264 16.84 -16.97 6.24
C LYS A 264 17.14 -18.34 5.63
N ASN A 265 16.88 -18.49 4.33
CA ASN A 265 17.25 -19.68 3.57
C ASN A 265 18.65 -19.46 2.98
N PRO A 266 19.66 -20.24 3.44
CA PRO A 266 21.01 -20.03 2.89
C PRO A 266 21.06 -20.19 1.37
N GLU A 267 20.10 -20.91 0.80
CA GLU A 267 20.03 -21.14 -0.64
C GLU A 267 18.92 -20.32 -1.31
N SER A 268 18.64 -19.13 -0.78
CA SER A 268 17.66 -18.23 -1.40
C SER A 268 18.05 -17.96 -2.85
N ASP A 269 17.07 -18.09 -3.74
CA ASP A 269 17.26 -17.85 -5.18
C ASP A 269 17.26 -16.34 -5.46
N PRO A 270 18.43 -15.79 -5.86
CA PRO A 270 18.53 -14.33 -6.07
C PRO A 270 17.78 -13.78 -7.30
N SER A 271 17.29 -14.68 -8.16
CA SER A 271 16.42 -14.29 -9.27
C SER A 271 15.02 -13.92 -8.75
N LYS A 272 14.70 -14.35 -7.53
CA LYS A 272 13.41 -14.08 -6.91
C LYS A 272 13.46 -12.88 -5.93
N TRP A 273 14.63 -12.26 -5.75
CA TRP A 273 14.73 -11.06 -4.91
C TRP A 273 14.02 -9.87 -5.57
N LEU A 274 13.26 -9.11 -4.79
CA LEU A 274 12.45 -7.99 -5.31
C LEU A 274 13.24 -6.69 -5.39
N SER A 275 12.99 -5.93 -6.46
CA SER A 275 13.40 -4.52 -6.54
C SER A 275 12.56 -3.68 -5.58
N GLY A 276 13.00 -2.45 -5.31
CA GLY A 276 12.22 -1.48 -4.55
C GLY A 276 10.80 -1.33 -5.10
N PRO A 277 10.69 -1.07 -6.42
CA PRO A 277 9.36 -0.98 -7.05
C PRO A 277 8.47 -2.23 -6.89
N GLN A 278 9.06 -3.41 -7.02
CA GLN A 278 8.32 -4.67 -6.85
C GLN A 278 7.82 -4.84 -5.42
N LEU A 279 8.67 -4.51 -4.45
CA LEU A 279 8.29 -4.58 -3.04
C LEU A 279 7.19 -3.55 -2.71
N ALA A 280 7.32 -2.34 -3.26
CA ALA A 280 6.29 -1.30 -3.11
C ALA A 280 4.94 -1.78 -3.63
N ASP A 281 4.95 -2.45 -4.78
CA ASP A 281 3.71 -2.98 -5.35
C ASP A 281 3.09 -4.03 -4.42
N LEU A 282 3.92 -4.87 -3.80
CA LEU A 282 3.42 -5.87 -2.85
C LEU A 282 2.69 -5.19 -1.68
N TYR A 283 3.30 -4.14 -1.13
CA TYR A 283 2.68 -3.40 -0.03
C TYR A 283 1.34 -2.80 -0.48
N GLU A 284 1.31 -2.20 -1.68
CA GLU A 284 0.07 -1.55 -2.12
C GLU A 284 -1.06 -2.57 -2.22
N GLN A 285 -0.75 -3.77 -2.70
CA GLN A 285 -1.74 -4.84 -2.74
C GLN A 285 -2.17 -5.27 -1.34
N LEU A 286 -1.21 -5.43 -0.42
CA LEU A 286 -1.57 -5.86 0.94
C LEU A 286 -2.42 -4.82 1.66
N ILE A 287 -2.11 -3.53 1.44
CA ILE A 287 -2.84 -2.42 2.07
C ILE A 287 -4.30 -2.40 1.60
N SER A 288 -4.53 -2.85 0.38
CA SER A 288 -5.89 -2.93 -0.14
C SER A 288 -6.61 -4.19 0.37
N GLU A 289 -5.87 -5.29 0.51
CA GLU A 289 -6.46 -6.59 0.83
C GLU A 289 -6.79 -6.75 2.31
N TYR A 290 -6.07 -6.01 3.16
CA TYR A 290 -6.16 -6.13 4.63
C TYR A 290 -6.26 -4.75 5.27
N PRO A 291 -6.83 -4.67 6.49
CA PRO A 291 -7.00 -3.41 7.22
C PRO A 291 -5.68 -2.98 7.87
N ILE A 292 -4.68 -2.80 7.03
CA ILE A 292 -3.35 -2.40 7.46
C ILE A 292 -3.35 -0.88 7.63
N VAL A 293 -3.04 -0.42 8.84
CA VAL A 293 -3.08 1.00 9.19
C VAL A 293 -1.69 1.63 9.32
N SER A 294 -0.65 0.81 9.31
CA SER A 294 0.71 1.27 9.57
C SER A 294 1.73 0.25 9.06
N ILE A 295 2.74 0.73 8.35
CA ILE A 295 3.87 -0.10 7.93
C ILE A 295 5.16 0.60 8.33
N GLU A 296 6.05 -0.16 8.96
CA GLU A 296 7.30 0.35 9.48
C GLU A 296 8.46 -0.25 8.68
N ASP A 297 9.46 0.58 8.40
CA ASP A 297 10.66 0.20 7.65
C ASP A 297 10.36 -0.61 6.38
N PRO A 298 9.45 -0.10 5.53
CA PRO A 298 9.12 -0.81 4.30
C PRO A 298 10.30 -0.93 3.31
N PHE A 299 11.27 -0.02 3.43
CA PHE A 299 12.50 -0.05 2.63
C PHE A 299 13.70 0.16 3.52
N ALA A 300 14.87 -0.13 2.97
CA ALA A 300 16.09 -0.18 3.77
C ALA A 300 16.48 1.20 4.31
N GLU A 301 17.35 1.17 5.30
CA GLU A 301 17.64 2.32 6.15
C GLU A 301 18.23 3.55 5.45
N ASP A 302 18.79 3.37 4.24
CA ASP A 302 19.29 4.50 3.43
C ASP A 302 18.73 4.51 2.00
N ASP A 303 17.67 3.73 1.76
CA ASP A 303 17.05 3.60 0.43
C ASP A 303 16.00 4.72 0.25
N TRP A 304 16.46 5.97 0.36
CA TRP A 304 15.58 7.15 0.40
C TRP A 304 14.64 7.23 -0.80
N ASP A 305 15.15 6.99 -2.00
CA ASP A 305 14.30 7.10 -3.18
C ASP A 305 13.11 6.15 -3.11
N ALA A 306 13.29 4.94 -2.58
CA ALA A 306 12.18 3.98 -2.45
C ALA A 306 11.12 4.46 -1.45
N TRP A 307 11.55 4.98 -0.30
CA TRP A 307 10.62 5.54 0.69
C TRP A 307 9.81 6.70 0.09
N VAL A 308 10.52 7.61 -0.59
CA VAL A 308 9.92 8.82 -1.18
C VAL A 308 8.86 8.42 -2.20
N HIS A 309 9.17 7.45 -3.06
CA HIS A 309 8.23 7.01 -4.09
C HIS A 309 6.98 6.39 -3.44
N PHE A 310 7.20 5.55 -2.43
CA PHE A 310 6.09 4.86 -1.76
C PHE A 310 5.22 5.85 -1.01
N PHE A 311 5.86 6.84 -0.38
CA PHE A 311 5.14 7.86 0.37
C PHE A 311 4.21 8.64 -0.55
N GLU A 312 4.69 8.95 -1.76
CA GLU A 312 3.90 9.63 -2.79
C GLU A 312 2.64 8.81 -3.10
N ARG A 313 2.79 7.49 -3.14
CA ARG A 313 1.71 6.57 -3.47
C ARG A 313 0.68 6.41 -2.35
N VAL A 314 1.13 6.17 -1.12
CA VAL A 314 0.21 5.73 -0.06
C VAL A 314 0.31 6.49 1.26
N GLY A 315 1.11 7.56 1.32
CA GLY A 315 1.30 8.32 2.56
C GLY A 315 0.04 8.92 3.16
N ASP A 316 -0.96 9.19 2.31
CA ASP A 316 -2.24 9.72 2.79
C ASP A 316 -3.20 8.61 3.27
N LYS A 317 -2.84 7.35 3.03
CA LYS A 317 -3.71 6.19 3.29
C LYS A 317 -3.31 5.40 4.53
N ILE A 318 -2.00 5.36 4.82
CA ILE A 318 -1.50 4.64 5.99
C ILE A 318 -0.42 5.44 6.69
N GLN A 319 -0.15 5.06 7.92
CA GLN A 319 1.03 5.53 8.64
C GLN A 319 2.24 4.80 8.09
N ILE A 320 3.31 5.54 7.82
CA ILE A 320 4.57 4.99 7.35
C ILE A 320 5.63 5.39 8.37
N VAL A 321 6.21 4.40 9.05
CA VAL A 321 7.01 4.62 10.26
C VAL A 321 8.49 4.40 9.96
N GLY A 322 9.31 5.40 10.23
CA GLY A 322 10.77 5.24 10.22
C GLY A 322 11.24 4.60 11.51
N ASP A 323 12.11 3.59 11.41
CA ASP A 323 12.74 3.01 12.59
C ASP A 323 14.25 3.02 12.36
N ASP A 324 14.75 2.06 11.59
CA ASP A 324 16.15 2.07 11.18
C ASP A 324 16.46 3.27 10.27
N LEU A 325 15.46 3.77 9.55
CA LEU A 325 15.64 4.96 8.71
C LEU A 325 16.07 6.17 9.54
N THR A 326 15.40 6.36 10.67
CA THR A 326 15.48 7.58 11.49
C THR A 326 16.33 7.44 12.77
N VAL A 327 16.44 6.20 13.28
CA VAL A 327 17.16 5.83 14.52
C VAL A 327 17.02 6.85 15.65
N THR A 328 15.80 7.35 15.82
CA THR A 328 15.44 8.30 16.90
C THR A 328 16.42 9.47 16.96
N ASN A 329 16.88 9.91 15.78
CA ASN A 329 17.98 10.87 15.65
C ASN A 329 17.47 12.10 14.89
N PRO A 330 17.36 13.26 15.58
CA PRO A 330 16.91 14.49 14.93
C PRO A 330 17.52 14.81 13.56
N THR A 331 18.80 14.47 13.34
CA THR A 331 19.43 14.79 12.04
C THR A 331 18.84 13.95 10.90
N ARG A 332 18.53 12.68 11.19
CA ARG A 332 17.96 11.78 10.19
C ARG A 332 16.47 12.08 10.01
N ILE A 333 15.82 12.44 11.11
CA ILE A 333 14.40 12.82 11.09
C ILE A 333 14.23 14.06 10.20
N LYS A 334 15.13 15.03 10.35
CA LYS A 334 15.12 16.23 9.51
C LYS A 334 15.15 15.89 8.02
N THR A 335 16.06 14.99 7.65
CA THR A 335 16.19 14.52 6.27
C THR A 335 14.90 13.86 5.80
N ALA A 336 14.34 13.00 6.63
CA ALA A 336 13.12 12.28 6.29
C ALA A 336 11.92 13.22 6.13
N ILE A 337 11.86 14.28 6.94
CA ILE A 337 10.79 15.27 6.83
C ILE A 337 10.93 16.05 5.51
N GLU A 338 12.16 16.51 5.23
CA GLU A 338 12.44 17.29 4.01
C GLU A 338 12.14 16.50 2.75
N LYS A 339 12.51 15.22 2.75
CA LYS A 339 12.32 14.35 1.59
C LYS A 339 10.89 13.82 1.45
N LYS A 340 10.08 13.99 2.50
CA LYS A 340 8.73 13.41 2.57
C LYS A 340 8.81 11.89 2.41
N ALA A 341 9.64 11.28 3.25
CA ALA A 341 9.91 9.83 3.19
C ALA A 341 8.99 9.01 4.09
N ALA A 342 8.45 9.64 5.11
CA ALA A 342 7.65 8.94 6.12
C ALA A 342 6.72 9.93 6.81
N ASN A 343 5.82 9.45 7.65
CA ASN A 343 4.98 10.34 8.46
C ASN A 343 4.86 9.92 9.94
N ALA A 344 5.77 9.09 10.41
CA ALA A 344 5.82 8.74 11.82
C ALA A 344 7.21 8.26 12.21
N LEU A 345 7.52 8.44 13.47
CA LEU A 345 8.78 8.05 14.08
C LEU A 345 8.56 6.91 15.05
N LEU A 346 9.37 5.85 14.95
CA LEU A 346 9.45 4.86 16.02
C LEU A 346 10.50 5.34 17.03
N LEU A 347 10.07 5.65 18.24
CA LEU A 347 10.93 6.28 19.23
C LEU A 347 11.50 5.23 20.16
N LYS A 348 12.81 5.00 20.02
CA LYS A 348 13.58 4.04 20.80
C LYS A 348 14.70 4.79 21.49
N VAL A 349 14.55 4.99 22.78
CA VAL A 349 15.52 5.77 23.54
C VAL A 349 16.95 5.24 23.38
N ASN A 350 17.12 3.93 23.23
CA ASN A 350 18.48 3.39 23.12
C ASN A 350 19.10 3.51 21.71
N GLN A 351 18.33 3.94 20.71
CA GLN A 351 18.89 4.24 19.39
C GLN A 351 19.72 5.52 19.39
N ILE A 352 19.41 6.42 20.34
CA ILE A 352 20.03 7.75 20.41
C ILE A 352 20.83 7.93 21.72
N GLY A 353 20.32 7.41 22.84
CA GLY A 353 21.13 7.25 24.05
C GLY A 353 20.85 8.19 25.21
N THR A 354 20.06 9.25 25.00
CA THR A 354 19.57 10.09 26.11
C THR A 354 18.09 10.39 25.97
N LEU A 355 17.46 10.65 27.11
CA LEU A 355 16.05 11.00 27.13
C LEU A 355 15.82 12.35 26.44
N THR A 356 16.68 13.33 26.69
CA THR A 356 16.52 14.65 26.08
C THR A 356 16.54 14.59 24.54
N GLU A 357 17.49 13.85 23.97
CA GLU A 357 17.57 13.74 22.51
C GLU A 357 16.36 12.97 21.97
N SER A 358 15.90 11.95 22.71
CA SER A 358 14.68 11.20 22.35
C SER A 358 13.46 12.12 22.29
N ILE A 359 13.33 12.97 23.29
CA ILE A 359 12.22 13.92 23.36
C ILE A 359 12.31 14.96 22.23
N GLN A 360 13.52 15.40 21.90
CA GLN A 360 13.73 16.31 20.77
C GLN A 360 13.27 15.63 19.48
N ALA A 361 13.63 14.36 19.32
CA ALA A 361 13.19 13.57 18.17
C ALA A 361 11.67 13.56 18.07
N ALA A 362 11.00 13.33 19.20
CA ALA A 362 9.54 13.31 19.26
C ALA A 362 8.96 14.67 18.86
N ASN A 363 9.50 15.72 19.47
CA ASN A 363 8.97 17.07 19.21
C ASN A 363 9.24 17.54 17.78
N ASP A 364 10.39 17.19 17.21
CA ASP A 364 10.66 17.46 15.79
C ASP A 364 9.63 16.76 14.89
N SER A 365 9.29 15.52 15.23
CA SER A 365 8.29 14.74 14.50
C SER A 365 6.91 15.41 14.58
N TYR A 366 6.48 15.74 15.79
CA TYR A 366 5.19 16.39 16.00
C TYR A 366 5.10 17.71 15.24
N ALA A 367 6.21 18.45 15.22
CA ALA A 367 6.24 19.76 14.54
C ALA A 367 5.99 19.64 13.03
N ALA A 368 6.38 18.49 12.48
CA ALA A 368 6.21 18.18 11.06
C ALA A 368 4.87 17.49 10.73
N GLY A 369 4.02 17.32 11.74
CA GLY A 369 2.73 16.65 11.57
C GLY A 369 2.80 15.13 11.68
N TRP A 370 3.97 14.62 12.05
CA TRP A 370 4.17 13.18 12.15
C TRP A 370 3.55 12.59 13.41
N GLY A 371 3.25 11.31 13.34
CA GLY A 371 2.96 10.53 14.53
C GLY A 371 4.23 10.04 15.18
N VAL A 372 4.11 9.59 16.44
CA VAL A 372 5.22 8.98 17.19
C VAL A 372 4.68 7.71 17.85
N MET A 373 5.39 6.60 17.65
CA MET A 373 5.08 5.32 18.30
C MET A 373 6.26 4.99 19.19
N VAL A 374 6.05 5.04 20.50
CA VAL A 374 7.09 4.75 21.48
C VAL A 374 7.28 3.23 21.49
N SER A 375 8.53 2.77 21.50
CA SER A 375 8.82 1.35 21.27
C SER A 375 9.82 0.72 22.24
N HIS A 376 9.54 -0.55 22.54
CA HIS A 376 10.51 -1.47 23.14
C HIS A 376 11.62 -1.88 22.16
N ARG A 377 12.58 -2.65 22.65
CA ARG A 377 13.49 -3.44 21.79
C ARG A 377 13.13 -4.91 21.90
N SER A 378 13.63 -5.72 20.98
CA SER A 378 13.35 -7.16 21.04
C SER A 378 14.05 -7.83 22.22
N GLY A 379 15.15 -7.23 22.69
CA GLY A 379 15.77 -7.64 23.96
C GLY A 379 15.31 -6.69 25.03
N GLU A 380 14.29 -7.08 25.79
CA GLU A 380 13.69 -6.22 26.80
C GLU A 380 13.98 -6.74 28.20
N THR A 381 13.49 -5.98 29.19
CA THR A 381 13.68 -6.31 30.58
C THR A 381 12.40 -6.02 31.36
N GLU A 382 12.47 -6.23 32.67
CA GLU A 382 11.41 -5.91 33.62
C GLU A 382 11.21 -4.39 33.80
N ASP A 383 12.07 -3.56 33.18
CA ASP A 383 11.93 -2.09 33.17
C ASP A 383 10.63 -1.65 32.50
N THR A 384 9.98 -0.61 33.04
CA THR A 384 8.71 -0.14 32.47
C THR A 384 8.71 1.31 32.00
N PHE A 385 9.90 1.89 31.83
CA PHE A 385 10.02 3.32 31.47
C PHE A 385 9.14 3.71 30.28
N ILE A 386 9.12 2.89 29.24
CA ILE A 386 8.43 3.29 28.00
C ILE A 386 6.91 3.43 28.18
N ALA A 387 6.34 2.78 29.18
CA ALA A 387 4.91 2.96 29.48
C ALA A 387 4.66 4.42 29.85
N ASP A 388 5.37 4.92 30.85
CA ASP A 388 5.29 6.33 31.23
C ASP A 388 5.70 7.29 30.11
N LEU A 389 6.70 6.90 29.31
CA LEU A 389 7.14 7.74 28.19
C LEU A 389 6.03 7.90 27.16
N SER A 390 5.34 6.81 26.83
CA SER A 390 4.28 6.82 25.83
C SER A 390 3.15 7.74 26.26
N VAL A 391 2.79 7.68 27.55
CA VAL A 391 1.73 8.53 28.08
C VAL A 391 2.19 9.98 28.15
N GLY A 392 3.37 10.22 28.73
CA GLY A 392 3.90 11.58 28.89
C GLY A 392 4.02 12.33 27.58
N LEU A 393 4.47 11.64 26.52
CA LEU A 393 4.66 12.28 25.22
C LEU A 393 3.36 12.45 24.43
N ARG A 394 2.27 11.88 24.96
CA ARG A 394 0.96 11.99 24.34
C ARG A 394 1.00 11.37 22.93
N SER A 395 1.80 10.30 22.77
CA SER A 395 2.01 9.68 21.46
C SER A 395 0.75 9.02 20.89
N GLY A 396 -0.10 8.49 21.77
CA GLY A 396 -1.27 7.72 21.36
C GLY A 396 -0.97 6.34 20.79
N GLN A 397 0.29 5.90 20.83
CA GLN A 397 0.67 4.59 20.27
C GLN A 397 1.93 4.09 20.93
N ILE A 398 1.89 2.82 21.32
CA ILE A 398 3.05 2.16 21.89
C ILE A 398 3.17 0.78 21.24
N LYS A 399 4.41 0.37 21.02
CA LYS A 399 4.73 -0.96 20.54
C LYS A 399 5.59 -1.58 21.65
N THR A 400 5.05 -2.59 22.35
CA THR A 400 5.81 -3.20 23.44
C THR A 400 5.61 -4.72 23.54
N GLY A 401 5.20 -5.35 22.43
CA GLY A 401 5.14 -6.81 22.34
C GLY A 401 3.75 -7.37 22.19
N ALA A 402 3.71 -8.68 21.87
CA ALA A 402 2.54 -9.51 22.11
C ALA A 402 2.16 -9.44 23.58
N PRO A 403 0.90 -9.79 23.90
CA PRO A 403 0.52 -9.94 25.30
C PRO A 403 0.99 -11.31 25.87
N ALA A 404 2.27 -11.60 25.69
CA ALA A 404 2.92 -12.77 26.26
C ALA A 404 4.39 -12.43 26.48
N ARG A 405 4.95 -13.01 27.54
CA ARG A 405 6.31 -12.76 28.02
C ARG A 405 6.28 -11.49 28.86
N SER A 406 6.68 -11.58 30.13
CA SER A 406 6.46 -10.46 31.04
C SER A 406 7.31 -9.22 30.78
N GLU A 407 8.40 -9.32 30.00
CA GLU A 407 9.08 -8.09 29.57
C GLU A 407 8.16 -7.25 28.67
N ARG A 408 7.11 -7.87 28.11
CA ARG A 408 6.10 -7.15 27.34
C ARG A 408 4.95 -6.73 28.26
N LEU A 409 4.40 -7.67 29.03
CA LEU A 409 3.27 -7.34 29.91
C LEU A 409 3.66 -6.31 30.96
N ALA A 410 4.92 -6.25 31.37
CA ALA A 410 5.29 -5.31 32.42
C ALA A 410 4.94 -3.88 32.00
N LYS A 411 5.12 -3.56 30.72
CA LYS A 411 4.80 -2.22 30.21
C LYS A 411 3.29 -2.02 30.13
N LEU A 412 2.60 -3.03 29.62
CA LEU A 412 1.13 -2.96 29.45
C LEU A 412 0.42 -2.87 30.80
N ASN A 413 0.94 -3.61 31.78
CA ASN A 413 0.46 -3.55 33.16
C ASN A 413 0.67 -2.18 33.77
N GLN A 414 1.81 -1.56 33.51
CA GLN A 414 2.06 -0.20 33.98
C GLN A 414 1.05 0.81 33.40
N ILE A 415 0.69 0.68 32.12
CA ILE A 415 -0.35 1.55 31.53
C ILE A 415 -1.70 1.32 32.21
N LEU A 416 -2.01 0.07 32.57
CA LEU A 416 -3.24 -0.22 33.34
C LEU A 416 -3.23 0.56 34.66
N ARG A 417 -2.06 0.59 35.30
CA ARG A 417 -1.90 1.31 36.56
C ARG A 417 -2.10 2.81 36.37
N ILE A 418 -1.54 3.33 35.28
CA ILE A 418 -1.66 4.74 34.94
C ILE A 418 -3.11 5.08 34.62
N GLU A 419 -3.75 4.22 33.82
CA GLU A 419 -5.15 4.41 33.44
C GLU A 419 -6.03 4.51 34.70
N GLU A 420 -5.80 3.61 35.65
CA GLU A 420 -6.58 3.61 36.89
C GLU A 420 -6.36 4.87 37.72
N GLU A 421 -5.11 5.30 37.80
CA GLU A 421 -4.72 6.49 38.56
C GLU A 421 -5.40 7.74 38.00
N LEU A 422 -5.42 7.86 36.67
CA LEU A 422 -5.93 9.05 36.00
C LEU A 422 -7.46 9.12 35.96
N GLY A 423 -8.13 7.98 35.89
CA GLY A 423 -9.59 7.94 35.74
C GLY A 423 -10.06 8.81 34.58
N SER A 424 -11.00 9.72 34.83
CA SER A 424 -11.54 10.57 33.75
C SER A 424 -10.58 11.67 33.25
N GLU A 425 -9.39 11.79 33.85
CA GLU A 425 -8.37 12.73 33.34
C GLU A 425 -7.54 12.14 32.19
N ALA A 426 -7.87 10.92 31.76
CA ALA A 426 -7.25 10.28 30.61
C ALA A 426 -8.29 9.96 29.54
N ILE A 427 -7.87 10.01 28.28
CA ILE A 427 -8.66 9.49 27.17
C ILE A 427 -7.81 8.48 26.41
N TYR A 428 -8.48 7.49 25.82
CA TYR A 428 -7.80 6.47 25.01
C TYR A 428 -7.71 6.99 23.59
N ALA A 429 -6.53 6.91 22.99
CA ALA A 429 -6.33 7.47 21.64
C ALA A 429 -7.25 6.85 20.58
N GLY A 430 -7.45 5.54 20.63
CA GLY A 430 -8.35 4.83 19.69
C GLY A 430 -8.05 5.12 18.23
N LYS A 431 -9.07 5.48 17.45
CA LYS A 431 -8.89 5.76 16.01
C LYS A 431 -7.99 6.99 15.74
N ASP A 432 -7.77 7.83 16.75
CA ASP A 432 -6.99 9.08 16.62
C ASP A 432 -5.48 8.90 16.90
N PHE A 433 -4.98 7.67 16.91
CA PHE A 433 -3.57 7.41 17.26
C PHE A 433 -2.56 8.23 16.46
N GLN A 434 -2.84 8.48 15.19
CA GLN A 434 -1.83 9.07 14.31
C GLN A 434 -1.50 10.53 14.64
N LYS A 435 -2.51 11.27 15.12
CA LYS A 435 -2.41 12.70 15.48
C LYS A 435 -2.72 12.91 16.97
N ALA A 436 -2.46 11.90 17.78
CA ALA A 436 -2.85 11.91 19.21
C ALA A 436 -2.25 13.05 20.01
N SER A 437 -1.05 13.51 19.64
CA SER A 437 -0.37 14.57 20.39
C SER A 437 -1.14 15.89 20.33
N GLN A 438 -2.02 16.03 19.33
CA GLN A 438 -2.79 17.25 19.11
C GLN A 438 -4.18 17.24 19.77
N LEU A 439 -4.58 16.10 20.32
CA LEU A 439 -5.95 15.89 20.82
C LEU A 439 -6.39 16.93 21.85
N SER B 1 4.10 -0.68 62.44
CA SER B 1 3.72 -0.38 61.04
C SER B 1 2.49 -1.22 60.67
N TYR B 2 1.40 -0.55 60.28
CA TYR B 2 0.21 -1.28 59.84
C TYR B 2 -0.37 -0.66 58.57
N ALA B 3 -1.23 -1.44 57.91
CA ALA B 3 -1.87 -1.03 56.66
C ALA B 3 -2.68 0.25 56.83
N THR B 4 -2.46 1.21 55.94
CA THR B 4 -3.31 2.40 55.87
C THR B 4 -4.21 2.38 54.62
N LYS B 5 -3.81 1.61 53.60
CA LYS B 5 -4.59 1.41 52.36
C LYS B 5 -4.20 0.07 51.77
N ILE B 6 -5.20 -0.68 51.31
CA ILE B 6 -4.98 -1.93 50.58
C ILE B 6 -5.90 -1.94 49.37
N HIS B 7 -5.33 -2.08 48.19
CA HIS B 7 -6.08 -2.00 46.95
C HIS B 7 -5.56 -3.03 45.95
N ALA B 8 -6.48 -3.75 45.31
CA ALA B 8 -6.14 -4.74 44.31
C ALA B 8 -6.62 -4.33 42.93
N ARG B 9 -5.92 -4.81 41.91
CA ARG B 9 -6.33 -4.69 40.51
C ARG B 9 -5.99 -6.00 39.80
N TYR B 10 -6.51 -6.18 38.58
CA TYR B 10 -5.99 -7.23 37.70
C TYR B 10 -4.87 -6.66 36.82
N VAL B 11 -3.89 -7.51 36.56
CA VAL B 11 -2.86 -7.27 35.56
C VAL B 11 -2.72 -8.55 34.73
N TYR B 12 -1.83 -8.55 33.74
CA TYR B 12 -1.67 -9.70 32.87
C TYR B 12 -0.41 -10.48 33.22
N ASP B 13 -0.54 -11.81 33.28
CA ASP B 13 0.60 -12.72 33.49
C ASP B 13 1.35 -13.00 32.19
N SER B 14 2.38 -13.84 32.27
CA SER B 14 3.30 -14.05 31.16
C SER B 14 2.70 -14.82 30.00
N ARG B 15 1.50 -15.37 30.17
CA ARG B 15 0.77 -16.04 29.08
C ARG B 15 -0.39 -15.20 28.56
N GLY B 16 -0.53 -13.98 29.07
CA GLY B 16 -1.61 -13.07 28.66
C GLY B 16 -2.94 -13.29 29.35
N ASN B 17 -2.91 -13.97 30.51
CA ASN B 17 -4.12 -14.20 31.30
C ASN B 17 -4.13 -13.27 32.51
N PRO B 18 -5.32 -12.77 32.90
CA PRO B 18 -5.40 -11.92 34.09
C PRO B 18 -4.94 -12.62 35.35
N THR B 19 -4.35 -11.84 36.26
CA THR B 19 -4.06 -12.29 37.61
C THR B 19 -4.16 -11.10 38.56
N VAL B 20 -4.05 -11.37 39.85
CA VAL B 20 -4.29 -10.38 40.90
C VAL B 20 -3.00 -9.71 41.33
N GLU B 21 -3.04 -8.38 41.42
CA GLU B 21 -1.98 -7.56 41.98
C GLU B 21 -2.52 -6.79 43.18
N VAL B 22 -1.77 -6.79 44.28
CA VAL B 22 -2.16 -6.06 45.48
C VAL B 22 -1.16 -4.94 45.81
N ASP B 23 -1.68 -3.73 46.04
CA ASP B 23 -0.94 -2.57 46.56
C ASP B 23 -1.23 -2.47 48.06
N PHE B 24 -0.21 -2.62 48.89
CA PHE B 24 -0.35 -2.58 50.36
C PHE B 24 0.42 -1.35 50.84
N THR B 25 -0.30 -0.33 51.33
CA THR B 25 0.32 0.92 51.78
C THR B 25 0.41 0.94 53.31
N THR B 26 1.57 1.38 53.81
CA THR B 26 1.81 1.71 55.22
C THR B 26 2.46 3.09 55.32
N ASP B 27 2.83 3.49 56.53
CA ASP B 27 3.68 4.68 56.74
C ASP B 27 5.00 4.65 55.94
N LYS B 28 5.52 3.47 55.59
CA LYS B 28 6.79 3.35 54.85
C LYS B 28 6.64 3.43 53.32
N GLY B 29 5.41 3.39 52.82
CA GLY B 29 5.18 3.50 51.37
C GLY B 29 4.24 2.43 50.85
N LEU B 30 4.29 2.25 49.52
CA LEU B 30 3.43 1.31 48.81
C LEU B 30 4.23 0.07 48.41
N PHE B 31 3.72 -1.10 48.76
CA PHE B 31 4.34 -2.39 48.53
C PHE B 31 3.43 -3.25 47.68
N ARG B 32 3.98 -3.77 46.58
CA ARG B 32 3.18 -4.48 45.59
C ARG B 32 3.53 -5.93 45.49
N SER B 33 2.51 -6.77 45.35
CA SER B 33 2.73 -8.17 45.02
C SER B 33 1.80 -8.61 43.93
N ILE B 34 2.28 -9.53 43.10
CA ILE B 34 1.49 -10.11 42.03
C ILE B 34 1.47 -11.63 42.19
N VAL B 35 0.30 -12.24 42.01
CA VAL B 35 0.10 -13.67 42.18
C VAL B 35 0.31 -14.40 40.85
N PRO B 36 1.07 -15.52 40.87
CA PRO B 36 1.21 -16.32 39.65
C PRO B 36 0.02 -17.24 39.41
N SER B 37 0.03 -17.96 38.29
CA SER B 37 -1.02 -18.91 37.94
C SER B 37 -0.51 -20.15 37.18
N GLY B 38 -1.02 -21.33 37.52
CA GLY B 38 -0.76 -22.54 36.73
C GLY B 38 -1.93 -22.88 35.81
N VAL B 43 -7.89 -31.16 43.73
CA VAL B 43 -8.51 -31.25 45.06
C VAL B 43 -7.53 -31.02 46.23
N HIS B 44 -6.23 -31.01 45.96
CA HIS B 44 -5.18 -30.79 46.98
C HIS B 44 -4.58 -29.37 46.93
N GLU B 45 -5.02 -28.54 45.98
CA GLU B 45 -4.53 -27.15 45.82
C GLU B 45 -5.50 -26.15 46.42
N ALA B 46 -4.97 -25.07 47.01
CA ALA B 46 -5.79 -23.89 47.29
C ALA B 46 -6.37 -23.39 45.97
N LEU B 47 -7.63 -22.97 45.95
CA LEU B 47 -8.24 -22.68 44.66
C LEU B 47 -8.16 -21.21 44.29
N GLU B 48 -7.70 -21.00 43.06
CA GLU B 48 -7.68 -19.73 42.40
C GLU B 48 -9.11 -19.43 41.93
N LEU B 49 -9.61 -18.23 42.25
CA LEU B 49 -10.96 -17.82 41.84
C LEU B 49 -10.90 -17.13 40.48
N ARG B 50 -11.57 -17.72 39.49
CA ARG B 50 -11.76 -17.12 38.17
C ARG B 50 -13.25 -16.76 37.97
N ASP B 51 -13.49 -15.76 37.12
CA ASP B 51 -14.83 -15.19 36.96
C ASP B 51 -15.79 -16.11 36.19
N GLY B 52 -15.26 -16.87 35.24
CA GLY B 52 -16.06 -17.74 34.37
C GLY B 52 -17.02 -17.03 33.41
N ASP B 53 -16.79 -15.75 33.13
CA ASP B 53 -17.58 -15.00 32.15
C ASP B 53 -16.96 -15.31 30.78
N LYS B 54 -17.61 -16.18 30.00
CA LYS B 54 -17.04 -16.65 28.74
C LYS B 54 -16.86 -15.53 27.70
N SER B 55 -17.54 -14.39 27.91
CA SER B 55 -17.40 -13.24 27.01
C SER B 55 -16.20 -12.31 27.34
N LYS B 56 -15.54 -12.56 28.46
CA LYS B 56 -14.37 -11.76 28.90
C LYS B 56 -13.19 -12.68 29.26
N TRP B 57 -12.07 -12.50 28.55
CA TRP B 57 -10.85 -13.28 28.77
C TRP B 57 -11.07 -14.81 28.71
N LEU B 58 -12.06 -15.23 27.92
CA LEU B 58 -12.37 -16.64 27.73
C LEU B 58 -12.70 -17.30 29.10
N GLY B 59 -13.35 -16.53 29.97
CA GLY B 59 -13.74 -16.96 31.31
C GLY B 59 -12.67 -16.89 32.39
N LYS B 60 -11.52 -16.30 32.06
CA LYS B 60 -10.35 -16.29 32.97
C LYS B 60 -10.12 -14.97 33.71
N GLY B 61 -11.13 -14.09 33.72
CA GLY B 61 -11.08 -12.86 34.52
C GLY B 61 -10.86 -13.13 36.01
N VAL B 62 -10.28 -12.14 36.70
CA VAL B 62 -10.13 -12.23 38.16
C VAL B 62 -10.81 -11.05 38.88
N LEU B 63 -11.85 -10.50 38.25
CA LEU B 63 -12.60 -9.39 38.82
C LEU B 63 -13.17 -9.74 40.21
N LYS B 64 -13.62 -10.98 40.38
CA LYS B 64 -14.22 -11.40 41.65
C LYS B 64 -13.18 -11.48 42.76
N ALA B 65 -12.01 -12.03 42.44
CA ALA B 65 -10.89 -12.10 43.39
C ALA B 65 -10.45 -10.68 43.77
N VAL B 66 -10.34 -9.80 42.78
CA VAL B 66 -9.97 -8.39 43.00
C VAL B 66 -11.01 -7.71 43.91
N ALA B 67 -12.29 -7.97 43.64
CA ALA B 67 -13.37 -7.40 44.46
C ALA B 67 -13.35 -7.94 45.90
N ASN B 68 -12.98 -9.21 46.07
CA ASN B 68 -12.79 -9.77 47.40
C ASN B 68 -11.70 -9.04 48.20
N VAL B 69 -10.60 -8.66 47.55
CA VAL B 69 -9.58 -7.88 48.23
C VAL B 69 -10.12 -6.49 48.61
N ASN B 70 -10.71 -5.80 47.63
CA ASN B 70 -11.10 -4.40 47.82
C ASN B 70 -12.28 -4.20 48.77
N ASP B 71 -13.23 -5.13 48.72
CA ASP B 71 -14.50 -4.96 49.43
C ASP B 71 -14.60 -5.79 50.72
N ILE B 72 -13.78 -6.83 50.87
CA ILE B 72 -13.87 -7.70 52.04
C ILE B 72 -12.56 -7.70 52.85
N ILE B 73 -11.44 -8.02 52.21
CA ILE B 73 -10.16 -8.14 52.93
C ILE B 73 -9.63 -6.78 53.40
N ALA B 74 -9.61 -5.80 52.51
CA ALA B 74 -8.98 -4.51 52.82
C ALA B 74 -9.61 -3.82 54.04
N PRO B 75 -10.93 -3.61 54.05
CA PRO B 75 -11.48 -2.92 55.23
C PRO B 75 -11.31 -3.67 56.55
N ALA B 76 -11.48 -4.99 56.53
CA ALA B 76 -11.35 -5.81 57.75
C ALA B 76 -9.92 -5.76 58.27
N LEU B 77 -8.95 -5.90 57.37
CA LEU B 77 -7.55 -5.86 57.77
C LEU B 77 -7.14 -4.47 58.24
N ILE B 78 -7.54 -3.43 57.51
CA ILE B 78 -7.18 -2.06 57.89
C ILE B 78 -7.72 -1.75 59.30
N LYS B 79 -8.93 -2.21 59.60
CA LYS B 79 -9.56 -1.97 60.91
C LYS B 79 -8.80 -2.68 62.03
N ALA B 80 -8.25 -3.85 61.74
CA ALA B 80 -7.61 -4.69 62.75
C ALA B 80 -6.25 -4.14 63.21
N LYS B 81 -5.62 -3.26 62.44
CA LYS B 81 -4.39 -2.58 62.87
C LYS B 81 -3.30 -3.58 63.29
N ILE B 82 -3.05 -4.58 62.44
CA ILE B 82 -2.07 -5.63 62.75
C ILE B 82 -0.67 -5.18 62.33
N ASP B 83 0.30 -5.39 63.22
CA ASP B 83 1.70 -5.08 62.92
C ASP B 83 2.16 -5.99 61.79
N VAL B 84 2.52 -5.43 60.63
CA VAL B 84 2.88 -6.25 59.45
C VAL B 84 4.08 -7.16 59.68
N VAL B 85 4.96 -6.78 60.60
CA VAL B 85 6.10 -7.60 60.97
C VAL B 85 5.65 -8.97 61.49
N ASP B 86 4.45 -9.02 62.08
CA ASP B 86 3.90 -10.26 62.60
C ASP B 86 3.15 -10.98 61.48
N GLN B 87 3.92 -11.56 60.55
CA GLN B 87 3.37 -12.28 59.40
C GLN B 87 2.36 -13.36 59.81
N ALA B 88 2.67 -14.11 60.87
CA ALA B 88 1.78 -15.16 61.35
C ALA B 88 0.38 -14.61 61.71
N LYS B 89 0.32 -13.44 62.34
CA LYS B 89 -0.95 -12.81 62.73
C LYS B 89 -1.71 -12.28 61.49
N ILE B 90 -0.97 -11.70 60.55
CA ILE B 90 -1.53 -11.27 59.27
C ILE B 90 -2.22 -12.46 58.60
N ASP B 91 -1.50 -13.57 58.47
CA ASP B 91 -1.99 -14.73 57.75
C ASP B 91 -3.13 -15.45 58.49
N GLU B 92 -3.03 -15.52 59.81
CA GLU B 92 -4.12 -16.03 60.65
C GLU B 92 -5.41 -15.21 60.40
N PHE B 93 -5.28 -13.89 60.34
CA PHE B 93 -6.42 -13.01 60.06
C PHE B 93 -7.02 -13.29 58.67
N LEU B 94 -6.16 -13.41 57.66
CA LEU B 94 -6.62 -13.70 56.30
C LEU B 94 -7.35 -15.05 56.25
N LEU B 95 -6.78 -16.07 56.89
CA LEU B 95 -7.37 -17.42 56.88
C LEU B 95 -8.72 -17.43 57.60
N SER B 96 -8.80 -16.71 58.71
CA SER B 96 -10.05 -16.57 59.47
C SER B 96 -11.13 -15.92 58.60
N LEU B 97 -10.76 -14.89 57.84
CA LEU B 97 -11.67 -14.16 56.94
C LEU B 97 -12.30 -15.07 55.90
N ASP B 98 -11.50 -15.97 55.34
CA ASP B 98 -11.98 -16.93 54.35
C ASP B 98 -12.69 -18.09 55.04
N GLY B 99 -11.96 -18.81 55.89
CA GLY B 99 -12.53 -19.87 56.75
C GLY B 99 -12.74 -21.24 56.11
N THR B 100 -12.64 -21.31 54.79
CA THR B 100 -12.83 -22.58 54.06
C THR B 100 -11.49 -23.34 54.04
N PRO B 101 -11.53 -24.66 53.82
CA PRO B 101 -10.27 -25.42 53.87
C PRO B 101 -9.32 -25.21 52.68
N ASN B 102 -9.84 -24.71 51.56
CA ASN B 102 -9.04 -24.52 50.33
C ASN B 102 -9.11 -23.10 49.78
N LYS B 103 -9.51 -22.17 50.65
CA LYS B 103 -9.55 -20.73 50.34
C LYS B 103 -10.50 -20.43 49.18
N SER B 104 -11.61 -21.16 49.11
CA SER B 104 -12.56 -21.05 47.99
C SER B 104 -13.65 -19.97 48.16
N LYS B 105 -13.74 -19.31 49.31
CA LYS B 105 -14.67 -18.18 49.45
C LYS B 105 -14.07 -16.92 48.83
N LEU B 106 -12.90 -16.50 49.33
CA LEU B 106 -12.26 -15.28 48.84
C LEU B 106 -11.34 -15.57 47.64
N GLY B 107 -10.85 -16.80 47.54
CA GLY B 107 -9.89 -17.19 46.51
C GLY B 107 -8.46 -17.12 47.01
N ALA B 108 -7.67 -18.15 46.72
CA ALA B 108 -6.26 -18.16 47.10
C ALA B 108 -5.51 -17.01 46.43
N ASN B 109 -5.99 -16.58 45.27
CA ASN B 109 -5.34 -15.48 44.55
C ASN B 109 -5.58 -14.12 45.20
N ALA B 110 -6.71 -13.97 45.90
CA ALA B 110 -6.99 -12.75 46.68
C ALA B 110 -6.16 -12.74 47.98
N ILE B 111 -6.12 -13.88 48.65
CA ILE B 111 -5.43 -14.02 49.92
C ILE B 111 -3.92 -13.90 49.78
N LEU B 112 -3.33 -14.61 48.83
CA LEU B 112 -1.86 -14.63 48.70
C LEU B 112 -1.29 -13.24 48.43
N GLY B 113 -1.96 -12.45 47.60
CA GLY B 113 -1.48 -11.12 47.23
C GLY B 113 -1.30 -10.24 48.45
N VAL B 114 -2.26 -10.32 49.37
CA VAL B 114 -2.23 -9.51 50.57
C VAL B 114 -1.13 -10.04 51.49
N SER B 115 -1.04 -11.37 51.61
CA SER B 115 -0.02 -12.02 52.43
C SER B 115 1.42 -11.65 52.01
N LEU B 116 1.68 -11.70 50.70
CA LEU B 116 3.02 -11.40 50.19
C LEU B 116 3.34 -9.91 50.29
N ALA B 117 2.37 -9.07 49.94
CA ALA B 117 2.57 -7.62 50.01
C ALA B 117 2.89 -7.17 51.46
N ALA B 118 2.20 -7.77 52.42
CA ALA B 118 2.45 -7.47 53.84
C ALA B 118 3.89 -7.77 54.21
N ALA B 119 4.42 -8.88 53.70
CA ALA B 119 5.81 -9.27 53.97
C ALA B 119 6.79 -8.22 53.43
N ASN B 120 6.52 -7.71 52.24
CA ASN B 120 7.31 -6.62 51.65
C ASN B 120 7.25 -5.36 52.53
N ALA B 121 6.06 -4.99 52.99
CA ALA B 121 5.89 -3.84 53.89
C ALA B 121 6.68 -4.02 55.19
N ALA B 122 6.67 -5.25 55.70
CA ALA B 122 7.32 -5.60 56.96
C ALA B 122 8.85 -5.47 56.86
N ALA B 123 9.40 -5.87 55.72
CA ALA B 123 10.84 -5.72 55.48
C ALA B 123 11.20 -4.23 55.54
N ALA B 124 10.40 -3.40 54.89
CA ALA B 124 10.63 -1.95 54.90
C ALA B 124 10.50 -1.35 56.30
N ALA B 125 9.51 -1.83 57.06
CA ALA B 125 9.29 -1.36 58.45
C ALA B 125 10.52 -1.61 59.34
N GLN B 126 11.23 -2.70 59.08
CA GLN B 126 12.42 -3.07 59.83
C GLN B 126 13.72 -2.55 59.22
N GLY B 127 13.62 -1.95 58.03
CA GLY B 127 14.79 -1.45 57.31
C GLY B 127 15.73 -2.57 56.90
N ILE B 128 15.17 -3.71 56.51
CA ILE B 128 15.96 -4.86 56.07
C ILE B 128 15.41 -5.38 54.74
N PRO B 129 16.25 -6.08 53.97
CA PRO B 129 15.77 -6.69 52.73
C PRO B 129 14.76 -7.80 52.99
N LEU B 130 13.90 -8.05 52.00
CA LEU B 130 12.89 -9.07 52.11
C LEU B 130 13.48 -10.44 52.48
N TYR B 131 14.62 -10.84 51.87
CA TYR B 131 15.21 -12.16 52.14
C TYR B 131 15.62 -12.30 53.61
N LYS B 132 16.08 -11.20 54.22
CA LYS B 132 16.42 -11.20 55.65
C LYS B 132 15.17 -11.35 56.54
N HIS B 133 14.08 -10.64 56.21
CA HIS B 133 12.82 -10.78 56.95
C HIS B 133 12.29 -12.21 56.84
N ILE B 134 12.38 -12.79 55.65
CA ILE B 134 12.00 -14.19 55.45
C ILE B 134 12.89 -15.13 56.26
N ALA B 135 14.20 -14.89 56.29
CA ALA B 135 15.12 -15.66 57.12
C ALA B 135 14.70 -15.59 58.59
N ASN B 136 14.32 -14.40 59.04
CA ASN B 136 13.92 -14.19 60.44
C ASN B 136 12.65 -14.94 60.78
N ILE B 137 11.58 -14.74 60.01
CA ILE B 137 10.29 -15.35 60.32
C ILE B 137 10.24 -16.87 60.05
N SER B 138 11.18 -17.38 59.25
CA SER B 138 11.28 -18.82 58.96
C SER B 138 12.23 -19.55 59.91
N ASN B 139 12.91 -18.80 60.76
CA ASN B 139 13.86 -19.35 61.73
C ASN B 139 14.99 -20.10 61.03
N ALA B 140 15.47 -19.53 59.92
CA ALA B 140 16.55 -20.12 59.14
C ALA B 140 17.81 -20.11 60.00
N LYS B 141 18.66 -21.13 59.82
CA LYS B 141 19.95 -21.23 60.52
C LYS B 141 20.71 -19.90 60.41
N LYS B 142 21.18 -19.37 61.54
CA LYS B 142 21.98 -18.15 61.55
C LYS B 142 23.36 -18.47 60.97
N GLY B 143 23.96 -17.50 60.28
CA GLY B 143 25.22 -17.71 59.57
C GLY B 143 25.15 -17.07 58.19
N LYS B 144 25.95 -17.58 57.25
CA LYS B 144 25.98 -17.00 55.91
C LYS B 144 24.71 -17.36 55.16
N PHE B 145 24.23 -16.43 54.34
CA PHE B 145 23.09 -16.71 53.46
C PHE B 145 23.56 -17.65 52.38
N VAL B 146 22.66 -18.50 51.91
CA VAL B 146 22.96 -19.41 50.81
C VAL B 146 22.17 -18.96 49.58
N LEU B 147 22.88 -18.77 48.47
CA LEU B 147 22.30 -18.46 47.17
C LEU B 147 21.97 -19.75 46.44
N PRO B 148 20.81 -19.81 45.80
CA PRO B 148 20.35 -21.07 45.23
C PRO B 148 20.97 -21.45 43.88
N VAL B 149 21.08 -22.76 43.64
CA VAL B 149 21.38 -23.28 42.32
C VAL B 149 20.14 -23.02 41.46
N PRO B 150 20.29 -22.36 40.30
CA PRO B 150 19.15 -22.21 39.42
C PRO B 150 18.97 -23.45 38.55
N PHE B 151 17.83 -24.12 38.70
CA PHE B 151 17.44 -25.29 37.91
C PHE B 151 16.67 -24.77 36.70
N GLN B 152 17.32 -24.77 35.54
CA GLN B 152 16.87 -24.00 34.36
C GLN B 152 16.30 -24.92 33.27
N ASN B 153 15.02 -24.75 32.97
CA ASN B 153 14.24 -25.65 32.06
C ASN B 153 14.48 -25.37 30.59
N VAL B 154 15.58 -25.93 30.07
CA VAL B 154 16.10 -25.61 28.73
C VAL B 154 15.42 -26.39 27.60
N LEU B 155 14.81 -27.52 27.89
CA LEU B 155 14.28 -28.40 26.86
C LEU B 155 13.01 -29.07 27.39
N ASN B 156 11.93 -28.99 26.59
CA ASN B 156 10.60 -29.45 27.00
C ASN B 156 10.15 -30.66 26.18
N GLY B 157 9.46 -31.60 26.83
CA GLY B 157 8.79 -32.70 26.15
C GLY B 157 7.41 -32.91 26.73
N GLY B 158 6.91 -34.14 26.68
CA GLY B 158 5.60 -34.48 27.23
C GLY B 158 4.52 -33.71 26.50
N SER B 159 3.60 -33.14 27.26
CA SER B 159 2.50 -32.31 26.73
C SER B 159 2.99 -30.99 26.09
N HIS B 160 4.28 -30.67 26.24
CA HIS B 160 4.87 -29.41 25.72
C HIS B 160 5.56 -29.52 24.34
N ALA B 161 5.69 -30.74 23.79
CA ALA B 161 6.33 -30.95 22.49
C ALA B 161 5.52 -31.92 21.65
N GLY B 162 5.72 -31.85 20.34
CA GLY B 162 4.95 -32.62 19.37
C GLY B 162 5.59 -33.94 19.01
N GLY B 163 6.81 -34.16 19.51
CA GLY B 163 7.50 -35.43 19.31
C GLY B 163 6.96 -36.50 20.23
N ALA B 164 7.68 -37.62 20.27
CA ALA B 164 7.32 -38.78 21.09
C ALA B 164 7.76 -38.59 22.55
N LEU B 165 8.72 -37.70 22.79
CA LEU B 165 9.38 -37.59 24.11
C LEU B 165 8.36 -37.43 25.24
N ALA B 166 8.34 -38.40 26.16
CA ALA B 166 7.30 -38.42 27.19
C ALA B 166 7.63 -37.55 28.41
N PHE B 167 8.92 -37.41 28.74
CA PHE B 167 9.35 -36.64 29.92
C PHE B 167 9.10 -35.15 29.70
N GLN B 168 8.62 -34.45 30.72
CA GLN B 168 8.14 -33.07 30.56
C GLN B 168 9.22 -31.97 30.54
N GLU B 169 10.14 -31.98 31.49
CA GLU B 169 11.14 -30.90 31.63
C GLU B 169 12.54 -31.46 31.75
N PHE B 170 13.47 -30.91 30.96
CA PHE B 170 14.91 -31.17 31.12
C PHE B 170 15.60 -29.87 31.52
N MET B 171 16.28 -29.90 32.66
CA MET B 171 16.89 -28.70 33.22
C MET B 171 18.39 -28.86 33.33
N ILE B 172 19.11 -27.74 33.27
CA ILE B 172 20.52 -27.73 33.66
C ILE B 172 20.62 -27.11 35.06
N ALA B 173 21.63 -27.54 35.81
CA ALA B 173 21.87 -27.09 37.17
C ALA B 173 23.40 -26.90 37.34
N PRO B 174 23.88 -25.66 37.17
CA PRO B 174 25.31 -25.35 37.14
C PRO B 174 25.94 -25.35 38.54
N THR B 175 26.20 -26.56 39.02
CA THR B 175 26.61 -26.82 40.39
C THR B 175 28.13 -26.76 40.58
N GLY B 176 28.88 -26.93 39.50
CA GLY B 176 30.35 -27.09 39.56
C GLY B 176 31.17 -25.80 39.57
N VAL B 177 30.62 -24.72 40.12
CA VAL B 177 31.31 -23.44 40.22
C VAL B 177 31.06 -22.82 41.59
N SER B 178 31.84 -21.81 41.94
CA SER B 178 31.89 -21.31 43.31
C SER B 178 30.96 -20.12 43.56
N THR B 179 30.38 -19.54 42.50
CA THR B 179 29.53 -18.36 42.67
C THR B 179 28.24 -18.48 41.86
N PHE B 180 27.18 -17.86 42.39
CA PHE B 180 25.91 -17.76 41.68
C PHE B 180 26.10 -17.03 40.33
N SER B 181 26.88 -15.94 40.32
CA SER B 181 27.16 -15.19 39.08
C SER B 181 27.75 -16.10 38.00
N GLU B 182 28.76 -16.90 38.35
CA GLU B 182 29.35 -17.80 37.38
C GLU B 182 28.31 -18.87 36.93
N ALA B 183 27.53 -19.40 37.87
CA ALA B 183 26.48 -20.38 37.58
C ALA B 183 25.48 -19.86 36.57
N LEU B 184 24.97 -18.66 36.81
CA LEU B 184 24.01 -18.03 35.90
C LEU B 184 24.64 -17.74 34.52
N ARG B 185 25.88 -17.25 34.50
CA ARG B 185 26.58 -17.03 33.21
C ARG B 185 26.69 -18.34 32.42
N ILE B 186 27.15 -19.39 33.08
CA ILE B 186 27.32 -20.69 32.43
C ILE B 186 25.97 -21.20 31.93
N GLY B 187 24.94 -21.11 32.76
CA GLY B 187 23.58 -21.45 32.36
C GLY B 187 23.14 -20.74 31.08
N SER B 188 23.39 -19.42 31.01
CA SER B 188 23.03 -18.65 29.82
C SER B 188 23.80 -19.15 28.59
N GLU B 189 25.09 -19.44 28.77
CA GLU B 189 25.92 -19.90 27.66
C GLU B 189 25.52 -21.29 27.19
N VAL B 190 25.20 -22.19 28.12
CA VAL B 190 24.78 -23.53 27.74
C VAL B 190 23.43 -23.46 27.01
N TYR B 191 22.52 -22.64 27.52
CA TYR B 191 21.20 -22.46 26.89
C TYR B 191 21.34 -21.94 25.45
N HIS B 192 22.19 -20.93 25.24
CA HIS B 192 22.40 -20.36 23.90
C HIS B 192 23.03 -21.38 22.97
N ASN B 193 23.98 -22.17 23.47
CA ASN B 193 24.55 -23.25 22.67
C ASN B 193 23.50 -24.30 22.31
N LEU B 194 22.64 -24.65 23.27
CA LEU B 194 21.56 -25.61 23.06
C LEU B 194 20.60 -25.10 21.97
N LYS B 195 20.26 -23.81 22.03
CA LYS B 195 19.36 -23.22 21.03
C LYS B 195 19.95 -23.36 19.63
N SER B 196 21.23 -23.01 19.52
CA SER B 196 21.98 -23.07 18.26
C SER B 196 22.05 -24.50 17.71
N LEU B 197 22.39 -25.45 18.58
CA LEU B 197 22.43 -26.87 18.21
C LEU B 197 21.06 -27.39 17.81
N THR B 198 20.03 -26.98 18.55
CA THR B 198 18.67 -27.36 18.24
C THR B 198 18.24 -26.85 16.86
N LYS B 199 18.55 -25.60 16.55
CA LYS B 199 18.16 -25.05 15.26
C LYS B 199 18.90 -25.78 14.15
N LYS B 200 20.15 -26.15 14.40
CA LYS B 200 20.98 -26.85 13.41
C LYS B 200 20.44 -28.25 13.13
N LYS B 201 20.06 -28.97 14.19
CA LYS B 201 19.68 -30.38 14.08
C LYS B 201 18.22 -30.57 13.67
N TYR B 202 17.33 -29.75 14.23
CA TYR B 202 15.87 -29.92 14.07
C TYR B 202 15.22 -28.87 13.18
N GLY B 203 15.98 -27.85 12.77
CA GLY B 203 15.46 -26.76 11.93
C GLY B 203 15.32 -25.48 12.72
N GLN B 204 15.34 -24.34 12.03
CA GLN B 204 15.25 -23.03 12.69
C GLN B 204 14.00 -22.84 13.57
N SER B 205 12.85 -23.38 13.15
CA SER B 205 11.62 -23.31 13.94
C SER B 205 11.71 -23.92 15.33
N ALA B 206 12.54 -24.96 15.45
CA ALA B 206 12.70 -25.65 16.71
C ALA B 206 13.37 -24.77 17.79
N GLY B 207 13.87 -23.60 17.38
CA GLY B 207 14.46 -22.63 18.30
C GLY B 207 13.47 -21.72 19.02
N ASN B 208 12.20 -21.73 18.63
CA ASN B 208 11.19 -20.87 19.26
C ASN B 208 10.78 -21.44 20.62
N VAL B 209 10.41 -20.56 21.56
CA VAL B 209 10.40 -20.96 22.98
C VAL B 209 9.01 -21.23 23.54
N GLY B 210 8.96 -22.12 24.51
CA GLY B 210 7.73 -22.43 25.22
C GLY B 210 7.48 -21.44 26.36
N ASP B 211 6.48 -21.78 27.16
CA ASP B 211 5.99 -20.91 28.24
C ASP B 211 7.09 -20.52 29.23
N GLU B 212 8.03 -21.42 29.49
CA GLU B 212 9.06 -21.20 30.51
C GLU B 212 10.42 -20.82 29.90
N GLY B 213 10.44 -20.65 28.57
CA GLY B 213 11.62 -20.18 27.84
C GLY B 213 12.49 -21.26 27.21
N GLY B 214 12.18 -22.52 27.47
CA GLY B 214 12.93 -23.64 26.89
C GLY B 214 12.51 -23.92 25.45
N VAL B 215 13.32 -24.69 24.73
CA VAL B 215 12.98 -25.12 23.37
C VAL B 215 12.25 -26.46 23.44
N ALA B 216 11.56 -26.83 22.37
CA ALA B 216 10.77 -28.07 22.36
C ALA B 216 10.84 -28.70 20.97
N PRO B 217 12.03 -29.17 20.57
CA PRO B 217 12.13 -29.89 19.29
C PRO B 217 11.45 -31.26 19.37
N ASP B 218 11.15 -31.82 18.20
CA ASP B 218 10.54 -33.15 18.09
C ASP B 218 11.61 -34.18 18.44
N ILE B 219 11.62 -34.62 19.70
CA ILE B 219 12.61 -35.59 20.18
C ILE B 219 11.88 -36.90 20.45
N LYS B 220 12.58 -38.02 20.19
CA LYS B 220 11.97 -39.34 20.27
C LYS B 220 12.13 -39.98 21.65
N THR B 221 13.33 -39.89 22.22
CA THR B 221 13.71 -40.61 23.44
C THR B 221 14.38 -39.69 24.48
N PRO B 222 14.28 -40.06 25.77
CA PRO B 222 15.05 -39.33 26.80
C PRO B 222 16.56 -39.30 26.51
N LYS B 223 17.12 -40.40 26.00
CA LYS B 223 18.53 -40.45 25.62
C LYS B 223 18.88 -39.36 24.60
N GLU B 224 18.02 -39.17 23.60
CA GLU B 224 18.25 -38.16 22.55
C GLU B 224 18.26 -36.75 23.17
N ALA B 225 17.33 -36.49 24.08
CA ALA B 225 17.28 -35.22 24.81
C ALA B 225 18.56 -34.99 25.65
N LEU B 226 18.96 -36.01 26.40
CA LEU B 226 20.10 -35.89 27.29
C LEU B 226 21.40 -35.74 26.52
N ASP B 227 21.52 -36.41 25.36
CA ASP B 227 22.72 -36.28 24.52
C ASP B 227 22.84 -34.87 23.94
N LEU B 228 21.71 -34.26 23.59
CA LEU B 228 21.66 -32.89 23.09
C LEU B 228 22.14 -31.89 24.18
N ILE B 229 21.67 -32.09 25.40
CA ILE B 229 22.09 -31.27 26.55
C ILE B 229 23.57 -31.46 26.83
N MET B 230 24.03 -32.71 26.83
CA MET B 230 25.46 -32.99 27.06
C MET B 230 26.33 -32.30 26.01
N ASP B 231 25.88 -32.32 24.76
CA ASP B 231 26.59 -31.69 23.64
C ASP B 231 26.63 -30.18 23.84
N ALA B 232 25.52 -29.58 24.26
CA ALA B 232 25.48 -28.14 24.56
C ALA B 232 26.45 -27.75 25.69
N ILE B 233 26.49 -28.53 26.76
CA ILE B 233 27.39 -28.29 27.90
C ILE B 233 28.84 -28.34 27.41
N ASP B 234 29.14 -29.35 26.59
CA ASP B 234 30.50 -29.59 26.11
C ASP B 234 30.93 -28.44 25.17
N LYS B 235 30.09 -28.14 24.19
CA LYS B 235 30.38 -27.09 23.19
C LYS B 235 30.51 -25.70 23.82
N ALA B 236 29.69 -25.43 24.85
CA ALA B 236 29.78 -24.20 25.62
C ALA B 236 31.11 -24.10 26.41
N GLY B 237 31.70 -25.25 26.73
CA GLY B 237 33.01 -25.30 27.40
C GLY B 237 32.99 -25.64 28.87
N TYR B 238 31.91 -26.27 29.35
CA TYR B 238 31.70 -26.51 30.79
C TYR B 238 31.45 -28.00 31.10
N LYS B 239 32.03 -28.87 30.28
CA LYS B 239 32.00 -30.31 30.54
C LYS B 239 32.41 -30.58 31.99
N GLY B 240 31.61 -31.38 32.69
CA GLY B 240 31.90 -31.80 34.07
C GLY B 240 31.41 -30.84 35.14
N LYS B 241 30.88 -29.68 34.74
CA LYS B 241 30.52 -28.63 35.70
C LYS B 241 29.02 -28.37 35.80
N VAL B 242 28.22 -29.10 35.02
CA VAL B 242 26.79 -28.83 34.89
C VAL B 242 25.97 -30.10 35.09
N GLY B 243 25.16 -30.08 36.16
CA GLY B 243 24.21 -31.14 36.45
C GLY B 243 22.99 -31.06 35.58
N ILE B 244 22.27 -32.18 35.48
CA ILE B 244 21.01 -32.23 34.77
C ILE B 244 19.92 -32.62 35.76
N ALA B 245 18.76 -31.99 35.66
CA ALA B 245 17.58 -32.41 36.41
C ALA B 245 16.46 -32.69 35.42
N MET B 246 15.54 -33.57 35.81
CA MET B 246 14.36 -33.86 34.99
C MET B 246 13.10 -33.66 35.81
N ASP B 247 12.06 -33.09 35.19
CA ASP B 247 10.70 -33.28 35.68
C ASP B 247 10.03 -34.23 34.72
N VAL B 248 9.79 -35.45 35.17
CA VAL B 248 9.18 -36.47 34.33
C VAL B 248 7.69 -36.20 34.17
N ALA B 249 7.03 -35.72 35.22
CA ALA B 249 5.58 -35.53 35.24
C ALA B 249 4.87 -36.82 34.79
N SER B 250 5.25 -37.92 35.45
CA SER B 250 4.87 -39.26 35.02
C SER B 250 3.38 -39.55 35.10
N SER B 251 2.61 -38.77 35.89
CA SER B 251 1.15 -38.94 35.96
C SER B 251 0.50 -38.76 34.58
N GLU B 252 1.14 -37.97 33.72
CA GLU B 252 0.65 -37.73 32.36
C GLU B 252 0.64 -38.96 31.47
N PHE B 253 1.39 -40.01 31.84
CA PHE B 253 1.45 -41.23 31.03
C PHE B 253 1.24 -42.54 31.81
N TYR B 254 0.63 -42.42 32.99
CA TYR B 254 0.30 -43.57 33.84
C TYR B 254 -1.08 -44.09 33.46
N LYS B 255 -1.14 -45.30 32.92
CA LYS B 255 -2.39 -45.92 32.45
C LYS B 255 -2.39 -47.41 32.81
N ASP B 256 -3.48 -47.88 33.42
CA ASP B 256 -3.66 -49.30 33.77
C ASP B 256 -2.50 -49.82 34.63
N GLY B 257 -2.01 -48.98 35.54
CA GLY B 257 -0.88 -49.32 36.42
C GLY B 257 0.49 -49.39 35.75
N LYS B 258 0.56 -49.01 34.48
CA LYS B 258 1.80 -49.03 33.69
C LYS B 258 2.14 -47.61 33.23
N TYR B 259 3.32 -47.46 32.65
CA TYR B 259 3.83 -46.16 32.17
C TYR B 259 4.14 -46.20 30.67
N ASP B 260 3.36 -45.45 29.90
CA ASP B 260 3.42 -45.46 28.44
C ASP B 260 4.33 -44.34 27.96
N LEU B 261 5.59 -44.70 27.65
CA LEU B 261 6.60 -43.73 27.22
C LEU B 261 6.37 -43.21 25.80
N ASP B 262 5.37 -43.77 25.12
CA ASP B 262 4.93 -43.24 23.83
C ASP B 262 3.47 -42.79 23.91
N PHE B 263 3.11 -42.08 24.97
CA PHE B 263 1.71 -41.73 25.24
C PHE B 263 1.09 -40.76 24.24
N LYS B 264 1.92 -40.03 23.49
CA LYS B 264 1.39 -39.08 22.49
C LYS B 264 1.03 -39.78 21.17
N ASN B 265 1.38 -41.07 21.07
CA ASN B 265 1.03 -41.91 19.91
C ASN B 265 -0.27 -42.68 20.24
N PRO B 266 -1.41 -42.35 19.56
CA PRO B 266 -2.68 -43.04 19.88
C PRO B 266 -2.67 -44.55 19.63
N GLU B 267 -1.70 -45.04 18.86
CA GLU B 267 -1.51 -46.48 18.59
C GLU B 267 -0.33 -47.09 19.40
N SER B 268 0.02 -46.45 20.52
CA SER B 268 1.07 -46.99 21.40
C SER B 268 0.75 -48.42 21.80
N ASP B 269 1.71 -49.32 21.63
CA ASP B 269 1.53 -50.75 21.90
C ASP B 269 1.55 -50.96 23.42
N PRO B 270 0.43 -51.39 24.02
CA PRO B 270 0.41 -51.56 25.49
C PRO B 270 1.37 -52.62 26.04
N SER B 271 1.82 -53.55 25.19
CA SER B 271 2.81 -54.56 25.61
C SER B 271 4.21 -53.94 25.82
N LYS B 272 4.40 -52.71 25.34
CA LYS B 272 5.66 -51.98 25.51
C LYS B 272 5.59 -50.94 26.63
N TRP B 273 4.42 -50.77 27.25
CA TRP B 273 4.31 -49.89 28.42
C TRP B 273 5.17 -50.48 29.52
N LEU B 274 5.84 -49.61 30.28
CA LEU B 274 6.77 -50.04 31.30
C LEU B 274 6.06 -50.27 32.62
N SER B 275 6.43 -51.34 33.31
CA SER B 275 6.05 -51.53 34.70
C SER B 275 6.80 -50.50 35.56
N GLY B 276 6.31 -50.27 36.79
CA GLY B 276 7.06 -49.45 37.74
C GLY B 276 8.52 -49.84 37.83
N PRO B 277 8.80 -51.14 38.03
CA PRO B 277 10.19 -51.59 38.09
C PRO B 277 11.01 -51.34 36.81
N GLN B 278 10.41 -51.49 35.64
CA GLN B 278 11.12 -51.24 34.37
C GLN B 278 11.46 -49.77 34.22
N LEU B 279 10.54 -48.90 34.65
CA LEU B 279 10.77 -47.45 34.62
C LEU B 279 11.89 -47.06 35.61
N ALA B 280 11.88 -47.67 36.80
CA ALA B 280 12.99 -47.51 37.74
C ALA B 280 14.32 -47.96 37.13
N ASP B 281 14.33 -49.07 36.38
CA ASP B 281 15.56 -49.53 35.71
C ASP B 281 16.06 -48.46 34.75
N LEU B 282 15.13 -47.90 33.98
CA LEU B 282 15.45 -46.86 32.99
C LEU B 282 16.08 -45.67 33.70
N TYR B 283 15.46 -45.20 34.79
CA TYR B 283 16.03 -44.09 35.56
C TYR B 283 17.43 -44.43 36.08
N GLU B 284 17.59 -45.61 36.67
CA GLU B 284 18.91 -46.06 37.13
C GLU B 284 19.96 -46.00 36.02
N GLN B 285 19.59 -46.44 34.81
CA GLN B 285 20.53 -46.42 33.69
C GLN B 285 20.91 -44.98 33.33
N LEU B 286 19.90 -44.11 33.22
CA LEU B 286 20.14 -42.70 32.91
C LEU B 286 21.04 -42.02 33.95
N ILE B 287 20.80 -42.30 35.23
CA ILE B 287 21.60 -41.75 36.33
C ILE B 287 23.07 -42.22 36.25
N SER B 288 23.30 -43.43 35.74
CA SER B 288 24.68 -43.95 35.60
C SER B 288 25.39 -43.39 34.36
N GLU B 289 24.64 -43.08 33.30
CA GLU B 289 25.21 -42.56 32.04
C GLU B 289 25.31 -41.03 31.95
N TYR B 290 24.53 -40.30 32.76
CA TYR B 290 24.45 -38.84 32.68
C TYR B 290 24.53 -38.22 34.07
N PRO B 291 25.04 -36.97 34.17
CA PRO B 291 25.13 -36.31 35.47
C PRO B 291 23.77 -35.77 35.95
N ILE B 292 22.82 -36.69 36.10
CA ILE B 292 21.48 -36.37 36.61
C ILE B 292 21.56 -36.28 38.13
N VAL B 293 21.17 -35.12 38.66
CA VAL B 293 21.26 -34.83 40.10
C VAL B 293 19.89 -34.80 40.79
N SER B 294 18.81 -34.73 40.01
CA SER B 294 17.46 -34.57 40.55
C SER B 294 16.41 -35.06 39.55
N ILE B 295 15.40 -35.77 40.04
CA ILE B 295 14.26 -36.19 39.22
C ILE B 295 12.97 -35.87 39.97
N GLU B 296 12.09 -35.15 39.30
CA GLU B 296 10.79 -34.73 39.82
C GLU B 296 9.69 -35.61 39.22
N ASP B 297 8.75 -36.04 40.08
CA ASP B 297 7.60 -36.89 39.72
C ASP B 297 7.97 -38.10 38.83
N PRO B 298 8.97 -38.89 39.27
CA PRO B 298 9.37 -40.10 38.53
C PRO B 298 8.26 -41.13 38.41
N PHE B 299 7.36 -41.17 39.40
CA PHE B 299 6.19 -42.04 39.39
C PHE B 299 4.93 -41.22 39.64
N ALA B 300 3.79 -41.82 39.36
CA ALA B 300 2.51 -41.11 39.33
C ALA B 300 2.11 -40.63 40.71
N GLU B 301 1.18 -39.70 40.73
CA GLU B 301 0.84 -38.93 41.94
C GLU B 301 0.23 -39.76 43.08
N ASP B 302 -0.35 -40.92 42.77
CA ASP B 302 -0.86 -41.81 43.81
C ASP B 302 -0.29 -43.24 43.69
N ASP B 303 0.81 -43.39 42.95
CA ASP B 303 1.52 -44.68 42.83
C ASP B 303 2.61 -44.75 43.92
N TRP B 304 2.17 -44.74 45.17
CA TRP B 304 3.04 -44.59 46.33
C TRP B 304 4.09 -45.69 46.41
N ASP B 305 3.68 -46.95 46.22
CA ASP B 305 4.64 -48.06 46.35
C ASP B 305 5.82 -47.90 45.39
N ALA B 306 5.54 -47.45 44.17
CA ALA B 306 6.57 -47.21 43.17
C ALA B 306 7.61 -46.18 43.65
N TRP B 307 7.15 -45.09 44.26
CA TRP B 307 8.06 -44.08 44.83
C TRP B 307 8.89 -44.68 45.96
N VAL B 308 8.23 -45.40 46.86
CA VAL B 308 8.89 -45.96 48.04
C VAL B 308 9.99 -46.92 47.60
N HIS B 309 9.68 -47.81 46.66
CA HIS B 309 10.67 -48.73 46.09
C HIS B 309 11.81 -47.99 45.40
N PHE B 310 11.48 -46.94 44.65
CA PHE B 310 12.49 -46.18 43.91
C PHE B 310 13.39 -45.41 44.87
N PHE B 311 12.82 -44.88 45.94
CA PHE B 311 13.62 -44.17 46.93
C PHE B 311 14.63 -45.09 47.63
N GLU B 312 14.22 -46.33 47.90
CA GLU B 312 15.11 -47.28 48.57
C GLU B 312 16.28 -47.64 47.63
N ARG B 313 16.04 -47.60 46.32
CA ARG B 313 17.05 -47.86 45.29
C ARG B 313 18.09 -46.76 45.11
N VAL B 314 17.61 -45.53 44.91
CA VAL B 314 18.48 -44.41 44.47
C VAL B 314 18.39 -43.14 45.33
N GLY B 315 17.59 -43.19 46.40
CA GLY B 315 17.37 -42.03 47.28
C GLY B 315 18.64 -41.45 47.87
N ASP B 316 19.66 -42.29 48.02
CA ASP B 316 20.98 -41.89 48.51
C ASP B 316 21.92 -41.30 47.44
N LYS B 317 21.55 -41.40 46.15
CA LYS B 317 22.41 -40.95 45.03
C LYS B 317 21.89 -39.70 44.34
N ILE B 318 20.58 -39.51 44.36
CA ILE B 318 19.97 -38.35 43.71
C ILE B 318 18.88 -37.72 44.57
N GLN B 319 18.54 -36.49 44.24
CA GLN B 319 17.32 -35.87 44.75
C GLN B 319 16.10 -36.41 44.01
N ILE B 320 15.05 -36.71 44.77
CA ILE B 320 13.77 -37.16 44.24
C ILE B 320 12.72 -36.16 44.73
N VAL B 321 12.08 -35.47 43.80
CA VAL B 321 11.25 -34.29 44.11
C VAL B 321 9.78 -34.58 43.88
N GLY B 322 8.95 -34.27 44.88
CA GLY B 322 7.49 -34.28 44.73
C GLY B 322 6.97 -32.96 44.16
N ASP B 323 6.08 -33.06 43.18
CA ASP B 323 5.33 -31.91 42.66
C ASP B 323 3.86 -32.31 42.65
N ASP B 324 3.44 -33.11 41.66
CA ASP B 324 2.10 -33.70 41.68
C ASP B 324 1.89 -34.59 42.91
N LEU B 325 2.96 -35.21 43.42
CA LEU B 325 2.87 -36.04 44.61
C LEU B 325 2.40 -35.24 45.83
N THR B 326 3.01 -34.08 46.02
CA THR B 326 2.91 -33.32 47.26
C THR B 326 2.01 -32.07 47.17
N VAL B 327 1.99 -31.39 46.03
CA VAL B 327 1.07 -30.25 45.78
C VAL B 327 1.17 -29.15 46.87
N THR B 328 2.36 -28.97 47.45
CA THR B 328 2.61 -28.02 48.56
C THR B 328 1.51 -28.16 49.63
N ASN B 329 1.13 -29.42 49.91
CA ASN B 329 -0.04 -29.72 50.76
C ASN B 329 0.42 -30.45 52.02
N PRO B 330 0.17 -29.86 53.20
CA PRO B 330 0.78 -30.40 54.43
C PRO B 330 0.54 -31.89 54.67
N THR B 331 -0.66 -32.38 54.35
CA THR B 331 -1.01 -33.79 54.62
C THR B 331 -0.33 -34.73 53.61
N ARG B 332 -0.33 -34.35 52.33
CA ARG B 332 0.39 -35.12 51.30
C ARG B 332 1.87 -35.18 51.64
N ILE B 333 2.41 -34.07 52.12
CA ILE B 333 3.81 -33.98 52.49
C ILE B 333 4.13 -34.94 53.64
N LYS B 334 3.28 -34.91 54.67
CA LYS B 334 3.38 -35.83 55.82
C LYS B 334 3.44 -37.29 55.38
N THR B 335 2.48 -37.66 54.53
CA THR B 335 2.37 -39.02 53.99
C THR B 335 3.64 -39.41 53.25
N ALA B 336 4.14 -38.52 52.40
CA ALA B 336 5.37 -38.78 51.65
C ALA B 336 6.59 -38.95 52.55
N ILE B 337 6.68 -38.15 53.62
CA ILE B 337 7.80 -38.26 54.58
C ILE B 337 7.68 -39.59 55.34
N GLU B 338 6.48 -39.93 55.78
CA GLU B 338 6.24 -41.14 56.57
C GLU B 338 6.52 -42.42 55.76
N LYS B 339 6.13 -42.39 54.48
CA LYS B 339 6.32 -43.54 53.58
C LYS B 339 7.74 -43.67 53.04
N LYS B 340 8.56 -42.61 53.19
CA LYS B 340 9.90 -42.58 52.63
C LYS B 340 9.79 -42.62 51.08
N ALA B 341 8.94 -41.74 50.55
CA ALA B 341 8.62 -41.70 49.12
C ALA B 341 9.61 -40.84 48.31
N ALA B 342 10.26 -39.89 48.96
CA ALA B 342 11.08 -38.90 48.27
C ALA B 342 11.97 -38.18 49.28
N ASN B 343 12.78 -37.22 48.82
CA ASN B 343 13.62 -36.44 49.73
C ASN B 343 13.65 -34.94 49.41
N ALA B 344 12.67 -34.48 48.65
CA ALA B 344 12.52 -33.07 48.33
C ALA B 344 11.11 -32.71 47.87
N LEU B 345 10.75 -31.44 48.08
CA LEU B 345 9.44 -30.88 47.82
C LEU B 345 9.61 -29.71 46.85
N LEU B 346 8.78 -29.60 45.82
CA LEU B 346 8.62 -28.33 45.09
C LEU B 346 7.75 -27.41 45.96
N LEU B 347 8.19 -26.18 46.21
CA LEU B 347 7.39 -25.22 46.98
C LEU B 347 6.75 -24.21 46.03
N LYS B 348 5.43 -24.31 45.85
CA LYS B 348 4.66 -23.33 45.08
C LYS B 348 3.77 -22.54 46.03
N VAL B 349 4.17 -21.32 46.36
CA VAL B 349 3.44 -20.55 47.37
C VAL B 349 1.95 -20.41 47.05
N ASN B 350 1.61 -20.28 45.77
CA ASN B 350 0.21 -20.09 45.41
C ASN B 350 -0.61 -21.39 45.44
N GLN B 351 0.04 -22.54 45.65
CA GLN B 351 -0.70 -23.80 45.83
C GLN B 351 -1.26 -23.92 47.24
N ILE B 352 -0.66 -23.21 48.20
CA ILE B 352 -1.12 -23.25 49.58
C ILE B 352 -1.79 -21.93 49.99
N GLY B 353 -1.23 -20.79 49.59
CA GLY B 353 -1.97 -19.53 49.61
C GLY B 353 -1.60 -18.46 50.62
N THR B 354 -0.76 -18.75 51.60
CA THR B 354 -0.18 -17.71 52.45
C THR B 354 1.29 -17.95 52.62
N LEU B 355 2.02 -16.89 52.96
CA LEU B 355 3.44 -17.01 53.23
C LEU B 355 3.71 -17.88 54.46
N THR B 356 2.94 -17.68 55.54
CA THR B 356 3.14 -18.48 56.76
C THR B 356 3.00 -19.99 56.48
N GLU B 357 1.96 -20.39 55.75
CA GLU B 357 1.75 -21.81 55.43
C GLU B 357 2.85 -22.37 54.50
N SER B 358 3.30 -21.56 53.56
CA SER B 358 4.41 -21.92 52.68
C SER B 358 5.67 -22.19 53.50
N ILE B 359 5.99 -21.28 54.40
CA ILE B 359 7.17 -21.42 55.27
C ILE B 359 7.03 -22.67 56.17
N GLN B 360 5.82 -22.93 56.66
CA GLN B 360 5.57 -24.13 57.48
C GLN B 360 5.86 -25.42 56.70
N ALA B 361 5.42 -25.46 55.44
CA ALA B 361 5.67 -26.60 54.55
C ALA B 361 7.17 -26.80 54.29
N ALA B 362 7.89 -25.69 54.10
CA ALA B 362 9.35 -25.74 53.93
C ALA B 362 10.02 -26.27 55.19
N ASN B 363 9.60 -25.76 56.35
CA ASN B 363 10.22 -26.17 57.62
C ASN B 363 9.87 -27.63 58.00
N ASP B 364 8.65 -28.08 57.69
CA ASP B 364 8.27 -29.50 57.83
C ASP B 364 9.19 -30.37 56.97
N SER B 365 9.45 -29.95 55.73
CA SER B 365 10.40 -30.67 54.86
C SER B 365 11.81 -30.67 55.45
N TYR B 366 12.32 -29.51 55.86
CA TYR B 366 13.68 -29.44 56.42
C TYR B 366 13.82 -30.33 57.67
N ALA B 367 12.78 -30.35 58.49
CA ALA B 367 12.79 -31.13 59.73
C ALA B 367 12.98 -32.62 59.44
N ALA B 368 12.46 -33.06 58.28
CA ALA B 368 12.56 -34.45 57.84
C ALA B 368 13.86 -34.72 57.06
N GLY B 369 14.68 -33.69 56.87
CA GLY B 369 15.94 -33.79 56.15
C GLY B 369 15.75 -33.72 54.64
N TRP B 370 14.57 -33.27 54.22
CA TRP B 370 14.25 -33.07 52.80
C TRP B 370 14.83 -31.75 52.30
N GLY B 371 15.05 -31.70 50.98
CA GLY B 371 15.35 -30.45 50.27
C GLY B 371 14.06 -29.74 49.88
N VAL B 372 14.18 -28.46 49.57
CA VAL B 372 13.04 -27.65 49.11
C VAL B 372 13.49 -26.91 47.88
N MET B 373 12.78 -27.11 46.78
CA MET B 373 13.04 -26.36 45.54
C MET B 373 11.93 -25.36 45.35
N VAL B 374 12.24 -24.08 45.55
CA VAL B 374 11.26 -23.01 45.39
C VAL B 374 10.94 -22.88 43.91
N SER B 375 9.65 -22.83 43.57
CA SER B 375 9.22 -22.98 42.18
C SER B 375 8.36 -21.84 41.65
N HIS B 376 8.61 -21.50 40.39
CA HIS B 376 7.71 -20.70 39.57
C HIS B 376 6.43 -21.46 39.21
N ARG B 377 5.48 -20.75 38.60
CA ARG B 377 4.36 -21.38 37.88
C ARG B 377 4.50 -21.12 36.39
N SER B 378 3.72 -21.84 35.58
CA SER B 378 3.71 -21.64 34.14
C SER B 378 3.32 -20.22 33.75
N GLY B 379 2.31 -19.67 34.44
CA GLY B 379 1.93 -18.26 34.29
C GLY B 379 2.62 -17.44 35.37
N GLU B 380 3.74 -16.82 35.02
CA GLU B 380 4.49 -15.99 35.97
C GLU B 380 4.29 -14.50 35.68
N THR B 381 4.90 -13.66 36.49
CA THR B 381 4.80 -12.22 36.32
C THR B 381 6.16 -11.57 36.58
N GLU B 382 6.22 -10.26 36.50
CA GLU B 382 7.43 -9.48 36.76
C GLU B 382 7.78 -9.41 38.26
N ASP B 383 6.91 -9.97 39.10
CA ASP B 383 7.12 -10.08 40.55
C ASP B 383 8.35 -10.96 40.82
N THR B 384 9.14 -10.59 41.83
CA THR B 384 10.38 -11.33 42.14
C THR B 384 10.38 -11.95 43.54
N PHE B 385 9.21 -12.08 44.16
CA PHE B 385 9.13 -12.59 45.53
C PHE B 385 9.89 -13.90 45.74
N ILE B 386 9.76 -14.86 44.82
CA ILE B 386 10.34 -16.19 45.03
C ILE B 386 11.87 -16.18 45.04
N ALA B 387 12.48 -15.16 44.45
CA ALA B 387 13.93 -14.98 44.55
C ALA B 387 14.33 -14.77 46.02
N ASP B 388 13.69 -13.80 46.66
CA ASP B 388 13.95 -13.52 48.08
C ASP B 388 13.51 -14.69 48.97
N LEU B 389 12.45 -15.39 48.58
CA LEU B 389 11.99 -16.55 49.31
C LEU B 389 13.02 -17.68 49.28
N SER B 390 13.59 -17.97 48.10
CA SER B 390 14.59 -19.03 48.00
C SER B 390 15.84 -18.70 48.84
N VAL B 391 16.21 -17.43 48.88
CA VAL B 391 17.38 -17.02 49.67
C VAL B 391 17.04 -17.04 51.16
N GLY B 392 15.94 -16.40 51.56
CA GLY B 392 15.56 -16.33 52.97
C GLY B 392 15.36 -17.70 53.61
N LEU B 393 14.82 -18.65 52.84
CA LEU B 393 14.59 -20.02 53.33
C LEU B 393 15.85 -20.88 53.29
N ARG B 394 16.93 -20.35 52.72
CA ARG B 394 18.18 -21.08 52.63
C ARG B 394 17.98 -22.41 51.90
N SER B 395 17.12 -22.39 50.87
CA SER B 395 16.73 -23.62 50.15
C SER B 395 17.88 -24.19 49.32
N GLY B 396 18.76 -23.33 48.82
CA GLY B 396 19.83 -23.73 47.91
C GLY B 396 19.37 -24.15 46.53
N GLN B 397 18.08 -23.98 46.23
CA GLN B 397 17.49 -24.43 44.97
C GLN B 397 16.32 -23.55 44.57
N ILE B 398 16.31 -23.13 43.31
CA ILE B 398 15.17 -22.43 42.74
C ILE B 398 14.95 -22.94 41.32
N LYS B 399 13.68 -23.11 40.97
CA LYS B 399 13.27 -23.49 39.62
C LYS B 399 12.44 -22.33 39.11
N THR B 400 13.00 -21.51 38.22
CA THR B 400 12.28 -20.31 37.77
C THR B 400 12.42 -20.06 36.27
N GLY B 401 12.69 -21.13 35.52
CA GLY B 401 12.64 -21.13 34.05
C GLY B 401 14.00 -21.19 33.38
N ALA B 402 13.96 -21.26 32.04
CA ALA B 402 15.16 -21.06 31.22
C ALA B 402 15.66 -19.63 31.39
N PRO B 403 16.91 -19.36 30.98
CA PRO B 403 17.39 -17.98 31.00
C PRO B 403 16.88 -17.19 29.77
N ALA B 404 15.55 -17.19 29.60
CA ALA B 404 14.86 -16.41 28.55
C ALA B 404 13.46 -16.12 29.05
N ARG B 405 12.90 -14.98 28.63
CA ARG B 405 11.60 -14.44 29.10
C ARG B 405 11.77 -13.78 30.47
N SER B 406 11.44 -12.49 30.56
CA SER B 406 11.75 -11.76 31.79
C SER B 406 10.93 -12.14 33.04
N GLU B 407 9.80 -12.83 32.89
CA GLU B 407 9.15 -13.38 34.09
C GLU B 407 10.03 -14.45 34.75
N ARG B 408 10.98 -15.00 33.97
CA ARG B 408 11.97 -15.96 34.47
C ARG B 408 13.21 -15.20 34.92
N LEU B 409 13.78 -14.39 34.03
CA LEU B 409 15.02 -13.65 34.35
C LEU B 409 14.86 -12.66 35.50
N ALA B 410 13.67 -12.07 35.67
CA ALA B 410 13.48 -11.10 36.76
C ALA B 410 13.88 -11.72 38.10
N LYS B 411 13.57 -13.00 38.31
CA LYS B 411 13.95 -13.70 39.54
C LYS B 411 15.46 -13.85 39.68
N LEU B 412 16.09 -14.28 38.59
CA LEU B 412 17.53 -14.55 38.55
C LEU B 412 18.31 -13.24 38.70
N ASN B 413 17.80 -12.17 38.07
CA ASN B 413 18.39 -10.85 38.21
C ASN B 413 18.33 -10.36 39.66
N GLN B 414 17.21 -10.63 40.33
CA GLN B 414 17.06 -10.24 41.73
C GLN B 414 18.11 -10.96 42.60
N ILE B 415 18.34 -12.25 42.34
CA ILE B 415 19.40 -12.99 43.03
C ILE B 415 20.79 -12.35 42.78
N LEU B 416 21.08 -11.93 41.55
CA LEU B 416 22.33 -11.16 41.26
C LEU B 416 22.46 -9.95 42.18
N ARG B 417 21.36 -9.21 42.36
CA ARG B 417 21.35 -8.02 43.22
C ARG B 417 21.61 -8.40 44.68
N ILE B 418 20.97 -9.48 45.12
CA ILE B 418 21.14 -10.01 46.48
C ILE B 418 22.60 -10.43 46.68
N GLU B 419 23.14 -11.15 45.70
CA GLU B 419 24.53 -11.62 45.72
C GLU B 419 25.49 -10.45 45.91
N GLU B 420 25.30 -9.39 45.12
CA GLU B 420 26.17 -8.22 45.19
C GLU B 420 26.05 -7.52 46.55
N GLU B 421 24.82 -7.37 47.03
CA GLU B 421 24.54 -6.75 48.32
C GLU B 421 25.22 -7.49 49.48
N LEU B 422 25.21 -8.82 49.43
CA LEU B 422 25.73 -9.65 50.52
C LEU B 422 27.24 -9.79 50.50
N GLY B 423 27.83 -9.82 49.30
CA GLY B 423 29.28 -10.07 49.16
C GLY B 423 29.70 -11.32 49.91
N SER B 424 30.70 -11.19 50.78
CA SER B 424 31.24 -12.37 51.48
C SER B 424 30.29 -13.00 52.52
N GLU B 425 29.14 -12.38 52.77
CA GLU B 425 28.12 -12.97 53.66
C GLU B 425 27.19 -13.98 52.96
N ALA B 426 27.43 -14.23 51.67
CA ALA B 426 26.71 -15.25 50.93
C ALA B 426 27.65 -16.34 50.43
N ILE B 427 27.15 -17.57 50.41
CA ILE B 427 27.82 -18.68 49.74
C ILE B 427 26.86 -19.30 48.73
N TYR B 428 27.40 -19.75 47.60
CA TYR B 428 26.63 -20.46 46.59
C TYR B 428 26.48 -21.93 46.97
N ALA B 429 25.26 -22.43 46.97
CA ALA B 429 24.98 -23.82 47.38
C ALA B 429 25.75 -24.84 46.54
N GLY B 430 25.88 -24.57 45.24
CA GLY B 430 26.60 -25.45 44.32
C GLY B 430 26.24 -26.92 44.50
N LYS B 431 27.25 -27.76 44.67
CA LYS B 431 27.05 -29.20 44.84
C LYS B 431 26.27 -29.57 46.11
N ASP B 432 26.21 -28.67 47.10
CA ASP B 432 25.53 -28.93 48.37
C ASP B 432 24.05 -28.51 48.37
N PHE B 433 23.40 -28.47 47.21
CA PHE B 433 22.04 -27.91 47.12
C PHE B 433 20.98 -28.69 47.92
N GLN B 434 21.16 -30.00 48.07
CA GLN B 434 20.12 -30.85 48.66
C GLN B 434 19.85 -30.51 50.12
N LYS B 435 20.92 -30.33 50.89
CA LYS B 435 20.81 -30.04 52.33
C LYS B 435 21.32 -28.62 52.63
N ALA B 436 21.13 -27.71 51.68
CA ALA B 436 21.62 -26.33 51.77
C ALA B 436 21.14 -25.60 53.03
N SER B 437 19.96 -25.93 53.52
CA SER B 437 19.41 -25.27 54.69
C SER B 437 20.26 -25.55 55.95
N GLN B 438 21.07 -26.61 55.90
CA GLN B 438 21.99 -26.96 57.00
C GLN B 438 23.46 -26.58 56.73
N LEU B 439 23.76 -25.98 55.57
CA LEU B 439 25.15 -25.64 55.17
C LEU B 439 25.91 -24.85 56.24
N SER C 1 3.70 -17.79 -41.09
CA SER C 1 4.01 -16.34 -40.92
C SER C 1 4.69 -16.14 -39.57
N TYR C 2 5.87 -15.52 -39.56
CA TYR C 2 6.58 -15.22 -38.31
C TYR C 2 7.20 -13.82 -38.39
N ALA C 3 7.50 -13.24 -37.22
CA ALA C 3 8.09 -11.90 -37.14
C ALA C 3 9.46 -11.82 -37.82
N THR C 4 9.59 -10.86 -38.72
CA THR C 4 10.86 -10.53 -39.38
C THR C 4 11.50 -9.25 -38.78
N LYS C 5 10.66 -8.36 -38.26
CA LYS C 5 11.14 -7.15 -37.60
C LYS C 5 10.11 -6.73 -36.54
N ILE C 6 10.60 -6.30 -35.38
CA ILE C 6 9.74 -5.76 -34.32
C ILE C 6 10.36 -4.49 -33.76
N HIS C 7 9.64 -3.39 -33.83
CA HIS C 7 10.18 -2.10 -33.41
C HIS C 7 9.11 -1.31 -32.65
N ALA C 8 9.51 -0.78 -31.49
CA ALA C 8 8.64 0.05 -30.66
C ALA C 8 9.06 1.51 -30.67
N ARG C 9 8.09 2.39 -30.50
CA ARG C 9 8.30 3.82 -30.29
C ARG C 9 7.30 4.28 -29.24
N TYR C 10 7.51 5.48 -28.70
CA TYR C 10 6.45 6.12 -27.94
C TYR C 10 5.63 7.02 -28.89
N VAL C 11 4.33 7.10 -28.59
CA VAL C 11 3.42 8.05 -29.23
C VAL C 11 2.60 8.67 -28.09
N TYR C 12 1.76 9.65 -28.42
CA TYR C 12 0.96 10.32 -27.41
C TYR C 12 -0.45 9.78 -27.36
N ASP C 13 -0.93 9.51 -26.15
CA ASP C 13 -2.30 9.06 -25.94
C ASP C 13 -3.25 10.26 -25.90
N SER C 14 -4.53 9.98 -25.67
CA SER C 14 -5.56 11.01 -25.79
C SER C 14 -5.54 12.09 -24.70
N ARG C 15 -4.74 11.89 -23.64
CA ARG C 15 -4.50 12.91 -22.60
C ARG C 15 -3.20 13.66 -22.83
N GLY C 16 -2.49 13.32 -23.91
CA GLY C 16 -1.18 13.90 -24.18
C GLY C 16 -0.04 13.29 -23.36
N ASN C 17 -0.21 12.07 -22.86
CA ASN C 17 0.88 11.36 -22.19
C ASN C 17 1.45 10.24 -23.07
N PRO C 18 2.77 9.99 -22.97
CA PRO C 18 3.34 8.96 -23.81
C PRO C 18 2.81 7.56 -23.52
N THR C 19 2.77 6.76 -24.58
CA THR C 19 2.48 5.34 -24.47
C THR C 19 3.23 4.57 -25.55
N VAL C 20 3.19 3.25 -25.46
CA VAL C 20 3.99 2.38 -26.32
C VAL C 20 3.23 1.93 -27.56
N GLU C 21 3.88 2.11 -28.72
CA GLU C 21 3.40 1.63 -30.01
C GLU C 21 4.40 0.59 -30.54
N VAL C 22 3.89 -0.53 -31.03
CA VAL C 22 4.71 -1.61 -31.59
C VAL C 22 4.36 -1.82 -33.06
N ASP C 23 5.40 -1.82 -33.91
CA ASP C 23 5.30 -2.19 -35.33
C ASP C 23 5.90 -3.58 -35.47
N PHE C 24 5.05 -4.52 -35.92
CA PHE C 24 5.34 -5.95 -35.98
C PHE C 24 5.27 -6.31 -37.46
N THR C 25 6.42 -6.63 -38.06
CA THR C 25 6.50 -6.91 -39.50
C THR C 25 6.66 -8.41 -39.74
N THR C 26 5.89 -8.92 -40.70
CA THR C 26 6.00 -10.30 -41.21
C THR C 26 6.09 -10.22 -42.74
N ASP C 27 6.05 -11.39 -43.39
CA ASP C 27 5.97 -11.46 -44.85
C ASP C 27 4.71 -10.78 -45.43
N LYS C 28 3.67 -10.58 -44.61
CA LYS C 28 2.43 -9.89 -45.03
C LYS C 28 2.43 -8.37 -44.83
N GLY C 29 3.49 -7.81 -44.26
CA GLY C 29 3.61 -6.37 -44.08
C GLY C 29 3.74 -5.96 -42.62
N LEU C 30 3.45 -4.69 -42.35
CA LEU C 30 3.65 -4.09 -41.03
C LEU C 30 2.31 -4.00 -40.30
N PHE C 31 2.29 -4.46 -39.06
CA PHE C 31 1.08 -4.47 -38.22
C PHE C 31 1.36 -3.69 -36.96
N ARG C 32 0.50 -2.74 -36.67
CA ARG C 32 0.78 -1.79 -35.60
C ARG C 32 -0.24 -1.92 -34.48
N SER C 33 0.24 -1.92 -33.23
CA SER C 33 -0.65 -1.87 -32.07
C SER C 33 -0.17 -0.81 -31.10
N ILE C 34 -1.10 -0.19 -30.39
CA ILE C 34 -0.76 0.82 -29.40
C ILE C 34 -1.41 0.45 -28.07
N VAL C 35 -0.64 0.62 -26.99
CA VAL C 35 -1.05 0.23 -25.63
C VAL C 35 -1.80 1.42 -25.01
N PRO C 36 -3.00 1.19 -24.45
CA PRO C 36 -3.75 2.24 -23.79
C PRO C 36 -3.26 2.41 -22.35
N SER C 37 -3.81 3.39 -21.64
CA SER C 37 -3.38 3.68 -20.28
C SER C 37 -4.53 4.19 -19.43
N GLY C 38 -4.72 3.58 -18.26
CA GLY C 38 -5.74 4.02 -17.32
C GLY C 38 -5.33 5.17 -16.41
N ALA C 39 -6.35 5.82 -15.84
CA ALA C 39 -6.20 6.81 -14.77
C ALA C 39 -6.69 6.21 -13.45
N SER C 40 -7.91 5.67 -13.43
CA SER C 40 -8.41 4.98 -12.25
C SER C 40 -7.99 3.52 -12.34
N THR C 41 -6.70 3.28 -12.09
CA THR C 41 -6.14 1.95 -12.27
C THR C 41 -6.22 1.17 -10.97
N GLY C 42 -6.70 -0.06 -11.07
CA GLY C 42 -6.79 -0.95 -9.91
C GLY C 42 -5.40 -1.30 -9.41
N VAL C 43 -5.30 -1.47 -8.09
CA VAL C 43 -4.04 -1.85 -7.45
C VAL C 43 -3.53 -3.22 -7.92
N HIS C 44 -4.43 -4.10 -8.38
CA HIS C 44 -4.04 -5.43 -8.87
C HIS C 44 -3.74 -5.53 -10.38
N GLU C 45 -3.77 -4.40 -11.10
CA GLU C 45 -3.44 -4.40 -12.53
C GLU C 45 -1.98 -4.74 -12.74
N ALA C 46 -1.69 -5.40 -13.87
CA ALA C 46 -0.31 -5.66 -14.29
C ALA C 46 0.48 -4.35 -14.37
N LEU C 47 1.79 -4.41 -14.10
CA LEU C 47 2.61 -3.18 -14.07
C LEU C 47 2.61 -2.39 -15.37
N GLU C 48 2.28 -1.10 -15.27
CA GLU C 48 2.52 -0.16 -16.36
C GLU C 48 3.83 0.55 -16.05
N LEU C 49 4.85 0.28 -16.83
CA LEU C 49 6.20 0.78 -16.57
C LEU C 49 6.36 2.21 -17.09
N ARG C 50 6.67 3.14 -16.19
CA ARG C 50 6.93 4.54 -16.51
C ARG C 50 8.36 4.88 -16.09
N ASP C 51 8.94 5.89 -16.74
CA ASP C 51 10.35 6.22 -16.54
C ASP C 51 10.62 6.90 -15.19
N GLY C 52 9.70 7.74 -14.74
CA GLY C 52 9.86 8.49 -13.48
C GLY C 52 10.90 9.59 -13.52
N ASP C 53 11.29 10.03 -14.72
CA ASP C 53 12.21 11.16 -14.89
C ASP C 53 11.37 12.44 -14.89
N LYS C 54 11.40 13.17 -13.78
CA LYS C 54 10.53 14.33 -13.57
C LYS C 54 10.83 15.47 -14.54
N SER C 55 12.00 15.44 -15.18
CA SER C 55 12.37 16.45 -16.19
C SER C 55 11.76 16.18 -17.57
N LYS C 56 11.17 15.01 -17.79
CA LYS C 56 10.56 14.68 -19.09
C LYS C 56 9.17 14.10 -18.90
N TRP C 57 8.17 14.75 -19.53
CA TRP C 57 6.78 14.28 -19.50
C TRP C 57 6.23 14.13 -18.08
N LEU C 58 6.73 14.94 -17.16
CA LEU C 58 6.29 14.92 -15.76
C LEU C 58 6.48 13.53 -15.13
N GLY C 59 7.52 12.82 -15.56
CA GLY C 59 7.82 11.47 -15.06
C GLY C 59 7.05 10.33 -15.71
N LYS C 60 6.29 10.65 -16.76
CA LYS C 60 5.42 9.66 -17.42
C LYS C 60 5.98 9.13 -18.74
N GLY C 61 7.27 9.33 -19.00
CA GLY C 61 7.90 8.69 -20.15
C GLY C 61 7.74 7.18 -20.17
N VAL C 62 7.80 6.60 -21.36
CA VAL C 62 7.80 5.15 -21.53
C VAL C 62 9.05 4.69 -22.30
N LEU C 63 10.14 5.45 -22.19
CA LEU C 63 11.39 5.07 -22.86
C LEU C 63 11.90 3.70 -22.41
N LYS C 64 11.74 3.39 -21.12
CA LYS C 64 12.20 2.10 -20.59
C LYS C 64 11.40 0.95 -21.18
N ALA C 65 10.07 1.08 -21.23
CA ALA C 65 9.21 0.06 -21.83
C ALA C 65 9.52 -0.13 -23.31
N VAL C 66 9.70 0.98 -24.03
CA VAL C 66 10.07 0.95 -25.45
C VAL C 66 11.42 0.24 -25.64
N ALA C 67 12.39 0.55 -24.80
CA ALA C 67 13.68 -0.14 -24.85
C ALA C 67 13.54 -1.62 -24.53
N ASN C 68 12.67 -1.97 -23.59
CA ASN C 68 12.41 -3.39 -23.31
C ASN C 68 11.90 -4.13 -24.53
N VAL C 69 11.05 -3.49 -25.34
CA VAL C 69 10.62 -4.14 -26.59
C VAL C 69 11.80 -4.26 -27.57
N ASN C 70 12.50 -3.16 -27.79
CA ASN C 70 13.50 -3.10 -28.84
C ASN C 70 14.75 -3.90 -28.55
N ASP C 71 15.14 -3.95 -27.28
CA ASP C 71 16.43 -4.53 -26.89
C ASP C 71 16.33 -5.93 -26.29
N ILE C 72 15.16 -6.29 -25.75
CA ILE C 72 15.00 -7.59 -25.09
C ILE C 72 13.97 -8.44 -25.83
N ILE C 73 12.75 -7.94 -25.96
CA ILE C 73 11.67 -8.75 -26.53
C ILE C 73 11.88 -9.01 -28.02
N ALA C 74 12.18 -7.96 -28.79
CA ALA C 74 12.27 -8.08 -30.24
C ALA C 74 13.28 -9.14 -30.70
N PRO C 75 14.55 -9.04 -30.25
CA PRO C 75 15.52 -10.02 -30.76
C PRO C 75 15.22 -11.46 -30.30
N ALA C 76 14.74 -11.61 -29.08
CA ALA C 76 14.38 -12.94 -28.55
C ALA C 76 13.24 -13.56 -29.36
N LEU C 77 12.16 -12.81 -29.56
CA LEU C 77 11.02 -13.31 -30.32
C LEU C 77 11.37 -13.59 -31.79
N ILE C 78 12.12 -12.68 -32.41
CA ILE C 78 12.51 -12.85 -33.81
C ILE C 78 13.31 -14.16 -33.98
N LYS C 79 14.25 -14.41 -33.08
CA LYS C 79 15.04 -15.65 -33.09
C LYS C 79 14.13 -16.91 -33.03
N ALA C 80 13.05 -16.84 -32.25
CA ALA C 80 12.19 -18.00 -31.97
C ALA C 80 11.30 -18.43 -33.13
N LYS C 81 11.09 -17.54 -34.10
CA LYS C 81 10.35 -17.82 -35.33
C LYS C 81 8.99 -18.50 -35.05
N ILE C 82 8.22 -17.89 -34.16
CA ILE C 82 6.92 -18.43 -33.76
C ILE C 82 5.86 -18.05 -34.79
N ASP C 83 5.07 -19.04 -35.20
CA ASP C 83 3.93 -18.83 -36.10
C ASP C 83 2.95 -17.90 -35.38
N VAL C 84 2.71 -16.72 -35.96
CA VAL C 84 1.86 -15.70 -35.31
C VAL C 84 0.42 -16.16 -35.10
N VAL C 85 -0.05 -17.10 -35.93
CA VAL C 85 -1.38 -17.67 -35.78
C VAL C 85 -1.51 -18.40 -34.43
N ASP C 86 -0.40 -18.90 -33.89
CA ASP C 86 -0.37 -19.58 -32.58
C ASP C 86 -0.22 -18.53 -31.48
N GLN C 87 -1.30 -17.80 -31.23
CA GLN C 87 -1.29 -16.72 -30.23
C GLN C 87 -0.84 -17.21 -28.86
N ALA C 88 -1.27 -18.40 -28.47
CA ALA C 88 -0.92 -18.92 -27.15
C ALA C 88 0.59 -19.13 -27.04
N LYS C 89 1.23 -19.57 -28.12
CA LYS C 89 2.69 -19.78 -28.11
C LYS C 89 3.44 -18.44 -28.08
N ILE C 90 2.93 -17.46 -28.82
CA ILE C 90 3.48 -16.09 -28.78
C ILE C 90 3.46 -15.58 -27.34
N ASP C 91 2.28 -15.65 -26.72
CA ASP C 91 2.10 -15.12 -25.37
C ASP C 91 2.85 -15.91 -24.29
N GLU C 92 2.91 -17.23 -24.44
CA GLU C 92 3.75 -18.07 -23.57
C GLU C 92 5.21 -17.60 -23.63
N PHE C 93 5.70 -17.34 -24.85
CA PHE C 93 7.06 -16.86 -25.04
C PHE C 93 7.28 -15.52 -24.33
N LEU C 94 6.35 -14.59 -24.54
CA LEU C 94 6.46 -13.26 -23.92
C LEU C 94 6.47 -13.34 -22.39
N LEU C 95 5.62 -14.20 -21.84
CA LEU C 95 5.53 -14.39 -20.39
C LEU C 95 6.83 -14.97 -19.83
N SER C 96 7.47 -15.86 -20.59
CA SER C 96 8.74 -16.48 -20.18
C SER C 96 9.88 -15.46 -20.09
N LEU C 97 9.84 -14.42 -20.93
CA LEU C 97 10.85 -13.35 -20.89
C LEU C 97 10.76 -12.51 -19.62
N ASP C 98 9.56 -12.36 -19.09
CA ASP C 98 9.33 -11.52 -17.93
C ASP C 98 9.48 -12.32 -16.62
N GLY C 99 8.74 -13.41 -16.49
CA GLY C 99 8.91 -14.34 -15.35
C GLY C 99 8.21 -13.97 -14.05
N THR C 100 7.48 -12.85 -14.03
CA THR C 100 6.81 -12.37 -12.80
C THR C 100 5.30 -12.41 -12.98
N PRO C 101 4.54 -12.62 -11.87
CA PRO C 101 3.07 -12.68 -11.97
C PRO C 101 2.43 -11.39 -12.50
N ASN C 102 3.04 -10.25 -12.20
CA ASN C 102 2.45 -8.95 -12.55
C ASN C 102 3.20 -8.23 -13.68
N LYS C 103 4.06 -8.95 -14.40
CA LYS C 103 4.85 -8.40 -15.51
C LYS C 103 5.69 -7.18 -15.07
N SER C 104 6.26 -7.28 -13.86
CA SER C 104 7.00 -6.17 -13.26
C SER C 104 8.47 -6.12 -13.71
N LYS C 105 8.95 -7.13 -14.42
CA LYS C 105 10.31 -7.07 -14.97
C LYS C 105 10.38 -6.24 -16.25
N LEU C 106 9.47 -6.50 -17.20
CA LEU C 106 9.49 -5.81 -18.50
C LEU C 106 8.41 -4.74 -18.67
N GLY C 107 7.35 -4.87 -17.87
CA GLY C 107 6.17 -4.03 -17.99
C GLY C 107 5.11 -4.66 -18.88
N ALA C 108 3.86 -4.63 -18.43
CA ALA C 108 2.74 -5.04 -19.28
C ALA C 108 2.65 -4.17 -20.51
N ASN C 109 3.09 -2.91 -20.41
CA ASN C 109 3.04 -2.00 -21.56
C ASN C 109 4.14 -2.25 -22.61
N ALA C 110 5.13 -3.08 -22.26
CA ALA C 110 6.08 -3.62 -23.24
C ALA C 110 5.55 -4.91 -23.89
N ILE C 111 4.96 -5.79 -23.08
CA ILE C 111 4.49 -7.08 -23.57
C ILE C 111 3.23 -6.96 -24.45
N LEU C 112 2.26 -6.14 -24.04
CA LEU C 112 0.96 -6.15 -24.69
C LEU C 112 0.98 -5.75 -26.16
N GLY C 113 1.76 -4.72 -26.51
CA GLY C 113 1.80 -4.26 -27.90
C GLY C 113 2.26 -5.35 -28.85
N VAL C 114 3.21 -6.17 -28.38
CA VAL C 114 3.70 -7.29 -29.17
C VAL C 114 2.61 -8.37 -29.31
N SER C 115 1.95 -8.68 -28.19
CA SER C 115 0.85 -9.64 -28.17
C SER C 115 -0.27 -9.25 -29.15
N LEU C 116 -0.69 -7.98 -29.12
CA LEU C 116 -1.79 -7.51 -29.97
C LEU C 116 -1.39 -7.44 -31.46
N ALA C 117 -0.19 -6.94 -31.72
CA ALA C 117 0.29 -6.81 -33.10
C ALA C 117 0.42 -8.18 -33.78
N ALA C 118 0.84 -9.19 -33.00
CA ALA C 118 0.92 -10.56 -33.50
C ALA C 118 -0.45 -11.05 -33.98
N ALA C 119 -1.51 -10.77 -33.23
CA ALA C 119 -2.86 -11.16 -33.64
C ALA C 119 -3.28 -10.49 -34.96
N ASN C 120 -2.94 -9.21 -35.14
CA ASN C 120 -3.21 -8.50 -36.39
C ASN C 120 -2.48 -9.17 -37.55
N ALA C 121 -1.22 -9.54 -37.30
CA ALA C 121 -0.38 -10.22 -38.30
C ALA C 121 -0.94 -11.60 -38.65
N ALA C 122 -1.45 -12.31 -37.64
CA ALA C 122 -2.06 -13.64 -37.81
C ALA C 122 -3.30 -13.58 -38.68
N ALA C 123 -4.12 -12.55 -38.50
CA ALA C 123 -5.32 -12.38 -39.31
C ALA C 123 -4.94 -12.22 -40.79
N ALA C 124 -3.92 -11.40 -41.06
CA ALA C 124 -3.43 -11.18 -42.43
C ALA C 124 -2.84 -12.46 -43.02
N ALA C 125 -2.12 -13.23 -42.20
CA ALA C 125 -1.54 -14.51 -42.63
C ALA C 125 -2.60 -15.50 -43.12
N GLN C 126 -3.78 -15.46 -42.52
CA GLN C 126 -4.86 -16.37 -42.89
C GLN C 126 -5.85 -15.76 -43.89
N GLY C 127 -5.64 -14.49 -44.24
CA GLY C 127 -6.55 -13.76 -45.12
C GLY C 127 -7.94 -13.61 -44.56
N ILE C 128 -8.04 -13.38 -43.25
CA ILE C 128 -9.33 -13.22 -42.56
C ILE C 128 -9.29 -11.93 -41.73
N PRO C 129 -10.46 -11.31 -41.48
CA PRO C 129 -10.49 -10.14 -40.60
C PRO C 129 -10.09 -10.49 -39.17
N LEU C 130 -9.57 -9.50 -38.46
CA LEU C 130 -9.14 -9.72 -37.08
C LEU C 130 -10.26 -10.32 -36.19
N TYR C 131 -11.49 -9.84 -36.32
CA TYR C 131 -12.59 -10.37 -35.50
C TYR C 131 -12.82 -11.87 -35.72
N LYS C 132 -12.61 -12.36 -36.95
CA LYS C 132 -12.78 -13.80 -37.22
C LYS C 132 -11.61 -14.60 -36.60
N HIS C 133 -10.40 -14.08 -36.70
CA HIS C 133 -9.27 -14.73 -36.04
C HIS C 133 -9.49 -14.81 -34.52
N ILE C 134 -10.01 -13.74 -33.93
CA ILE C 134 -10.29 -13.72 -32.50
C ILE C 134 -11.39 -14.73 -32.15
N ALA C 135 -12.43 -14.80 -32.96
CA ALA C 135 -13.47 -15.80 -32.78
C ALA C 135 -12.88 -17.21 -32.79
N ASN C 136 -11.93 -17.46 -33.70
CA ASN C 136 -11.26 -18.77 -33.81
C ASN C 136 -10.44 -19.11 -32.56
N ILE C 137 -9.50 -18.24 -32.19
CA ILE C 137 -8.59 -18.53 -31.07
C ILE C 137 -9.29 -18.52 -29.70
N SER C 138 -10.47 -17.88 -29.63
CA SER C 138 -11.26 -17.81 -28.39
C SER C 138 -12.30 -18.92 -28.30
N ASN C 139 -12.44 -19.70 -29.38
CA ASN C 139 -13.41 -20.81 -29.43
C ASN C 139 -14.84 -20.29 -29.24
N ALA C 140 -15.13 -19.12 -29.83
CA ALA C 140 -16.47 -18.54 -29.82
C ALA C 140 -17.47 -19.51 -30.46
N LYS C 141 -18.70 -19.52 -29.95
CA LYS C 141 -19.78 -20.31 -30.52
C LYS C 141 -19.99 -19.92 -31.99
N LYS C 142 -20.26 -20.91 -32.83
CA LYS C 142 -20.40 -20.70 -34.27
C LYS C 142 -21.84 -20.33 -34.62
N GLY C 143 -22.00 -19.48 -35.63
CA GLY C 143 -23.30 -18.94 -35.99
C GLY C 143 -23.15 -17.52 -36.52
N LYS C 144 -24.15 -16.68 -36.30
CA LYS C 144 -24.06 -15.27 -36.71
C LYS C 144 -23.00 -14.59 -35.81
N PHE C 145 -22.28 -13.61 -36.35
CA PHE C 145 -21.45 -12.75 -35.50
C PHE C 145 -22.39 -11.82 -34.73
N VAL C 146 -22.07 -11.54 -33.47
CA VAL C 146 -22.86 -10.64 -32.65
C VAL C 146 -22.13 -9.31 -32.57
N LEU C 147 -22.83 -8.22 -32.92
CA LEU C 147 -22.30 -6.87 -32.77
C LEU C 147 -22.71 -6.34 -31.40
N PRO C 148 -21.79 -5.64 -30.72
CA PRO C 148 -22.04 -5.25 -29.34
C PRO C 148 -22.92 -4.01 -29.15
N VAL C 149 -23.66 -3.98 -28.05
CA VAL C 149 -24.31 -2.74 -27.60
C VAL C 149 -23.19 -1.77 -27.21
N PRO C 150 -23.19 -0.56 -27.80
CA PRO C 150 -22.20 0.43 -27.40
C PRO C 150 -22.66 1.15 -26.13
N PHE C 151 -21.97 0.88 -25.02
CA PHE C 151 -22.23 1.53 -23.74
C PHE C 151 -21.41 2.83 -23.72
N GLN C 152 -22.11 3.98 -23.81
CA GLN C 152 -21.49 5.26 -24.16
C GLN C 152 -21.48 6.19 -22.95
N ASN C 153 -20.27 6.50 -22.49
CA ASN C 153 -20.05 7.31 -21.29
C ASN C 153 -20.20 8.80 -21.61
N VAL C 154 -21.46 9.24 -21.59
CA VAL C 154 -21.86 10.55 -22.09
C VAL C 154 -21.79 11.64 -21.01
N LEU C 155 -21.61 11.27 -19.75
CA LEU C 155 -21.45 12.23 -18.65
C LEU C 155 -20.35 11.71 -17.72
N ASN C 156 -19.25 12.47 -17.65
CA ASN C 156 -18.02 12.03 -16.99
C ASN C 156 -17.86 12.71 -15.63
N GLY C 157 -17.36 11.94 -14.67
CA GLY C 157 -17.04 12.43 -13.33
C GLY C 157 -15.82 11.73 -12.79
N GLY C 158 -15.70 11.65 -11.47
CA GLY C 158 -14.59 10.97 -10.81
C GLY C 158 -13.26 11.53 -11.26
N SER C 159 -12.32 10.62 -11.50
CA SER C 159 -10.95 10.93 -11.88
C SER C 159 -10.80 11.33 -13.35
N HIS C 160 -11.91 11.36 -14.10
CA HIS C 160 -11.87 11.69 -15.54
C HIS C 160 -12.33 13.13 -15.84
N ALA C 161 -12.82 13.85 -14.85
CA ALA C 161 -13.30 15.21 -15.10
C ALA C 161 -13.22 16.03 -13.84
N GLY C 162 -12.88 17.31 -14.01
CA GLY C 162 -12.90 18.23 -12.91
C GLY C 162 -14.34 18.53 -12.55
N GLY C 163 -14.57 18.74 -11.26
CA GLY C 163 -15.90 19.02 -10.73
C GLY C 163 -16.16 18.09 -9.55
N ALA C 164 -17.33 18.20 -8.94
CA ALA C 164 -17.56 17.54 -7.66
C ALA C 164 -18.02 16.09 -7.81
N LEU C 165 -18.48 15.71 -9.00
CA LEU C 165 -19.14 14.41 -9.17
C LEU C 165 -18.20 13.24 -8.90
N ALA C 166 -18.50 12.42 -7.90
CA ALA C 166 -17.61 11.32 -7.50
C ALA C 166 -17.69 10.11 -8.42
N PHE C 167 -18.90 9.67 -8.79
CA PHE C 167 -19.04 8.51 -9.69
C PHE C 167 -18.38 8.84 -11.03
N GLN C 168 -17.68 7.86 -11.58
CA GLN C 168 -16.82 8.10 -12.73
C GLN C 168 -17.56 8.22 -14.08
N GLU C 169 -18.52 7.33 -14.32
CA GLU C 169 -19.11 7.21 -15.66
C GLU C 169 -20.62 7.02 -15.58
N PHE C 170 -21.34 7.80 -16.39
CA PHE C 170 -22.77 7.63 -16.62
C PHE C 170 -22.97 7.37 -18.11
N MET C 171 -23.44 6.16 -18.42
CA MET C 171 -23.49 5.65 -19.79
C MET C 171 -24.91 5.47 -20.27
N ILE C 172 -25.11 5.63 -21.57
CA ILE C 172 -26.34 5.20 -22.22
C ILE C 172 -26.06 3.91 -23.00
N ALA C 173 -27.07 3.05 -23.08
CA ALA C 173 -26.95 1.77 -23.79
C ALA C 173 -28.22 1.60 -24.64
N PRO C 174 -28.12 1.88 -25.94
CA PRO C 174 -29.29 1.85 -26.82
C PRO C 174 -29.61 0.42 -27.25
N THR C 175 -30.35 -0.25 -26.36
CA THR C 175 -30.68 -1.65 -26.50
C THR C 175 -31.97 -1.91 -27.29
N GLY C 176 -32.86 -0.92 -27.33
CA GLY C 176 -34.20 -1.09 -27.91
C GLY C 176 -34.27 -0.79 -29.40
N VAL C 177 -33.23 -1.14 -30.15
CA VAL C 177 -33.21 -1.00 -31.61
C VAL C 177 -32.62 -2.27 -32.20
N SER C 178 -32.83 -2.45 -33.50
CA SER C 178 -32.52 -3.73 -34.14
C SER C 178 -31.14 -3.79 -34.80
N THR C 179 -30.45 -2.66 -34.93
CA THR C 179 -29.12 -2.67 -35.56
C THR C 179 -28.11 -1.83 -34.80
N PHE C 180 -26.84 -2.19 -34.96
CA PHE C 180 -25.74 -1.41 -34.41
C PHE C 180 -25.72 0.01 -34.97
N SER C 181 -25.93 0.17 -36.28
CA SER C 181 -25.97 1.51 -36.88
C SER C 181 -27.02 2.39 -36.22
N GLU C 182 -28.18 1.83 -35.94
CA GLU C 182 -29.24 2.59 -35.29
C GLU C 182 -28.87 2.94 -33.86
N ALA C 183 -28.26 1.99 -33.15
CA ALA C 183 -27.79 2.22 -31.78
C ALA C 183 -26.80 3.39 -31.72
N LEU C 184 -25.88 3.44 -32.67
CA LEU C 184 -24.87 4.49 -32.67
C LEU C 184 -25.48 5.85 -33.06
N ARG C 185 -26.40 5.86 -34.01
CA ARG C 185 -27.12 7.10 -34.36
C ARG C 185 -27.90 7.64 -33.16
N ILE C 186 -28.68 6.78 -32.53
CA ILE C 186 -29.41 7.14 -31.31
C ILE C 186 -28.47 7.68 -30.24
N GLY C 187 -27.34 7.01 -30.03
CA GLY C 187 -26.33 7.46 -29.07
C GLY C 187 -25.87 8.86 -29.38
N SER C 188 -25.55 9.14 -30.65
CA SER C 188 -25.07 10.46 -31.04
C SER C 188 -26.17 11.51 -30.85
N GLU C 189 -27.42 11.18 -31.18
CA GLU C 189 -28.52 12.12 -31.00
C GLU C 189 -28.81 12.43 -29.53
N VAL C 190 -28.80 11.40 -28.69
CA VAL C 190 -29.01 11.61 -27.26
C VAL C 190 -27.84 12.45 -26.71
N TYR C 191 -26.62 12.16 -27.14
CA TYR C 191 -25.44 12.91 -26.68
C TYR C 191 -25.54 14.39 -27.02
N HIS C 192 -25.89 14.70 -28.26
CA HIS C 192 -26.05 16.10 -28.70
C HIS C 192 -27.16 16.81 -27.92
N ASN C 193 -28.28 16.13 -27.70
CA ASN C 193 -29.36 16.68 -26.87
C ASN C 193 -28.85 16.92 -25.46
N LEU C 194 -28.12 15.95 -24.93
CA LEU C 194 -27.53 16.08 -23.60
C LEU C 194 -26.60 17.29 -23.50
N LYS C 195 -25.75 17.49 -24.51
CA LYS C 195 -24.82 18.61 -24.49
C LYS C 195 -25.60 19.94 -24.41
N SER C 196 -26.64 20.05 -25.23
CA SER C 196 -27.48 21.25 -25.25
C SER C 196 -28.16 21.49 -23.90
N LEU C 197 -28.79 20.46 -23.36
CA LEU C 197 -29.47 20.52 -22.05
C LEU C 197 -28.51 20.85 -20.91
N THR C 198 -27.32 20.27 -20.95
CA THR C 198 -26.30 20.52 -19.93
C THR C 198 -25.84 21.99 -19.92
N LYS C 199 -25.61 22.56 -21.10
CA LYS C 199 -25.20 23.96 -21.22
C LYS C 199 -26.31 24.88 -20.74
N LYS C 200 -27.56 24.55 -21.08
CA LYS C 200 -28.72 25.36 -20.66
C LYS C 200 -28.89 25.38 -19.14
N LYS C 201 -28.62 24.26 -18.48
CA LYS C 201 -28.88 24.10 -17.06
C LYS C 201 -27.69 24.48 -16.19
N TYR C 202 -26.48 24.23 -16.70
CA TYR C 202 -25.26 24.38 -15.90
C TYR C 202 -24.22 25.36 -16.47
N GLY C 203 -24.49 25.93 -17.65
CA GLY C 203 -23.59 26.91 -18.28
C GLY C 203 -22.70 26.33 -19.38
N GLN C 204 -22.16 27.21 -20.23
CA GLN C 204 -21.37 26.80 -21.40
C GLN C 204 -20.23 25.84 -21.01
N SER C 205 -19.54 26.14 -19.91
CA SER C 205 -18.40 25.33 -19.41
C SER C 205 -18.78 23.88 -19.14
N ALA C 206 -20.00 23.68 -18.68
CA ALA C 206 -20.48 22.34 -18.33
C ALA C 206 -20.54 21.42 -19.55
N GLY C 207 -20.61 22.00 -20.74
CA GLY C 207 -20.64 21.26 -22.00
C GLY C 207 -19.26 20.87 -22.52
N ASN C 208 -18.19 21.40 -21.93
CA ASN C 208 -16.85 20.89 -22.19
C ASN C 208 -16.76 19.47 -21.68
N VAL C 209 -15.76 18.71 -22.12
CA VAL C 209 -15.80 17.27 -21.91
C VAL C 209 -14.72 16.76 -20.97
N GLY C 210 -15.03 15.65 -20.32
CA GLY C 210 -14.04 14.88 -19.58
C GLY C 210 -13.16 14.04 -20.50
N ASP C 211 -12.32 13.22 -19.87
CA ASP C 211 -11.31 12.44 -20.60
C ASP C 211 -11.92 11.49 -21.63
N GLU C 212 -13.15 11.03 -21.39
CA GLU C 212 -13.78 10.05 -22.28
C GLU C 212 -14.85 10.66 -23.20
N GLY C 213 -14.93 11.98 -23.26
CA GLY C 213 -15.79 12.66 -24.22
C GLY C 213 -17.17 12.99 -23.71
N GLY C 214 -17.46 12.61 -22.46
CA GLY C 214 -18.76 12.95 -21.86
C GLY C 214 -18.80 14.37 -21.35
N VAL C 215 -19.99 14.97 -21.31
CA VAL C 215 -20.10 16.30 -20.69
C VAL C 215 -19.71 16.21 -19.21
N ALA C 216 -19.26 17.32 -18.65
CA ALA C 216 -18.72 17.35 -17.29
C ALA C 216 -19.31 18.52 -16.48
N PRO C 217 -20.62 18.47 -16.20
CA PRO C 217 -21.21 19.45 -15.28
C PRO C 217 -20.66 19.29 -13.87
N ASP C 218 -20.45 20.42 -13.20
CA ASP C 218 -20.01 20.42 -11.79
C ASP C 218 -21.23 20.17 -10.90
N ILE C 219 -21.54 18.91 -10.68
CA ILE C 219 -22.69 18.49 -9.86
C ILE C 219 -22.24 17.49 -8.80
N LYS C 220 -23.01 17.41 -7.72
CA LYS C 220 -22.60 16.64 -6.55
C LYS C 220 -23.26 15.27 -6.46
N THR C 221 -24.40 15.08 -7.14
CA THR C 221 -25.20 13.87 -6.94
C THR C 221 -25.43 13.07 -8.22
N PRO C 222 -25.44 11.73 -8.10
CA PRO C 222 -25.83 10.87 -9.21
C PRO C 222 -27.23 11.21 -9.74
N LYS C 223 -28.15 11.61 -8.86
CA LYS C 223 -29.50 11.98 -9.30
C LYS C 223 -29.48 13.11 -10.35
N GLU C 224 -28.65 14.13 -10.13
CA GLU C 224 -28.54 15.24 -11.08
C GLU C 224 -28.05 14.76 -12.45
N ALA C 225 -27.10 13.84 -12.45
CA ALA C 225 -26.55 13.29 -13.69
C ALA C 225 -27.61 12.46 -14.41
N LEU C 226 -28.27 11.61 -13.66
CA LEU C 226 -29.28 10.70 -14.21
C LEU C 226 -30.50 11.45 -14.73
N ASP C 227 -30.92 12.50 -14.04
CA ASP C 227 -32.02 13.34 -14.51
C ASP C 227 -31.71 14.00 -15.86
N LEU C 228 -30.49 14.49 -15.98
CA LEU C 228 -30.01 15.12 -17.19
C LEU C 228 -30.09 14.12 -18.36
N ILE C 229 -29.57 12.92 -18.13
CA ILE C 229 -29.55 11.88 -19.15
C ILE C 229 -30.96 11.43 -19.55
N MET C 230 -31.83 11.24 -18.57
CA MET C 230 -33.22 10.87 -18.85
C MET C 230 -33.90 11.94 -19.72
N ASP C 231 -33.65 13.20 -19.42
CA ASP C 231 -34.21 14.33 -20.18
C ASP C 231 -33.68 14.32 -21.63
N ALA C 232 -32.38 14.08 -21.80
CA ALA C 232 -31.78 13.94 -23.13
C ALA C 232 -32.41 12.81 -23.94
N ILE C 233 -32.62 11.66 -23.29
CA ILE C 233 -33.22 10.50 -23.96
C ILE C 233 -34.62 10.86 -24.44
N ASP C 234 -35.40 11.48 -23.56
CA ASP C 234 -36.78 11.88 -23.84
C ASP C 234 -36.82 12.92 -24.97
N LYS C 235 -36.03 13.98 -24.83
CA LYS C 235 -36.02 15.08 -25.81
C LYS C 235 -35.52 14.65 -27.20
N ALA C 236 -34.59 13.69 -27.25
CA ALA C 236 -34.11 13.12 -28.51
C ALA C 236 -35.15 12.25 -29.22
N GLY C 237 -36.15 11.78 -28.45
CA GLY C 237 -37.27 10.99 -29.00
C GLY C 237 -37.15 9.50 -28.78
N TYR C 238 -36.34 9.07 -27.82
CA TYR C 238 -36.04 7.64 -27.63
C TYR C 238 -36.37 7.10 -26.24
N LYS C 239 -37.33 7.74 -25.56
CA LYS C 239 -37.84 7.24 -24.28
C LYS C 239 -38.19 5.76 -24.37
N GLY C 240 -37.67 4.98 -23.42
CA GLY C 240 -37.95 3.55 -23.31
C GLY C 240 -37.08 2.65 -24.17
N LYS C 241 -36.18 3.23 -24.95
CA LYS C 241 -35.32 2.46 -25.85
C LYS C 241 -33.87 2.48 -25.41
N VAL C 242 -33.57 3.22 -24.34
CA VAL C 242 -32.18 3.49 -23.95
C VAL C 242 -31.96 3.18 -22.48
N GLY C 243 -31.15 2.15 -22.20
CA GLY C 243 -30.80 1.81 -20.82
C GLY C 243 -29.70 2.73 -20.34
N ILE C 244 -29.50 2.74 -19.02
CA ILE C 244 -28.43 3.52 -18.39
C ILE C 244 -27.51 2.55 -17.66
N ALA C 245 -26.21 2.86 -17.66
CA ALA C 245 -25.26 2.09 -16.89
C ALA C 245 -24.34 3.06 -16.16
N MET C 246 -23.74 2.60 -15.08
CA MET C 246 -22.78 3.43 -14.33
C MET C 246 -21.49 2.66 -14.12
N ASP C 247 -20.37 3.37 -14.15
CA ASP C 247 -19.15 2.87 -13.54
C ASP C 247 -18.84 3.81 -12.40
N VAL C 248 -19.04 3.29 -11.19
CA VAL C 248 -18.83 4.05 -9.99
C VAL C 248 -17.34 4.28 -9.76
N ALA C 249 -16.52 3.28 -10.08
CA ALA C 249 -15.07 3.31 -9.81
C ALA C 249 -14.83 3.67 -8.33
N SER C 250 -15.52 2.93 -7.46
CA SER C 250 -15.64 3.28 -6.05
C SER C 250 -14.30 3.16 -5.31
N SER C 251 -13.36 2.37 -5.84
CA SER C 251 -12.02 2.32 -5.24
C SER C 251 -11.39 3.69 -5.18
N GLU C 252 -11.75 4.58 -6.12
CA GLU C 252 -11.17 5.93 -6.15
C GLU C 252 -11.58 6.79 -4.96
N PHE C 253 -12.64 6.40 -4.25
CA PHE C 253 -13.09 7.20 -3.12
C PHE C 253 -13.31 6.40 -1.83
N TYR C 254 -12.68 5.23 -1.76
CA TYR C 254 -12.73 4.35 -0.60
C TYR C 254 -11.61 4.70 0.39
N LYS C 255 -12.00 5.20 1.56
CA LYS C 255 -11.04 5.71 2.54
C LYS C 255 -11.51 5.36 3.95
N ASP C 256 -10.64 4.82 4.79
CA ASP C 256 -11.00 4.52 6.18
C ASP C 256 -12.22 3.58 6.24
N GLY C 257 -12.32 2.66 5.28
CA GLY C 257 -13.40 1.68 5.21
C GLY C 257 -14.75 2.24 4.80
N LYS C 258 -14.76 3.50 4.35
CA LYS C 258 -15.99 4.20 3.95
C LYS C 258 -15.81 4.82 2.56
N TYR C 259 -16.90 5.39 2.04
CA TYR C 259 -16.96 5.87 0.67
C TYR C 259 -17.30 7.36 0.64
N ASP C 260 -16.37 8.15 0.15
CA ASP C 260 -16.48 9.61 0.14
C ASP C 260 -17.04 10.11 -1.21
N LEU C 261 -18.34 10.41 -1.28
CA LEU C 261 -18.94 10.96 -2.50
C LEU C 261 -18.57 12.42 -2.77
N ASP C 262 -17.70 13.02 -1.96
CA ASP C 262 -17.17 14.35 -2.25
C ASP C 262 -15.64 14.28 -2.26
N PHE C 263 -15.08 13.22 -2.84
CA PHE C 263 -13.64 12.96 -2.70
C PHE C 263 -12.71 13.96 -3.39
N LYS C 264 -13.25 14.78 -4.30
CA LYS C 264 -12.42 15.77 -4.97
C LYS C 264 -12.40 17.10 -4.20
N ASN C 265 -13.17 17.16 -3.11
CA ASN C 265 -13.15 18.29 -2.18
C ASN C 265 -12.11 18.01 -1.09
N PRO C 266 -11.03 18.81 -1.05
CA PRO C 266 -10.00 18.57 -0.02
C PRO C 266 -10.51 18.78 1.41
N GLU C 267 -11.63 19.48 1.57
CA GLU C 267 -12.28 19.67 2.86
C GLU C 267 -13.53 18.79 3.03
N SER C 268 -13.56 17.65 2.34
CA SER C 268 -14.72 16.74 2.43
C SER C 268 -14.97 16.33 3.87
N ASP C 269 -16.23 16.38 4.29
CA ASP C 269 -16.62 16.15 5.68
C ASP C 269 -16.70 14.63 5.93
N PRO C 270 -15.77 14.07 6.72
CA PRO C 270 -15.74 12.61 6.92
C PRO C 270 -16.98 12.04 7.62
N SER C 271 -17.76 12.88 8.30
CA SER C 271 -19.03 12.44 8.89
C SER C 271 -20.10 12.13 7.83
N LYS C 272 -19.91 12.62 6.61
CA LYS C 272 -20.84 12.36 5.51
C LYS C 272 -20.39 11.19 4.60
N TRP C 273 -19.23 10.58 4.88
CA TRP C 273 -18.79 9.42 4.07
C TRP C 273 -19.73 8.24 4.35
N LEU C 274 -20.02 7.46 3.31
CA LEU C 274 -20.97 6.35 3.42
C LEU C 274 -20.32 5.03 3.78
N SER C 275 -20.97 4.26 4.63
CA SER C 275 -20.62 2.87 4.83
C SER C 275 -21.01 2.09 3.59
N GLY C 276 -20.47 0.88 3.46
CA GLY C 276 -20.87 -0.05 2.40
C GLY C 276 -22.37 -0.20 2.32
N PRO C 277 -23.02 -0.53 3.46
CA PRO C 277 -24.47 -0.67 3.48
C PRO C 277 -25.24 0.60 3.08
N GLN C 278 -24.74 1.78 3.46
CA GLN C 278 -25.37 3.03 3.03
C GLN C 278 -25.27 3.22 1.53
N LEU C 279 -24.11 2.92 0.97
CA LEU C 279 -23.90 3.06 -0.48
C LEU C 279 -24.74 2.04 -1.26
N ALA C 280 -24.81 0.80 -0.76
CA ALA C 280 -25.69 -0.23 -1.33
C ALA C 280 -27.13 0.26 -1.38
N ASP C 281 -27.60 0.90 -0.31
CA ASP C 281 -28.98 1.44 -0.28
C ASP C 281 -29.17 2.50 -1.36
N LEU C 282 -28.17 3.36 -1.55
CA LEU C 282 -28.24 4.38 -2.60
C LEU C 282 -28.42 3.71 -3.97
N TYR C 283 -27.63 2.66 -4.25
CA TYR C 283 -27.75 1.95 -5.52
C TYR C 283 -29.14 1.34 -5.70
N GLU C 284 -29.66 0.73 -4.64
CA GLU C 284 -30.96 0.05 -4.73
C GLU C 284 -32.05 1.07 -5.09
N GLN C 285 -31.95 2.25 -4.50
CA GLN C 285 -32.91 3.32 -4.81
C GLN C 285 -32.76 3.81 -6.25
N LEU C 286 -31.52 4.02 -6.69
CA LEU C 286 -31.27 4.48 -8.06
C LEU C 286 -31.75 3.47 -9.11
N ILE C 287 -31.55 2.18 -8.83
CA ILE C 287 -31.93 1.09 -9.73
C ILE C 287 -33.44 1.07 -9.92
N SER C 288 -34.17 1.44 -8.87
CA SER C 288 -35.62 1.54 -8.95
C SER C 288 -36.05 2.81 -9.71
N GLU C 289 -35.38 3.93 -9.43
CA GLU C 289 -35.77 5.25 -9.96
C GLU C 289 -35.45 5.45 -11.44
N TYR C 290 -34.43 4.74 -11.94
CA TYR C 290 -33.91 4.92 -13.30
C TYR C 290 -33.73 3.57 -13.99
N PRO C 291 -33.78 3.55 -15.32
CA PRO C 291 -33.63 2.29 -16.07
C PRO C 291 -32.16 1.87 -16.13
N ILE C 292 -31.58 1.66 -14.97
CA ILE C 292 -30.19 1.25 -14.87
C ILE C 292 -30.11 -0.26 -15.12
N VAL C 293 -29.31 -0.65 -16.12
CA VAL C 293 -29.20 -2.06 -16.53
C VAL C 293 -27.89 -2.71 -16.04
N SER C 294 -26.92 -1.87 -15.65
CA SER C 294 -25.59 -2.35 -15.30
C SER C 294 -24.90 -1.36 -14.36
N ILE C 295 -24.22 -1.88 -13.33
CA ILE C 295 -23.40 -1.05 -12.45
C ILE C 295 -22.04 -1.73 -12.30
N GLU C 296 -20.98 -0.95 -12.53
CA GLU C 296 -19.60 -1.40 -12.48
C GLU C 296 -18.87 -0.85 -11.26
N ASP C 297 -18.07 -1.70 -10.61
CA ASP C 297 -17.29 -1.35 -9.42
C ASP C 297 -18.09 -0.58 -8.36
N PRO C 298 -19.27 -1.12 -7.98
CA PRO C 298 -20.08 -0.49 -6.96
C PRO C 298 -19.38 -0.40 -5.60
N PHE C 299 -18.44 -1.31 -5.34
CA PHE C 299 -17.65 -1.32 -4.11
C PHE C 299 -16.18 -1.49 -4.45
N ALA C 300 -15.35 -1.25 -3.44
CA ALA C 300 -13.91 -1.18 -3.67
C ALA C 300 -13.32 -2.54 -4.04
N GLU C 301 -12.11 -2.48 -4.56
CA GLU C 301 -11.47 -3.59 -5.27
C GLU C 301 -11.22 -4.85 -4.42
N ASP C 302 -11.17 -4.71 -3.08
CA ASP C 302 -11.07 -5.85 -2.17
C ASP C 302 -12.16 -5.88 -1.10
N ASP C 303 -13.25 -5.14 -1.31
CA ASP C 303 -14.33 -5.08 -0.33
C ASP C 303 -15.35 -6.20 -0.64
N TRP C 304 -14.88 -7.44 -0.58
CA TRP C 304 -15.64 -8.62 -1.02
C TRP C 304 -17.00 -8.73 -0.33
N ASP C 305 -17.04 -8.52 0.99
CA ASP C 305 -18.30 -8.66 1.73
C ASP C 305 -19.39 -7.74 1.17
N ALA C 306 -19.02 -6.52 0.79
CA ALA C 306 -19.99 -5.56 0.25
C ALA C 306 -20.51 -6.01 -1.12
N TRP C 307 -19.60 -6.47 -1.98
CA TRP C 307 -20.03 -7.01 -3.29
C TRP C 307 -20.99 -8.20 -3.13
N VAL C 308 -20.62 -9.12 -2.23
CA VAL C 308 -21.40 -10.34 -2.00
C VAL C 308 -22.81 -10.00 -1.50
N HIS C 309 -22.91 -9.08 -0.54
CA HIS C 309 -24.22 -8.66 -0.01
C HIS C 309 -25.08 -7.99 -1.08
N PHE C 310 -24.46 -7.13 -1.89
CA PHE C 310 -25.17 -6.37 -2.91
C PHE C 310 -25.65 -7.31 -4.02
N PHE C 311 -24.82 -8.30 -4.34
CA PHE C 311 -25.17 -9.27 -5.35
C PHE C 311 -26.40 -10.07 -4.92
N GLU C 312 -26.45 -10.43 -3.63
CA GLU C 312 -27.61 -11.14 -3.07
C GLU C 312 -28.88 -10.32 -3.27
N ARG C 313 -28.75 -9.00 -3.14
CA ARG C 313 -29.88 -8.08 -3.22
C ARG C 313 -30.36 -7.87 -4.65
N VAL C 314 -29.44 -7.61 -5.58
CA VAL C 314 -29.84 -7.16 -6.93
C VAL C 314 -29.20 -7.86 -8.13
N GLY C 315 -28.42 -8.92 -7.88
CA GLY C 315 -27.77 -9.67 -8.94
C GLY C 315 -28.72 -10.21 -10.01
N ASP C 316 -29.97 -10.50 -9.65
CA ASP C 316 -30.99 -10.93 -10.62
C ASP C 316 -31.69 -9.77 -11.34
N LYS C 317 -31.44 -8.53 -10.91
CA LYS C 317 -32.11 -7.34 -11.47
C LYS C 317 -31.24 -6.56 -12.44
N ILE C 318 -29.93 -6.58 -12.20
CA ILE C 318 -28.98 -5.83 -13.02
C ILE C 318 -27.71 -6.61 -13.24
N GLN C 319 -26.97 -6.19 -14.26
CA GLN C 319 -25.61 -6.63 -14.46
C GLN C 319 -24.73 -5.92 -13.44
N ILE C 320 -23.85 -6.68 -12.79
CA ILE C 320 -22.90 -6.15 -11.80
C ILE C 320 -21.52 -6.52 -12.33
N VAL C 321 -20.76 -5.50 -12.72
CA VAL C 321 -19.51 -5.67 -13.47
C VAL C 321 -18.28 -5.46 -12.58
N GLY C 322 -17.39 -6.46 -12.54
CA GLY C 322 -16.07 -6.32 -11.93
C GLY C 322 -15.11 -5.63 -12.89
N ASP C 323 -14.40 -4.61 -12.41
CA ASP C 323 -13.34 -3.97 -13.20
C ASP C 323 -12.06 -4.01 -12.37
N ASP C 324 -11.96 -3.10 -11.39
CA ASP C 324 -10.84 -3.12 -10.46
C ASP C 324 -10.89 -4.38 -9.58
N LEU C 325 -12.10 -4.89 -9.31
CA LEU C 325 -12.26 -6.13 -8.56
C LEU C 325 -11.51 -7.29 -9.22
N THR C 326 -11.64 -7.40 -10.54
CA THR C 326 -11.24 -8.60 -11.29
C THR C 326 -9.94 -8.40 -12.09
N VAL C 327 -9.65 -7.15 -12.45
CA VAL C 327 -8.51 -6.75 -13.30
C VAL C 327 -8.17 -7.74 -14.43
N THR C 328 -9.22 -8.23 -15.11
CA THR C 328 -9.08 -9.12 -16.27
C THR C 328 -8.11 -10.28 -15.97
N ASN C 329 -8.18 -10.80 -14.75
CA ASN C 329 -7.20 -11.76 -14.24
C ASN C 329 -7.94 -13.01 -13.79
N PRO C 330 -7.74 -14.14 -14.48
CA PRO C 330 -8.38 -15.40 -14.12
C PRO C 330 -8.35 -15.77 -12.62
N THR C 331 -7.27 -15.43 -11.89
CA THR C 331 -7.22 -15.76 -10.46
C THR C 331 -8.25 -14.98 -9.63
N ARG C 332 -8.43 -13.70 -9.95
CA ARG C 332 -9.40 -12.85 -9.24
C ARG C 332 -10.82 -13.17 -9.69
N ILE C 333 -10.98 -13.49 -10.98
CA ILE C 333 -12.29 -13.84 -11.53
C ILE C 333 -12.79 -15.12 -10.86
N LYS C 334 -11.88 -16.09 -10.66
CA LYS C 334 -12.24 -17.34 -9.97
C LYS C 334 -12.79 -17.05 -8.56
N THR C 335 -12.11 -16.17 -7.82
CA THR C 335 -12.57 -15.75 -6.49
C THR C 335 -13.95 -15.08 -6.54
N ALA C 336 -14.13 -14.16 -7.48
CA ALA C 336 -15.41 -13.47 -7.64
C ALA C 336 -16.55 -14.44 -8.00
N ILE C 337 -16.26 -15.43 -8.86
CA ILE C 337 -17.26 -16.45 -9.23
C ILE C 337 -17.63 -17.26 -7.98
N GLU C 338 -16.63 -17.73 -7.26
CA GLU C 338 -16.83 -18.56 -6.07
C GLU C 338 -17.61 -17.84 -4.97
N LYS C 339 -17.32 -16.55 -4.78
CA LYS C 339 -17.98 -15.74 -3.74
C LYS C 339 -19.34 -15.22 -4.17
N LYS C 340 -19.66 -15.35 -5.45
CA LYS C 340 -20.88 -14.78 -6.05
C LYS C 340 -20.92 -13.26 -5.82
N ALA C 341 -19.84 -12.59 -6.21
CA ALA C 341 -19.68 -11.15 -6.00
C ALA C 341 -20.16 -10.30 -7.18
N ALA C 342 -20.23 -10.89 -8.37
CA ALA C 342 -20.58 -10.16 -9.59
C ALA C 342 -21.12 -11.15 -10.64
N ASN C 343 -21.61 -10.61 -11.76
CA ASN C 343 -22.03 -11.47 -12.87
C ASN C 343 -21.53 -10.97 -14.24
N ALA C 344 -20.50 -10.13 -14.25
CA ALA C 344 -19.91 -9.71 -15.51
C ALA C 344 -18.50 -9.22 -15.30
N LEU C 345 -17.69 -9.37 -16.36
CA LEU C 345 -16.30 -8.95 -16.38
C LEU C 345 -16.12 -7.76 -17.32
N LEU C 346 -15.42 -6.72 -16.85
CA LEU C 346 -14.92 -5.67 -17.73
C LEU C 346 -13.56 -6.12 -18.23
N LEU C 347 -13.48 -6.38 -19.53
CA LEU C 347 -12.30 -6.99 -20.13
C LEU C 347 -11.39 -5.90 -20.68
N LYS C 348 -10.25 -5.69 -20.01
CA LYS C 348 -9.26 -4.69 -20.38
C LYS C 348 -7.93 -5.41 -20.60
N VAL C 349 -7.55 -5.54 -21.86
CA VAL C 349 -6.34 -6.27 -22.20
C VAL C 349 -5.11 -5.77 -21.45
N ASN C 350 -5.01 -4.46 -21.17
CA ASN C 350 -3.82 -3.96 -20.49
C ASN C 350 -3.83 -4.12 -18.96
N GLN C 351 -4.93 -4.60 -18.39
CA GLN C 351 -4.94 -4.97 -16.96
C GLN C 351 -4.18 -6.27 -16.70
N ILE C 352 -4.11 -7.13 -17.71
CA ILE C 352 -3.45 -8.43 -17.58
C ILE C 352 -2.20 -8.55 -18.48
N GLY C 353 -2.22 -7.99 -19.68
CA GLY C 353 -0.99 -7.79 -20.46
C GLY C 353 -0.77 -8.67 -21.67
N THR C 354 -1.56 -9.72 -21.85
CA THR C 354 -1.54 -10.48 -23.11
C THR C 354 -2.94 -10.77 -23.59
N LEU C 355 -3.06 -10.96 -24.91
CA LEU C 355 -4.32 -11.37 -25.50
C LEU C 355 -4.76 -12.76 -25.01
N THR C 356 -3.86 -13.74 -24.94
CA THR C 356 -4.24 -15.09 -24.49
C THR C 356 -4.84 -15.07 -23.08
N GLU C 357 -4.22 -14.34 -22.15
CA GLU C 357 -4.73 -14.27 -20.79
C GLU C 357 -6.09 -13.56 -20.73
N SER C 358 -6.25 -12.54 -21.58
CA SER C 358 -7.52 -11.79 -21.68
C SER C 358 -8.63 -12.70 -22.18
N ILE C 359 -8.31 -13.51 -23.19
CA ILE C 359 -9.29 -14.45 -23.72
C ILE C 359 -9.62 -15.54 -22.68
N GLN C 360 -8.64 -16.01 -21.91
CA GLN C 360 -8.90 -16.95 -20.82
C GLN C 360 -9.86 -16.32 -19.80
N ALA C 361 -9.63 -15.05 -19.49
CA ALA C 361 -10.50 -14.32 -18.57
C ALA C 361 -11.93 -14.29 -19.10
N ALA C 362 -12.09 -14.00 -20.40
CA ALA C 362 -13.42 -13.98 -21.04
C ALA C 362 -14.10 -15.34 -20.95
N ASN C 363 -13.35 -16.39 -21.31
CA ASN C 363 -13.91 -17.74 -21.34
C ASN C 363 -14.26 -18.29 -19.93
N ASP C 364 -13.44 -17.97 -18.94
CA ASP C 364 -13.74 -18.32 -17.54
C ASP C 364 -15.05 -17.64 -17.11
N SER C 365 -15.22 -16.39 -17.54
CA SER C 365 -16.42 -15.63 -17.23
C SER C 365 -17.66 -16.26 -17.88
N TYR C 366 -17.55 -16.57 -19.17
CA TYR C 366 -18.66 -17.18 -19.92
C TYR C 366 -19.03 -18.55 -19.33
N ALA C 367 -18.03 -19.31 -18.90
CA ALA C 367 -18.24 -20.62 -18.30
C ALA C 367 -19.09 -20.54 -17.02
N ALA C 368 -18.95 -19.43 -16.30
CA ALA C 368 -19.72 -19.13 -15.08
C ALA C 368 -21.09 -18.48 -15.35
N GLY C 369 -21.43 -18.27 -16.63
CA GLY C 369 -22.67 -17.61 -17.03
C GLY C 369 -22.62 -16.09 -16.90
N TRP C 370 -21.42 -15.55 -16.68
CA TRP C 370 -21.21 -14.10 -16.64
C TRP C 370 -21.28 -13.46 -18.02
N GLY C 371 -21.59 -12.17 -18.04
CA GLY C 371 -21.41 -11.33 -19.22
C GLY C 371 -19.98 -10.84 -19.31
N VAL C 372 -19.59 -10.37 -20.49
CA VAL C 372 -18.29 -9.74 -20.70
C VAL C 372 -18.52 -8.44 -21.47
N MET C 373 -17.98 -7.34 -20.93
CA MET C 373 -17.99 -6.05 -21.61
C MET C 373 -16.56 -5.69 -21.97
N VAL C 374 -16.24 -5.65 -23.26
CA VAL C 374 -14.88 -5.32 -23.71
C VAL C 374 -14.72 -3.81 -23.59
N SER C 375 -13.56 -3.35 -23.12
CA SER C 375 -13.42 -1.95 -22.70
C SER C 375 -12.13 -1.28 -23.15
N HIS C 376 -12.26 0.02 -23.44
CA HIS C 376 -11.15 0.95 -23.56
C HIS C 376 -10.54 1.31 -22.20
N ARG C 377 -9.46 2.09 -22.21
CA ARG C 377 -9.02 2.86 -21.05
C ARG C 377 -9.33 4.34 -21.25
N SER C 378 -9.23 5.12 -20.19
CA SER C 378 -9.51 6.55 -20.30
C SER C 378 -8.41 7.28 -21.07
N GLY C 379 -7.21 6.69 -21.09
CA GLY C 379 -6.12 7.15 -21.96
C GLY C 379 -6.07 6.23 -23.16
N GLU C 380 -6.68 6.67 -24.26
CA GLU C 380 -6.81 5.85 -25.46
C GLU C 380 -6.01 6.41 -26.60
N THR C 381 -6.03 5.69 -27.72
CA THR C 381 -5.33 6.13 -28.90
C THR C 381 -6.18 5.86 -30.14
N GLU C 382 -5.59 6.13 -31.30
CA GLU C 382 -6.19 5.86 -32.60
C GLU C 382 -6.27 4.33 -32.92
N ASP C 383 -5.75 3.48 -32.04
CA ASP C 383 -5.82 2.01 -32.15
C ASP C 383 -7.27 1.54 -32.09
N THR C 384 -7.64 0.52 -32.87
CA THR C 384 -9.02 0.05 -32.88
C THR C 384 -9.19 -1.42 -32.50
N PHE C 385 -8.16 -2.00 -31.88
CA PHE C 385 -8.16 -3.44 -31.57
C PHE C 385 -9.46 -3.90 -30.87
N ILE C 386 -9.94 -3.13 -29.90
CA ILE C 386 -11.05 -3.59 -29.06
C ILE C 386 -12.36 -3.71 -29.83
N ALA C 387 -12.48 -3.03 -30.97
CA ALA C 387 -13.67 -3.18 -31.81
C ALA C 387 -13.75 -4.62 -32.29
N ASP C 388 -12.67 -5.09 -32.90
CA ASP C 388 -12.59 -6.47 -33.38
C ASP C 388 -12.64 -7.48 -32.24
N LEU C 389 -12.07 -7.12 -31.09
CA LEU C 389 -12.09 -8.01 -29.93
C LEU C 389 -13.52 -8.22 -29.43
N SER C 390 -14.29 -7.14 -29.33
CA SER C 390 -15.67 -7.21 -28.85
C SER C 390 -16.53 -8.08 -29.77
N VAL C 391 -16.35 -7.95 -31.08
CA VAL C 391 -17.09 -8.76 -32.05
C VAL C 391 -16.60 -10.21 -31.98
N GLY C 392 -15.28 -10.40 -32.06
CA GLY C 392 -14.69 -11.73 -32.04
C GLY C 392 -15.11 -12.56 -30.83
N LEU C 393 -15.13 -11.95 -29.65
CA LEU C 393 -15.50 -12.65 -28.41
C LEU C 393 -17.00 -12.83 -28.22
N ARG C 394 -17.78 -12.24 -29.13
CA ARG C 394 -19.23 -12.39 -29.10
C ARG C 394 -19.77 -11.83 -27.77
N SER C 395 -19.13 -10.77 -27.27
CA SER C 395 -19.48 -10.22 -25.95
C SER C 395 -20.86 -9.58 -25.92
N GLY C 396 -21.30 -8.99 -27.02
CA GLY C 396 -22.55 -8.25 -27.07
C GLY C 396 -22.50 -6.89 -26.38
N GLN C 397 -21.33 -6.47 -25.89
CA GLN C 397 -21.19 -5.23 -25.13
C GLN C 397 -19.78 -4.69 -25.26
N ILE C 398 -19.69 -3.41 -25.58
CA ILE C 398 -18.42 -2.71 -25.64
C ILE C 398 -18.60 -1.37 -24.93
N LYS C 399 -17.57 -0.97 -24.20
CA LYS C 399 -17.49 0.33 -23.57
C LYS C 399 -16.28 1.02 -24.19
N THR C 400 -16.50 2.03 -25.02
CA THR C 400 -15.38 2.71 -25.68
C THR C 400 -15.53 4.23 -25.77
N GLY C 401 -16.37 4.80 -24.90
CA GLY C 401 -16.49 6.25 -24.74
C GLY C 401 -17.81 6.84 -25.18
N ALA C 402 -17.98 8.13 -24.90
CA ALA C 402 -19.00 8.96 -25.53
C ALA C 402 -18.73 8.98 -27.03
N PRO C 403 -19.74 9.36 -27.83
CA PRO C 403 -19.54 9.56 -29.26
C PRO C 403 -18.90 10.94 -29.53
N ALA C 404 -17.82 11.22 -28.83
CA ALA C 404 -17.00 12.44 -29.01
C ALA C 404 -15.57 12.09 -28.62
N ARG C 405 -14.63 12.73 -29.32
CA ARG C 405 -13.17 12.48 -29.25
C ARG C 405 -12.86 11.24 -30.07
N SER C 406 -12.00 11.37 -31.08
CA SER C 406 -11.81 10.29 -32.06
C SER C 406 -11.09 9.03 -31.54
N GLU C 407 -10.44 9.09 -30.37
CA GLU C 407 -9.97 7.85 -29.75
C GLU C 407 -11.14 6.96 -29.31
N ARG C 408 -12.33 7.55 -29.22
CA ARG C 408 -13.57 6.79 -28.93
C ARG C 408 -14.24 6.43 -30.26
N LEU C 409 -14.47 7.41 -31.13
CA LEU C 409 -15.15 7.14 -32.40
C LEU C 409 -14.35 6.18 -33.26
N ALA C 410 -13.02 6.15 -33.16
CA ALA C 410 -12.27 5.25 -34.02
C ALA C 410 -12.74 3.80 -33.82
N LYS C 411 -13.07 3.43 -32.59
CA LYS C 411 -13.55 2.07 -32.31
C LYS C 411 -14.95 1.87 -32.86
N LEU C 412 -15.82 2.85 -32.65
CA LEU C 412 -17.21 2.76 -33.09
C LEU C 412 -17.29 2.73 -34.62
N ASN C 413 -16.44 3.55 -35.26
CA ASN C 413 -16.32 3.57 -36.71
C ASN C 413 -15.86 2.21 -37.23
N GLN C 414 -14.95 1.57 -36.51
CA GLN C 414 -14.47 0.24 -36.91
C GLN C 414 -15.59 -0.79 -36.84
N ILE C 415 -16.47 -0.71 -35.84
CA ILE C 415 -17.63 -1.61 -35.76
C ILE C 415 -18.62 -1.33 -36.91
N LEU C 416 -18.80 -0.06 -37.31
CA LEU C 416 -19.61 0.23 -38.50
C LEU C 416 -19.05 -0.48 -39.73
N ARG C 417 -17.73 -0.50 -39.87
CA ARG C 417 -17.09 -1.16 -41.00
C ARG C 417 -17.33 -2.66 -40.94
N ILE C 418 -17.24 -3.23 -39.75
CA ILE C 418 -17.47 -4.66 -39.52
C ILE C 418 -18.92 -5.02 -39.83
N GLU C 419 -19.84 -4.17 -39.37
CA GLU C 419 -21.28 -4.36 -39.61
C GLU C 419 -21.57 -4.41 -41.10
N GLU C 420 -20.98 -3.49 -41.84
CA GLU C 420 -21.18 -3.40 -43.28
C GLU C 420 -20.61 -4.62 -43.99
N GLU C 421 -19.42 -5.03 -43.56
CA GLU C 421 -18.73 -6.18 -44.13
C GLU C 421 -19.56 -7.46 -43.96
N LEU C 422 -20.13 -7.64 -42.77
CA LEU C 422 -20.84 -8.87 -42.43
C LEU C 422 -22.25 -8.96 -43.03
N GLY C 423 -22.92 -7.83 -43.17
CA GLY C 423 -24.32 -7.79 -43.60
C GLY C 423 -25.20 -8.72 -42.77
N SER C 424 -25.94 -9.63 -43.42
CA SER C 424 -26.85 -10.52 -42.71
C SER C 424 -26.12 -11.63 -41.92
N GLU C 425 -24.79 -11.68 -41.98
CA GLU C 425 -24.04 -12.64 -41.15
C GLU C 425 -23.79 -12.11 -39.73
N ALA C 426 -24.33 -10.92 -39.43
CA ALA C 426 -24.23 -10.34 -38.10
C ALA C 426 -25.61 -10.03 -37.52
N ILE C 427 -25.74 -10.17 -36.20
CA ILE C 427 -26.92 -9.70 -35.48
C ILE C 427 -26.46 -8.72 -34.41
N TYR C 428 -27.32 -7.77 -34.10
CA TYR C 428 -27.07 -6.80 -33.03
C TYR C 428 -27.54 -7.42 -31.71
N ALA C 429 -26.71 -7.37 -30.68
CA ALA C 429 -27.02 -8.00 -29.39
C ALA C 429 -28.29 -7.41 -28.76
N GLY C 430 -28.46 -6.09 -28.82
CA GLY C 430 -29.67 -5.41 -28.32
C GLY C 430 -29.99 -5.78 -26.88
N LYS C 431 -31.25 -6.17 -26.63
CA LYS C 431 -31.73 -6.55 -25.29
C LYS C 431 -30.96 -7.73 -24.68
N ASP C 432 -30.30 -8.53 -25.54
CA ASP C 432 -29.66 -9.80 -25.16
C ASP C 432 -28.17 -9.64 -24.80
N PHE C 433 -27.73 -8.41 -24.52
CA PHE C 433 -26.31 -8.13 -24.28
C PHE C 433 -25.68 -8.98 -23.17
N GLN C 434 -26.44 -9.24 -22.13
CA GLN C 434 -25.88 -9.86 -20.94
C GLN C 434 -25.42 -11.32 -21.17
N LYS C 435 -26.12 -12.04 -22.06
CA LYS C 435 -25.81 -13.44 -22.39
C LYS C 435 -25.55 -13.59 -23.89
N ALA C 436 -25.02 -12.54 -24.51
CA ALA C 436 -24.83 -12.51 -25.96
C ALA C 436 -23.94 -13.63 -26.48
N SER C 437 -22.98 -14.08 -25.68
CA SER C 437 -22.02 -15.09 -26.18
C SER C 437 -22.71 -16.43 -26.49
N GLN C 438 -23.91 -16.62 -25.93
CA GLN C 438 -24.70 -17.84 -26.12
C GLN C 438 -25.77 -17.70 -27.22
N LEU C 439 -25.90 -16.53 -27.83
CA LEU C 439 -26.93 -16.29 -28.85
C LEU C 439 -26.87 -17.31 -30.00
N SER D 1 -1.17 2.29 -61.62
CA SER D 1 -2.39 1.83 -60.87
C SER D 1 -3.57 2.71 -61.24
N TYR D 2 -4.72 2.08 -61.45
CA TYR D 2 -5.98 2.81 -61.54
C TYR D 2 -7.03 2.15 -60.64
N ALA D 3 -8.09 2.91 -60.37
CA ALA D 3 -9.18 2.48 -59.50
C ALA D 3 -9.85 1.23 -60.05
N THR D 4 -10.00 0.22 -59.19
CA THR D 4 -10.80 -0.95 -59.52
C THR D 4 -12.11 -0.97 -58.71
N LYS D 5 -12.11 -0.33 -57.53
CA LYS D 5 -13.32 -0.21 -56.70
C LYS D 5 -13.22 1.09 -55.91
N ILE D 6 -14.33 1.83 -55.84
CA ILE D 6 -14.42 3.01 -54.97
C ILE D 6 -15.74 2.92 -54.20
N HIS D 7 -15.64 2.94 -52.88
CA HIS D 7 -16.80 2.75 -52.02
C HIS D 7 -16.73 3.75 -50.85
N ALA D 8 -17.85 4.43 -50.61
CA ALA D 8 -17.96 5.37 -49.48
C ALA D 8 -18.92 4.86 -48.42
N ARG D 9 -18.67 5.31 -47.19
CA ARG D 9 -19.60 5.10 -46.07
C ARG D 9 -19.58 6.34 -45.20
N TYR D 10 -20.55 6.50 -44.32
CA TYR D 10 -20.45 7.51 -43.27
C TYR D 10 -19.79 6.87 -42.05
N VAL D 11 -19.00 7.69 -41.35
CA VAL D 11 -18.44 7.38 -40.04
C VAL D 11 -18.71 8.62 -39.18
N TYR D 12 -18.29 8.59 -37.91
CA TYR D 12 -18.48 9.72 -37.00
C TYR D 12 -17.20 10.50 -36.77
N ASP D 13 -17.33 11.82 -36.81
CA ASP D 13 -16.22 12.73 -36.51
C ASP D 13 -16.04 12.93 -35.00
N SER D 14 -15.07 13.75 -34.62
CA SER D 14 -14.68 13.93 -33.23
C SER D 14 -15.73 14.63 -32.36
N ARG D 15 -16.78 15.19 -32.98
CA ARG D 15 -17.89 15.81 -32.26
C ARG D 15 -19.16 14.96 -32.30
N GLY D 16 -19.08 13.78 -32.90
CA GLY D 16 -20.21 12.87 -32.98
C GLY D 16 -21.13 13.13 -34.14
N ASN D 17 -20.67 13.87 -35.16
CA ASN D 17 -21.46 14.09 -36.37
C ASN D 17 -20.95 13.21 -37.51
N PRO D 18 -21.87 12.73 -38.38
CA PRO D 18 -21.47 11.96 -39.55
C PRO D 18 -20.52 12.70 -40.48
N THR D 19 -19.58 11.97 -41.06
CA THR D 19 -18.78 12.49 -42.16
C THR D 19 -18.49 11.36 -43.15
N VAL D 20 -17.85 11.71 -44.27
CA VAL D 20 -17.64 10.78 -45.39
C VAL D 20 -16.27 10.11 -45.30
N GLU D 21 -16.27 8.78 -45.40
CA GLU D 21 -15.07 7.98 -45.54
C GLU D 21 -15.08 7.30 -46.90
N VAL D 22 -13.95 7.29 -47.58
CA VAL D 22 -13.82 6.66 -48.89
C VAL D 22 -12.72 5.59 -48.88
N ASP D 23 -13.11 4.40 -49.35
CA ASP D 23 -12.20 3.28 -49.62
C ASP D 23 -11.91 3.24 -51.12
N PHE D 24 -10.65 3.43 -51.49
CA PHE D 24 -10.19 3.49 -52.89
C PHE D 24 -9.26 2.29 -53.11
N THR D 25 -9.72 1.34 -53.93
CA THR D 25 -8.98 0.10 -54.20
C THR D 25 -8.32 0.14 -55.57
N THR D 26 -7.04 -0.21 -55.58
CA THR D 26 -6.28 -0.50 -56.80
C THR D 26 -5.68 -1.91 -56.69
N ASP D 27 -4.83 -2.29 -57.64
CA ASP D 27 -4.04 -3.53 -57.57
C ASP D 27 -3.10 -3.56 -56.35
N LYS D 28 -2.73 -2.38 -55.84
CA LYS D 28 -1.84 -2.24 -54.68
C LYS D 28 -2.57 -2.37 -53.33
N GLY D 29 -3.89 -2.45 -53.35
CA GLY D 29 -4.68 -2.69 -52.12
C GLY D 29 -5.74 -1.63 -51.89
N LEU D 30 -6.13 -1.47 -50.62
CA LEU D 30 -7.24 -0.57 -50.23
C LEU D 30 -6.71 0.63 -49.44
N PHE D 31 -7.11 1.83 -49.88
CA PHE D 31 -6.62 3.11 -49.38
C PHE D 31 -7.81 3.96 -48.94
N ARG D 32 -7.75 4.43 -47.70
CA ARG D 32 -8.90 5.04 -47.03
C ARG D 32 -8.60 6.49 -46.69
N SER D 33 -9.59 7.37 -46.89
CA SER D 33 -9.50 8.75 -46.45
C SER D 33 -10.82 9.10 -45.79
N ILE D 34 -10.74 9.94 -44.76
CA ILE D 34 -11.93 10.45 -44.10
C ILE D 34 -11.86 11.99 -44.18
N VAL D 35 -12.99 12.61 -44.52
CA VAL D 35 -13.12 14.06 -44.66
C VAL D 35 -13.48 14.65 -43.30
N PRO D 36 -12.82 15.76 -42.90
CA PRO D 36 -13.22 16.44 -41.66
C PRO D 36 -14.47 17.28 -41.91
N SER D 37 -15.10 17.83 -40.87
CA SER D 37 -16.37 18.50 -41.12
C SER D 37 -16.10 19.89 -41.67
N GLY D 38 -17.04 20.42 -42.44
CA GLY D 38 -16.84 21.68 -43.17
C GLY D 38 -17.99 22.65 -42.93
N ALA D 39 -18.46 23.27 -44.01
CA ALA D 39 -19.61 24.18 -43.98
C ALA D 39 -20.59 23.81 -45.10
N SER D 40 -21.87 23.72 -44.77
CA SER D 40 -22.92 23.40 -45.74
C SER D 40 -23.52 24.67 -46.38
N THR D 41 -23.22 25.84 -45.79
CA THR D 41 -23.52 27.16 -46.38
C THR D 41 -22.30 28.09 -46.19
N GLY D 42 -22.24 29.14 -47.01
CA GLY D 42 -21.09 30.07 -47.04
C GLY D 42 -20.95 30.62 -48.44
N VAL D 43 -20.39 31.82 -48.58
CA VAL D 43 -20.33 32.48 -49.90
C VAL D 43 -19.04 32.10 -50.66
N HIS D 44 -17.98 31.79 -49.93
CA HIS D 44 -16.63 31.64 -50.52
C HIS D 44 -16.02 30.24 -50.44
N GLU D 45 -16.61 29.34 -49.66
CA GLU D 45 -15.99 28.03 -49.45
C GLU D 45 -16.73 26.94 -50.22
N ALA D 46 -16.01 25.86 -50.53
CA ALA D 46 -16.65 24.67 -51.07
C ALA D 46 -17.64 24.14 -50.03
N LEU D 47 -18.83 23.75 -50.47
CA LEU D 47 -19.91 23.36 -49.53
C LEU D 47 -20.02 21.84 -49.40
N GLU D 48 -20.02 21.38 -48.15
CA GLU D 48 -20.29 19.98 -47.84
C GLU D 48 -21.79 19.77 -47.98
N LEU D 49 -22.17 18.58 -48.44
CA LEU D 49 -23.57 18.25 -48.59
C LEU D 49 -24.03 17.51 -47.32
N ARG D 50 -25.06 18.07 -46.67
CA ARG D 50 -25.74 17.45 -45.53
C ARG D 50 -27.16 17.09 -45.96
N ASP D 51 -27.72 16.04 -45.35
CA ASP D 51 -29.02 15.51 -45.75
C ASP D 51 -30.20 16.43 -45.37
N GLY D 52 -30.10 17.09 -44.22
CA GLY D 52 -31.19 17.96 -43.74
C GLY D 52 -32.46 17.23 -43.32
N ASP D 53 -32.36 15.93 -43.04
CA ASP D 53 -33.48 15.16 -42.48
C ASP D 53 -33.44 15.35 -40.96
N LYS D 54 -34.33 16.20 -40.43
CA LYS D 54 -34.29 16.56 -39.01
C LYS D 54 -34.50 15.34 -38.09
N SER D 55 -35.10 14.26 -38.61
CA SER D 55 -35.31 13.04 -37.81
C SER D 55 -34.06 12.15 -37.69
N LYS D 56 -32.99 12.47 -38.41
CA LYS D 56 -31.76 11.68 -38.39
C LYS D 56 -30.53 12.58 -38.21
N TRP D 57 -29.78 12.33 -37.14
CA TRP D 57 -28.56 13.12 -36.81
C TRP D 57 -28.82 14.63 -36.74
N LEU D 58 -30.01 15.03 -36.31
CA LEU D 58 -30.37 16.45 -36.23
C LEU D 58 -30.15 17.16 -37.57
N GLY D 59 -30.41 16.44 -38.67
CA GLY D 59 -30.28 16.96 -40.03
C GLY D 59 -28.88 16.95 -40.63
N LYS D 60 -27.93 16.33 -39.92
CA LYS D 60 -26.52 16.37 -40.28
C LYS D 60 -26.01 15.05 -40.93
N GLY D 61 -26.94 14.22 -41.39
CA GLY D 61 -26.58 13.01 -42.16
C GLY D 61 -25.77 13.35 -43.40
N VAL D 62 -24.93 12.42 -43.83
CA VAL D 62 -24.19 12.56 -45.10
C VAL D 62 -24.52 11.40 -46.05
N LEU D 63 -25.71 10.83 -45.92
CA LEU D 63 -26.13 9.74 -46.80
C LEU D 63 -26.14 10.16 -48.29
N LYS D 64 -26.56 11.40 -48.56
CA LYS D 64 -26.58 11.90 -49.95
C LYS D 64 -25.16 12.01 -50.53
N ALA D 65 -24.23 12.53 -49.74
CA ALA D 65 -22.83 12.65 -50.18
C ALA D 65 -22.22 11.27 -50.41
N VAL D 66 -22.48 10.35 -49.50
CA VAL D 66 -22.04 8.95 -49.63
C VAL D 66 -22.58 8.33 -50.92
N ALA D 67 -23.88 8.55 -51.18
CA ALA D 67 -24.53 8.04 -52.40
C ALA D 67 -23.93 8.67 -53.65
N ASN D 68 -23.60 9.96 -53.59
CA ASN D 68 -22.96 10.62 -54.72
C ASN D 68 -21.61 9.97 -55.05
N VAL D 69 -20.83 9.57 -54.03
CA VAL D 69 -19.60 8.82 -54.29
C VAL D 69 -19.90 7.45 -54.91
N ASN D 70 -20.78 6.69 -54.26
CA ASN D 70 -21.07 5.31 -54.66
C ASN D 70 -21.75 5.18 -56.02
N ASP D 71 -22.67 6.09 -56.33
CA ASP D 71 -23.55 5.95 -57.50
C ASP D 71 -23.19 6.85 -58.69
N ILE D 72 -22.37 7.89 -58.47
CA ILE D 72 -22.03 8.86 -59.52
C ILE D 72 -20.52 8.89 -59.73
N ILE D 73 -19.77 9.28 -58.70
CA ILE D 73 -18.32 9.47 -58.81
C ILE D 73 -17.56 8.17 -59.06
N ALA D 74 -17.85 7.13 -58.27
CA ALA D 74 -17.16 5.84 -58.39
C ALA D 74 -17.25 5.24 -59.80
N PRO D 75 -18.47 4.97 -60.31
CA PRO D 75 -18.51 4.36 -61.65
C PRO D 75 -17.88 5.23 -62.76
N ALA D 76 -18.11 6.54 -62.71
CA ALA D 76 -17.52 7.48 -63.69
C ALA D 76 -15.99 7.44 -63.66
N LEU D 77 -15.40 7.55 -62.47
CA LEU D 77 -13.93 7.56 -62.35
C LEU D 77 -13.29 6.22 -62.70
N ILE D 78 -13.93 5.12 -62.31
CA ILE D 78 -13.45 3.77 -62.66
C ILE D 78 -13.48 3.63 -64.18
N LYS D 79 -14.55 4.09 -64.84
CA LYS D 79 -14.66 4.03 -66.30
C LYS D 79 -13.58 4.84 -67.00
N ALA D 80 -13.15 5.95 -66.38
CA ALA D 80 -12.16 6.86 -66.98
C ALA D 80 -10.74 6.29 -67.01
N LYS D 81 -10.48 5.27 -66.19
CA LYS D 81 -9.17 4.59 -66.15
C LYS D 81 -7.99 5.57 -66.02
N ILE D 82 -8.07 6.49 -65.05
CA ILE D 82 -7.02 7.49 -64.84
C ILE D 82 -5.93 6.97 -63.89
N ASP D 83 -4.66 7.20 -64.25
CA ASP D 83 -3.51 6.81 -63.43
C ASP D 83 -3.53 7.63 -62.14
N VAL D 84 -3.55 6.96 -60.98
CA VAL D 84 -3.68 7.68 -59.70
C VAL D 84 -2.49 8.59 -59.38
N VAL D 85 -1.31 8.22 -59.89
CA VAL D 85 -0.10 9.04 -59.75
C VAL D 85 -0.31 10.45 -60.36
N ASP D 86 -1.23 10.56 -61.32
CA ASP D 86 -1.54 11.85 -61.97
C ASP D 86 -2.68 12.55 -61.23
N GLN D 87 -2.34 13.10 -60.06
CA GLN D 87 -3.31 13.71 -59.15
C GLN D 87 -4.08 14.82 -59.84
N ALA D 88 -3.38 15.64 -60.62
CA ALA D 88 -4.03 16.73 -61.36
C ALA D 88 -5.11 16.20 -62.31
N LYS D 89 -4.90 15.05 -62.94
CA LYS D 89 -5.91 14.46 -63.83
C LYS D 89 -7.08 13.87 -63.07
N ILE D 90 -6.81 13.23 -61.94
CA ILE D 90 -7.88 12.73 -61.07
C ILE D 90 -8.75 13.90 -60.64
N ASP D 91 -8.12 14.98 -60.17
CA ASP D 91 -8.88 16.11 -59.66
C ASP D 91 -9.59 16.87 -60.78
N GLU D 92 -8.95 16.99 -61.95
CA GLU D 92 -9.63 17.54 -63.13
C GLU D 92 -10.88 16.72 -63.44
N PHE D 93 -10.78 15.39 -63.39
CA PHE D 93 -11.95 14.55 -63.62
C PHE D 93 -13.06 14.78 -62.59
N LEU D 94 -12.71 14.85 -61.32
CA LEU D 94 -13.70 15.07 -60.26
C LEU D 94 -14.45 16.37 -60.47
N LEU D 95 -13.72 17.43 -60.80
CA LEU D 95 -14.33 18.75 -61.07
C LEU D 95 -15.27 18.72 -62.28
N SER D 96 -15.01 17.83 -63.24
CA SER D 96 -15.88 17.67 -64.42
C SER D 96 -17.27 17.12 -64.07
N LEU D 97 -17.37 16.42 -62.93
CA LEU D 97 -18.64 15.86 -62.45
C LEU D 97 -19.55 16.88 -61.75
N ASP D 98 -19.01 18.02 -61.35
CA ASP D 98 -19.78 19.05 -60.64
C ASP D 98 -19.45 20.44 -61.21
N GLY D 99 -20.42 21.01 -61.91
CA GLY D 99 -20.26 22.31 -62.57
C GLY D 99 -20.58 23.53 -61.72
N THR D 100 -21.04 23.34 -60.48
CA THR D 100 -21.20 24.49 -59.58
C THR D 100 -19.78 24.99 -59.25
N PRO D 101 -19.63 26.28 -58.86
CA PRO D 101 -18.30 26.78 -58.53
C PRO D 101 -17.84 26.42 -57.09
N ASN D 102 -18.75 25.89 -56.28
CA ASN D 102 -18.50 25.56 -54.87
C ASN D 102 -18.78 24.09 -54.51
N LYS D 103 -18.82 23.22 -55.52
CA LYS D 103 -18.97 21.78 -55.32
C LYS D 103 -20.29 21.41 -54.60
N SER D 104 -21.33 22.22 -54.77
CA SER D 104 -22.56 22.08 -53.97
C SER D 104 -23.58 21.07 -54.52
N LYS D 105 -23.38 20.56 -55.73
CA LYS D 105 -24.27 19.52 -56.30
C LYS D 105 -23.95 18.15 -55.69
N LEU D 106 -22.69 17.74 -55.86
CA LEU D 106 -22.20 16.46 -55.32
C LEU D 106 -21.69 16.55 -53.89
N GLY D 107 -21.19 17.72 -53.50
CA GLY D 107 -20.66 17.93 -52.15
C GLY D 107 -19.15 17.92 -52.13
N ALA D 108 -18.56 18.94 -51.51
CA ALA D 108 -17.12 18.99 -51.29
C ALA D 108 -16.67 17.78 -50.48
N ASN D 109 -17.56 17.25 -49.64
CA ASN D 109 -17.23 16.09 -48.80
C ASN D 109 -17.15 14.79 -49.63
N ALA D 110 -17.98 14.70 -50.67
CA ALA D 110 -17.94 13.57 -51.62
C ALA D 110 -16.67 13.63 -52.48
N ILE D 111 -16.39 14.81 -53.04
CA ILE D 111 -15.25 14.98 -53.94
C ILE D 111 -13.92 14.82 -53.22
N LEU D 112 -13.74 15.48 -52.08
CA LEU D 112 -12.46 15.45 -51.38
C LEU D 112 -12.09 14.05 -50.93
N GLY D 113 -13.08 13.26 -50.49
CA GLY D 113 -12.80 11.90 -50.03
C GLY D 113 -12.10 11.09 -51.11
N VAL D 114 -12.60 11.22 -52.34
CA VAL D 114 -12.02 10.52 -53.48
C VAL D 114 -10.63 11.10 -53.82
N SER D 115 -10.49 12.43 -53.83
CA SER D 115 -9.22 13.10 -54.15
C SER D 115 -8.08 12.64 -53.24
N LEU D 116 -8.35 12.59 -51.93
CA LEU D 116 -7.32 12.21 -50.95
C LEU D 116 -6.99 10.72 -50.99
N ALA D 117 -8.02 9.87 -51.11
CA ALA D 117 -7.83 8.41 -51.20
C ALA D 117 -6.95 8.08 -52.41
N ALA D 118 -7.17 8.79 -53.52
CA ALA D 118 -6.36 8.61 -54.72
C ALA D 118 -4.88 8.91 -54.45
N ALA D 119 -4.58 9.97 -53.70
CA ALA D 119 -3.19 10.30 -53.34
C ALA D 119 -2.52 9.22 -52.49
N ASN D 120 -3.25 8.63 -51.54
CA ASN D 120 -2.73 7.50 -50.77
C ASN D 120 -2.44 6.29 -51.68
N ALA D 121 -3.37 5.97 -52.57
CA ALA D 121 -3.18 4.90 -53.58
C ALA D 121 -1.93 5.16 -54.43
N ALA D 122 -1.77 6.41 -54.88
CA ALA D 122 -0.65 6.80 -55.72
C ALA D 122 0.71 6.62 -55.01
N ALA D 123 0.78 6.97 -53.73
CA ALA D 123 2.04 6.84 -52.98
C ALA D 123 2.49 5.38 -52.92
N ALA D 124 1.54 4.47 -52.68
CA ALA D 124 1.79 3.02 -52.65
C ALA D 124 2.23 2.49 -54.01
N ALA D 125 1.58 2.98 -55.07
CA ALA D 125 1.93 2.61 -56.45
C ALA D 125 3.40 2.89 -56.74
N GLN D 126 3.90 4.03 -56.24
CA GLN D 126 5.30 4.40 -56.42
C GLN D 126 6.25 3.81 -55.37
N GLY D 127 5.69 3.22 -54.33
CA GLY D 127 6.50 2.64 -53.26
C GLY D 127 7.20 3.71 -52.42
N ILE D 128 6.55 4.85 -52.25
CA ILE D 128 7.08 5.96 -51.45
C ILE D 128 6.06 6.37 -50.39
N PRO D 129 6.52 6.97 -49.27
CA PRO D 129 5.54 7.46 -48.31
C PRO D 129 4.75 8.63 -48.87
N LEU D 130 3.56 8.84 -48.34
CA LEU D 130 2.65 9.88 -48.82
C LEU D 130 3.29 11.28 -48.86
N TYR D 131 4.05 11.64 -47.83
CA TYR D 131 4.65 12.99 -47.78
C TYR D 131 5.62 13.20 -48.95
N LYS D 132 6.28 12.11 -49.37
CA LYS D 132 7.20 12.17 -50.52
C LYS D 132 6.43 12.38 -51.83
N HIS D 133 5.32 11.65 -52.02
CA HIS D 133 4.44 11.85 -53.18
C HIS D 133 3.91 13.30 -53.21
N ILE D 134 3.42 13.80 -52.08
CA ILE D 134 2.95 15.18 -52.01
C ILE D 134 4.06 16.20 -52.34
N ALA D 135 5.27 15.96 -51.82
CA ALA D 135 6.44 16.79 -52.15
C ALA D 135 6.72 16.78 -53.65
N ASN D 136 6.60 15.62 -54.28
CA ASN D 136 6.77 15.52 -55.73
C ASN D 136 5.73 16.33 -56.50
N ILE D 137 4.44 16.07 -56.24
CA ILE D 137 3.37 16.69 -57.02
C ILE D 137 3.18 18.17 -56.69
N SER D 138 3.77 18.63 -55.59
CA SER D 138 3.73 20.04 -55.22
C SER D 138 4.99 20.81 -55.65
N ASN D 139 5.93 20.10 -56.30
CA ASN D 139 7.21 20.69 -56.73
C ASN D 139 7.99 21.35 -55.59
N ALA D 140 7.89 20.77 -54.40
CA ALA D 140 8.60 21.26 -53.24
C ALA D 140 10.11 21.21 -53.48
N LYS D 141 10.82 22.15 -52.88
CA LYS D 141 12.29 22.20 -52.91
C LYS D 141 12.86 20.83 -52.55
N LYS D 142 13.77 20.32 -53.38
CA LYS D 142 14.48 19.08 -53.08
C LYS D 142 15.57 19.40 -52.05
N GLY D 143 15.69 18.55 -51.03
CA GLY D 143 16.67 18.73 -49.96
C GLY D 143 16.24 17.91 -48.74
N LYS D 144 16.58 18.39 -47.54
CA LYS D 144 16.07 17.78 -46.31
C LYS D 144 14.57 18.00 -46.27
N PHE D 145 13.81 17.08 -45.70
CA PHE D 145 12.39 17.32 -45.48
C PHE D 145 12.25 18.22 -44.27
N VAL D 146 11.21 19.05 -44.26
CA VAL D 146 11.01 20.01 -43.17
C VAL D 146 9.83 19.54 -42.31
N LEU D 147 10.08 19.37 -41.02
CA LEU D 147 9.02 19.01 -40.06
C LEU D 147 8.44 20.28 -39.46
N PRO D 148 7.10 20.34 -39.33
CA PRO D 148 6.42 21.58 -38.96
C PRO D 148 6.42 21.88 -37.46
N VAL D 149 6.46 23.17 -37.15
CA VAL D 149 6.20 23.67 -35.80
C VAL D 149 4.73 23.36 -35.53
N PRO D 150 4.44 22.67 -34.42
CA PRO D 150 3.03 22.47 -34.06
C PRO D 150 2.45 23.68 -33.31
N PHE D 151 1.46 24.34 -33.91
CA PHE D 151 0.75 25.47 -33.29
C PHE D 151 -0.40 24.85 -32.51
N GLN D 152 -0.23 24.81 -31.19
CA GLN D 152 -1.02 23.95 -30.31
C GLN D 152 -1.98 24.78 -29.49
N ASN D 153 -3.27 24.62 -29.80
CA ASN D 153 -4.26 25.35 -29.10
C ASN D 153 -4.15 24.91 -27.62
N VAL D 154 -4.16 25.84 -26.69
CA VAL D 154 -4.16 25.42 -25.28
C VAL D 154 -5.27 26.09 -24.48
N LEU D 155 -5.71 27.25 -24.97
CA LEU D 155 -6.62 28.11 -24.23
C LEU D 155 -7.57 28.77 -25.23
N ASN D 156 -8.87 28.75 -24.90
CA ASN D 156 -9.91 29.27 -25.79
C ASN D 156 -10.73 30.38 -25.17
N GLY D 157 -11.13 31.33 -26.00
CA GLY D 157 -12.01 32.43 -25.59
C GLY D 157 -13.05 32.68 -26.66
N GLY D 158 -13.52 33.91 -26.76
CA GLY D 158 -14.52 34.27 -27.76
C GLY D 158 -15.77 33.42 -27.63
N SER D 159 -16.23 32.89 -28.74
CA SER D 159 -17.42 32.02 -28.78
C SER D 159 -17.25 30.73 -27.96
N HIS D 160 -15.99 30.34 -27.72
CA HIS D 160 -15.66 29.05 -27.08
C HIS D 160 -15.60 29.10 -25.53
N ALA D 161 -15.84 30.25 -24.90
CA ALA D 161 -15.84 30.38 -23.44
C ALA D 161 -16.83 31.42 -22.94
N GLY D 162 -17.36 31.20 -21.73
CA GLY D 162 -17.93 32.27 -20.92
C GLY D 162 -16.78 33.19 -20.55
N GLY D 163 -17.05 34.23 -19.76
CA GLY D 163 -16.04 35.23 -19.50
C GLY D 163 -16.04 36.22 -20.65
N ALA D 164 -15.42 37.37 -20.42
CA ALA D 164 -15.49 38.48 -21.38
C ALA D 164 -14.50 38.32 -22.53
N LEU D 165 -13.45 37.51 -22.33
CA LEU D 165 -12.35 37.36 -23.31
C LEU D 165 -12.85 37.19 -24.75
N ALA D 166 -12.49 38.16 -25.60
CA ALA D 166 -12.99 38.23 -26.97
C ALA D 166 -12.21 37.37 -27.96
N PHE D 167 -10.90 37.25 -27.75
CA PHE D 167 -10.02 36.52 -28.68
C PHE D 167 -10.30 35.01 -28.59
N GLN D 168 -10.34 34.33 -29.73
CA GLN D 168 -10.83 32.96 -29.82
C GLN D 168 -9.84 31.86 -29.45
N GLU D 169 -8.62 31.89 -29.98
CA GLU D 169 -7.64 30.81 -29.73
C GLU D 169 -6.31 31.39 -29.27
N PHE D 170 -5.76 30.77 -28.23
CA PHE D 170 -4.38 31.02 -27.80
C PHE D 170 -3.61 29.72 -27.94
N MET D 171 -2.50 29.79 -28.68
CA MET D 171 -1.70 28.61 -29.01
C MET D 171 -0.28 28.81 -28.53
N ILE D 172 0.39 27.70 -28.23
CA ILE D 172 1.83 27.70 -28.00
C ILE D 172 2.51 27.14 -29.25
N ALA D 173 3.71 27.63 -29.52
CA ALA D 173 4.51 27.23 -30.67
C ALA D 173 5.95 27.01 -30.19
N PRO D 174 6.33 25.75 -29.92
CA PRO D 174 7.67 25.45 -29.38
C PRO D 174 8.76 25.52 -30.47
N THR D 175 9.14 26.74 -30.80
CA THR D 175 10.11 27.04 -31.85
C THR D 175 11.58 26.94 -31.38
N GLY D 176 11.82 27.09 -30.07
CA GLY D 176 13.18 27.24 -29.54
C GLY D 176 13.97 25.97 -29.27
N VAL D 177 13.71 24.92 -30.05
CA VAL D 177 14.38 23.63 -29.89
C VAL D 177 14.75 23.06 -31.26
N SER D 178 15.62 22.06 -31.27
CA SER D 178 16.25 21.62 -32.51
C SER D 178 15.52 20.47 -33.20
N THR D 179 14.62 19.79 -32.48
CA THR D 179 13.92 18.61 -33.03
C THR D 179 12.41 18.69 -32.81
N PHE D 180 11.68 18.05 -33.73
CA PHE D 180 10.22 17.98 -33.61
C PHE D 180 9.82 17.19 -32.35
N SER D 181 10.55 16.11 -32.05
CA SER D 181 10.28 15.32 -30.84
C SER D 181 10.39 16.17 -29.58
N GLU D 182 11.45 16.97 -29.47
CA GLU D 182 11.57 17.85 -28.32
C GLU D 182 10.44 18.89 -28.30
N ALA D 183 10.09 19.46 -29.46
CA ALA D 183 9.01 20.45 -29.54
C ALA D 183 7.69 19.90 -29.02
N LEU D 184 7.34 18.69 -29.47
CA LEU D 184 6.10 18.05 -29.05
C LEU D 184 6.11 17.69 -27.56
N ARG D 185 7.25 17.21 -27.04
CA ARG D 185 7.38 16.92 -25.61
C ARG D 185 7.14 18.19 -24.79
N ILE D 186 7.82 19.27 -25.16
CA ILE D 186 7.68 20.54 -24.44
C ILE D 186 6.24 21.02 -24.50
N GLY D 187 5.63 20.90 -25.68
CA GLY D 187 4.23 21.27 -25.88
C GLY D 187 3.32 20.53 -24.94
N SER D 188 3.52 19.22 -24.82
CA SER D 188 2.74 18.40 -23.89
C SER D 188 2.95 18.86 -22.44
N GLU D 189 4.20 19.13 -22.06
CA GLU D 189 4.51 19.55 -20.69
C GLU D 189 3.92 20.93 -20.35
N VAL D 190 4.00 21.88 -21.27
CA VAL D 190 3.43 23.20 -21.06
C VAL D 190 1.91 23.11 -20.96
N TYR D 191 1.29 22.32 -21.83
CA TYR D 191 -0.15 22.08 -21.78
C TYR D 191 -0.59 21.51 -20.42
N HIS D 192 0.11 20.49 -19.94
CA HIS D 192 -0.23 19.86 -18.66
C HIS D 192 -0.05 20.84 -17.52
N ASN D 193 1.02 21.62 -17.57
CA ASN D 193 1.23 22.67 -16.58
C ASN D 193 0.10 23.71 -16.62
N LEU D 194 -0.30 24.14 -17.83
CA LEU D 194 -1.42 25.08 -18.00
C LEU D 194 -2.72 24.52 -17.44
N LYS D 195 -2.99 23.24 -17.70
CA LYS D 195 -4.22 22.62 -17.22
C LYS D 195 -4.25 22.61 -15.67
N SER D 196 -3.12 22.24 -15.05
CA SER D 196 -2.99 22.27 -13.59
C SER D 196 -3.17 23.67 -13.00
N LEU D 197 -2.50 24.66 -13.58
CA LEU D 197 -2.60 26.06 -13.14
C LEU D 197 -4.02 26.60 -13.29
N THR D 198 -4.68 26.20 -14.38
CA THR D 198 -6.05 26.60 -14.65
C THR D 198 -7.00 26.04 -13.59
N LYS D 199 -6.82 24.76 -13.23
CA LYS D 199 -7.66 24.13 -12.23
C LYS D 199 -7.48 24.82 -10.88
N LYS D 200 -6.24 25.14 -10.52
CA LYS D 200 -5.93 25.85 -9.26
C LYS D 200 -6.58 27.22 -9.22
N LYS D 201 -6.42 28.01 -10.29
CA LYS D 201 -6.81 29.43 -10.30
C LYS D 201 -8.30 29.62 -10.55
N TYR D 202 -8.88 28.81 -11.44
CA TYR D 202 -10.29 28.97 -11.86
C TYR D 202 -11.22 27.88 -11.36
N GLY D 203 -10.67 26.83 -10.75
CA GLY D 203 -11.47 25.70 -10.23
C GLY D 203 -11.33 24.47 -11.11
N GLN D 204 -11.59 23.30 -10.54
CA GLN D 204 -11.37 22.02 -11.24
C GLN D 204 -12.16 21.88 -12.55
N SER D 205 -13.38 22.40 -12.61
CA SER D 205 -14.19 22.36 -13.85
C SER D 205 -13.55 23.04 -15.06
N ALA D 206 -12.77 24.09 -14.81
CA ALA D 206 -12.11 24.84 -15.86
C ALA D 206 -11.04 24.02 -16.58
N GLY D 207 -10.69 22.86 -16.03
CA GLY D 207 -9.78 21.92 -16.67
C GLY D 207 -10.39 21.03 -17.74
N ASN D 208 -11.71 21.02 -17.88
CA ASN D 208 -12.36 20.19 -18.90
C ASN D 208 -12.19 20.81 -20.28
N VAL D 209 -12.12 19.99 -21.33
CA VAL D 209 -11.60 20.46 -22.62
C VAL D 209 -12.67 20.76 -23.66
N GLY D 210 -12.32 21.68 -24.57
CA GLY D 210 -13.15 22.01 -25.71
C GLY D 210 -12.92 21.09 -26.89
N ASP D 211 -13.50 21.47 -28.04
CA ASP D 211 -13.49 20.63 -29.25
C ASP D 211 -12.08 20.28 -29.73
N GLU D 212 -11.13 21.20 -29.55
CA GLU D 212 -9.76 21.03 -30.04
C GLU D 212 -8.78 20.65 -28.92
N GLY D 213 -9.30 20.41 -27.71
CA GLY D 213 -8.50 19.91 -26.59
C GLY D 213 -7.98 20.97 -25.64
N GLY D 214 -8.23 22.24 -25.93
CA GLY D 214 -7.79 23.32 -25.05
C GLY D 214 -8.76 23.53 -23.89
N VAL D 215 -8.32 24.29 -22.89
CA VAL D 215 -9.18 24.68 -21.78
C VAL D 215 -9.87 26.01 -22.08
N ALA D 216 -10.96 26.29 -21.36
CA ALA D 216 -11.74 27.51 -21.57
C ALA D 216 -12.21 28.09 -20.23
N PRO D 217 -11.25 28.46 -19.36
CA PRO D 217 -11.62 29.16 -18.11
C PRO D 217 -12.30 30.50 -18.38
N ASP D 218 -13.09 31.00 -17.43
CA ASP D 218 -13.67 32.34 -17.55
C ASP D 218 -12.57 33.37 -17.37
N ILE D 219 -12.07 33.90 -18.48
CA ILE D 219 -10.97 34.88 -18.47
C ILE D 219 -11.53 36.23 -18.94
N LYS D 220 -11.07 37.32 -18.32
CA LYS D 220 -11.61 38.66 -18.60
C LYS D 220 -10.92 39.35 -19.80
N THR D 221 -9.59 39.24 -19.87
CA THR D 221 -8.79 40.06 -20.81
C THR D 221 -7.71 39.24 -21.53
N PRO D 222 -7.24 39.72 -22.70
CA PRO D 222 -6.10 39.06 -23.36
C PRO D 222 -4.84 38.95 -22.49
N LYS D 223 -4.51 40.00 -21.72
CA LYS D 223 -3.31 39.99 -20.87
C LYS D 223 -3.42 38.88 -19.80
N GLU D 224 -4.62 38.70 -19.26
CA GLU D 224 -4.88 37.60 -18.31
C GLU D 224 -4.60 36.24 -18.94
N ALA D 225 -5.07 36.04 -20.17
CA ALA D 225 -4.84 34.79 -20.92
C ALA D 225 -3.34 34.58 -21.21
N LEU D 226 -2.69 35.64 -21.69
CA LEU D 226 -1.27 35.58 -22.04
C LEU D 226 -0.39 35.36 -20.80
N ASP D 227 -0.73 36.02 -19.68
CA ASP D 227 0.03 35.82 -18.43
C ASP D 227 -0.07 34.37 -17.94
N LEU D 228 -1.25 33.78 -18.08
CA LEU D 228 -1.49 32.37 -17.74
C LEU D 228 -0.58 31.43 -18.55
N ILE D 229 -0.56 31.64 -19.85
CA ILE D 229 0.29 30.86 -20.76
C ILE D 229 1.77 31.07 -20.43
N MET D 230 2.16 32.31 -20.17
CA MET D 230 3.55 32.60 -19.82
C MET D 230 3.94 31.89 -18.52
N ASP D 231 3.01 31.86 -17.56
CA ASP D 231 3.22 31.18 -16.27
C ASP D 231 3.43 29.68 -16.51
N ALA D 232 2.61 29.08 -17.38
CA ALA D 232 2.71 27.66 -17.71
C ALA D 232 4.05 27.31 -18.38
N ILE D 233 4.48 28.12 -19.33
CA ILE D 233 5.78 27.94 -20.00
C ILE D 233 6.91 28.00 -18.98
N ASP D 234 6.85 28.95 -18.06
CA ASP D 234 7.88 29.14 -17.04
C ASP D 234 7.89 27.97 -16.05
N LYS D 235 6.72 27.61 -15.51
CA LYS D 235 6.62 26.51 -14.53
C LYS D 235 7.07 25.18 -15.14
N ALA D 236 6.79 24.98 -16.43
CA ALA D 236 7.19 23.77 -17.15
C ALA D 236 8.71 23.68 -17.33
N GLY D 237 9.37 24.84 -17.35
CA GLY D 237 10.83 24.93 -17.41
C GLY D 237 11.38 25.33 -18.76
N TYR D 238 10.58 26.01 -19.59
CA TYR D 238 10.96 26.33 -20.99
C TYR D 238 10.84 27.81 -21.32
N LYS D 239 10.98 28.66 -20.30
CA LYS D 239 11.04 30.11 -20.50
C LYS D 239 11.98 30.45 -21.66
N GLY D 240 11.50 31.28 -22.58
CA GLY D 240 12.26 31.73 -23.75
C GLY D 240 12.30 30.81 -24.95
N LYS D 241 11.66 29.64 -24.85
CA LYS D 241 11.72 28.61 -25.92
C LYS D 241 10.39 28.39 -26.62
N VAL D 242 9.33 29.04 -26.12
CA VAL D 242 7.98 28.80 -26.60
C VAL D 242 7.34 30.11 -27.06
N GLY D 243 7.06 30.21 -28.35
CA GLY D 243 6.29 31.34 -28.89
C GLY D 243 4.81 31.17 -28.60
N ILE D 244 4.07 32.27 -28.73
CA ILE D 244 2.61 32.27 -28.60
C ILE D 244 2.00 32.71 -29.93
N ALA D 245 0.93 32.03 -30.34
CA ALA D 245 0.14 32.46 -31.50
C ALA D 245 -1.30 32.68 -31.05
N MET D 246 -1.97 33.63 -31.68
CA MET D 246 -3.35 33.94 -31.40
C MET D 246 -4.18 33.75 -32.66
N ASP D 247 -5.41 33.28 -32.49
CA ASP D 247 -6.46 33.46 -33.48
C ASP D 247 -7.51 34.36 -32.86
N VAL D 248 -7.57 35.59 -33.34
CA VAL D 248 -8.46 36.58 -32.75
C VAL D 248 -9.90 36.31 -33.19
N ALA D 249 -10.07 35.82 -34.42
CA ALA D 249 -11.38 35.63 -35.06
C ALA D 249 -12.20 36.91 -34.88
N SER D 250 -11.64 38.04 -35.32
CA SER D 250 -12.21 39.35 -35.03
C SER D 250 -13.54 39.62 -35.75
N SER D 251 -13.84 38.89 -36.81
CA SER D 251 -15.16 39.00 -37.47
C SER D 251 -16.31 38.79 -36.47
N GLU D 252 -16.06 37.99 -35.44
CA GLU D 252 -17.06 37.71 -34.41
C GLU D 252 -17.46 38.94 -33.60
N PHE D 253 -16.61 39.95 -33.57
CA PHE D 253 -16.89 41.16 -32.77
C PHE D 253 -16.78 42.49 -33.55
N TYR D 254 -16.88 42.39 -34.88
CA TYR D 254 -16.88 43.55 -35.78
C TYR D 254 -18.30 44.08 -36.00
N LYS D 255 -18.54 45.31 -35.55
CA LYS D 255 -19.87 45.95 -35.66
C LYS D 255 -19.73 47.42 -36.04
N ASP D 256 -20.53 47.88 -37.00
CA ASP D 256 -20.60 49.30 -37.35
C ASP D 256 -19.20 49.87 -37.61
N GLY D 257 -18.34 49.07 -38.24
CA GLY D 257 -16.95 49.45 -38.52
C GLY D 257 -16.01 49.54 -37.33
N LYS D 258 -16.44 49.03 -36.17
CA LYS D 258 -15.62 49.03 -34.95
C LYS D 258 -15.54 47.64 -34.32
N TYR D 259 -14.66 47.49 -33.34
CA TYR D 259 -14.38 46.19 -32.72
C TYR D 259 -14.76 46.20 -31.23
N ASP D 260 -15.74 45.36 -30.88
CA ASP D 260 -16.29 45.29 -29.52
C ASP D 260 -15.61 44.17 -28.75
N LEU D 261 -14.63 44.52 -27.93
CA LEU D 261 -13.90 43.53 -27.12
C LEU D 261 -14.70 42.97 -25.94
N ASP D 262 -15.89 43.50 -25.71
CA ASP D 262 -16.81 42.95 -24.70
C ASP D 262 -18.07 42.42 -25.39
N PHE D 263 -17.90 41.77 -26.55
CA PHE D 263 -19.05 41.40 -27.40
C PHE D 263 -19.98 40.35 -26.79
N LYS D 264 -19.53 39.65 -25.75
CA LYS D 264 -20.36 38.65 -25.09
C LYS D 264 -21.28 39.29 -24.03
N ASN D 265 -21.10 40.59 -23.82
CA ASN D 265 -21.91 41.38 -22.90
C ASN D 265 -22.99 42.13 -23.69
N PRO D 266 -24.28 41.78 -23.47
CA PRO D 266 -25.35 42.49 -24.21
C PRO D 266 -25.48 43.99 -23.85
N GLU D 267 -24.91 44.40 -22.72
CA GLU D 267 -24.82 45.83 -22.32
C GLU D 267 -23.45 46.45 -22.70
N SER D 268 -22.73 45.85 -23.65
CA SER D 268 -21.40 46.37 -24.04
C SER D 268 -21.50 47.85 -24.40
N ASP D 269 -20.64 48.66 -23.79
CA ASP D 269 -20.64 50.12 -24.00
C ASP D 269 -20.00 50.46 -25.35
N PRO D 270 -20.78 50.96 -26.34
CA PRO D 270 -20.22 51.18 -27.68
C PRO D 270 -19.20 52.33 -27.77
N SER D 271 -19.15 53.18 -26.76
CA SER D 271 -18.10 54.21 -26.65
C SER D 271 -16.73 53.59 -26.39
N LYS D 272 -16.70 52.35 -25.90
CA LYS D 272 -15.47 51.61 -25.64
C LYS D 272 -15.09 50.65 -26.80
N TRP D 273 -15.91 50.57 -27.85
CA TRP D 273 -15.53 49.77 -29.04
C TRP D 273 -14.34 50.44 -29.71
N LEU D 274 -13.43 49.62 -30.24
CA LEU D 274 -12.18 50.13 -30.79
C LEU D 274 -12.31 50.35 -32.29
N SER D 275 -11.71 51.45 -32.76
CA SER D 275 -11.51 51.66 -34.17
C SER D 275 -10.41 50.71 -34.62
N GLY D 276 -10.29 50.49 -35.93
CA GLY D 276 -9.20 49.70 -36.49
C GLY D 276 -7.83 50.13 -35.98
N PRO D 277 -7.54 51.45 -36.00
CA PRO D 277 -6.26 51.90 -35.48
C PRO D 277 -6.06 51.60 -33.98
N GLN D 278 -7.11 51.75 -33.18
CA GLN D 278 -7.04 51.44 -31.76
C GLN D 278 -6.75 49.96 -31.48
N LEU D 279 -7.36 49.09 -32.28
CA LEU D 279 -7.12 47.65 -32.16
C LEU D 279 -5.69 47.32 -32.59
N ALA D 280 -5.21 47.94 -33.67
CA ALA D 280 -3.80 47.84 -34.06
C ALA D 280 -2.88 48.23 -32.91
N ASP D 281 -3.17 49.36 -32.25
CA ASP D 281 -2.41 49.79 -31.07
C ASP D 281 -2.39 48.72 -29.99
N LEU D 282 -3.53 48.08 -29.75
CA LEU D 282 -3.63 47.03 -28.74
C LEU D 282 -2.70 45.86 -29.09
N TYR D 283 -2.75 45.40 -30.34
CA TYR D 283 -1.88 44.30 -30.78
C TYR D 283 -0.41 44.68 -30.62
N GLU D 284 -0.06 45.90 -30.98
CA GLU D 284 1.32 46.35 -30.83
C GLU D 284 1.76 46.33 -29.38
N GLN D 285 0.86 46.68 -28.46
CA GLN D 285 1.17 46.61 -27.03
C GLN D 285 1.43 45.17 -26.60
N LEU D 286 0.57 44.25 -27.03
CA LEU D 286 0.73 42.83 -26.71
C LEU D 286 2.02 42.27 -27.31
N ILE D 287 2.30 42.61 -28.57
CA ILE D 287 3.54 42.21 -29.21
C ILE D 287 4.77 42.70 -28.42
N SER D 288 4.70 43.91 -27.86
CA SER D 288 5.82 44.44 -27.06
C SER D 288 6.02 43.73 -25.72
N GLU D 289 4.95 43.13 -25.21
CA GLU D 289 4.92 42.55 -23.87
C GLU D 289 5.12 41.02 -23.84
N TYR D 290 4.80 40.33 -24.94
CA TYR D 290 4.75 38.86 -25.01
C TYR D 290 5.37 38.34 -26.29
N PRO D 291 5.92 37.10 -26.27
CA PRO D 291 6.52 36.51 -27.47
C PRO D 291 5.48 35.99 -28.48
N ILE D 292 4.67 36.90 -29.00
CA ILE D 292 3.64 36.56 -29.99
C ILE D 292 4.30 36.51 -31.36
N VAL D 293 4.26 35.33 -31.98
CA VAL D 293 4.93 35.10 -33.28
C VAL D 293 3.98 35.08 -34.46
N SER D 294 2.68 34.96 -34.20
CA SER D 294 1.67 34.80 -35.24
C SER D 294 0.31 35.26 -34.71
N ILE D 295 -0.40 36.00 -35.56
CA ILE D 295 -1.77 36.42 -35.28
C ILE D 295 -2.67 36.13 -36.48
N GLU D 296 -3.75 35.39 -36.22
CA GLU D 296 -4.72 35.00 -37.24
C GLU D 296 -5.98 35.86 -37.11
N ASP D 297 -6.49 36.33 -38.26
CA ASP D 297 -7.70 37.16 -38.32
C ASP D 297 -7.73 38.34 -37.32
N PRO D 298 -6.66 39.16 -37.31
CA PRO D 298 -6.64 40.32 -36.40
C PRO D 298 -7.70 41.38 -36.73
N PHE D 299 -8.13 41.43 -37.99
CA PHE D 299 -9.22 42.29 -38.44
C PHE D 299 -10.27 41.47 -39.18
N ALA D 300 -11.44 42.06 -39.39
CA ALA D 300 -12.59 41.33 -39.89
C ALA D 300 -12.41 40.92 -41.34
N GLU D 301 -13.18 39.92 -41.75
CA GLU D 301 -12.99 39.22 -43.01
C GLU D 301 -13.17 40.08 -44.26
N ASP D 302 -13.88 41.20 -44.15
CA ASP D 302 -13.97 42.16 -45.27
C ASP D 302 -13.50 43.58 -44.90
N ASP D 303 -12.81 43.72 -43.76
CA ASP D 303 -12.22 45.00 -43.36
C ASP D 303 -10.77 45.08 -43.91
N TRP D 304 -10.69 45.05 -45.23
CA TRP D 304 -9.42 44.94 -45.93
C TRP D 304 -8.44 46.06 -45.58
N ASP D 305 -8.92 47.30 -45.52
CA ASP D 305 -8.01 48.43 -45.27
C ASP D 305 -7.32 48.28 -43.91
N ALA D 306 -8.06 47.86 -42.90
CA ALA D 306 -7.50 47.60 -41.58
C ALA D 306 -6.36 46.57 -41.60
N TRP D 307 -6.50 45.48 -42.35
CA TRP D 307 -5.40 44.52 -42.51
C TRP D 307 -4.18 45.16 -43.15
N VAL D 308 -4.41 45.89 -44.24
CA VAL D 308 -3.32 46.45 -45.03
C VAL D 308 -2.53 47.43 -44.16
N HIS D 309 -3.24 48.32 -43.46
CA HIS D 309 -2.58 49.28 -42.54
C HIS D 309 -1.80 48.56 -41.42
N PHE D 310 -2.43 47.55 -40.81
CA PHE D 310 -1.78 46.77 -39.76
C PHE D 310 -0.55 46.02 -40.29
N PHE D 311 -0.67 45.44 -41.48
CA PHE D 311 0.44 44.71 -42.06
C PHE D 311 1.67 45.62 -42.28
N GLU D 312 1.41 46.85 -42.73
CA GLU D 312 2.48 47.84 -42.91
C GLU D 312 3.18 48.15 -41.58
N ARG D 313 2.44 48.14 -40.47
CA ARG D 313 3.04 48.41 -39.15
C ARG D 313 3.87 47.25 -38.60
N VAL D 314 3.40 46.02 -38.78
CA VAL D 314 3.98 44.89 -38.04
C VAL D 314 4.44 43.71 -38.90
N GLY D 315 4.08 43.72 -40.18
CA GLY D 315 4.21 42.53 -41.04
C GLY D 315 5.63 42.05 -41.27
N ASP D 316 6.61 42.93 -41.08
CA ASP D 316 8.02 42.60 -41.28
C ASP D 316 8.61 41.80 -40.11
N LYS D 317 7.92 41.79 -38.98
CA LYS D 317 8.42 41.18 -37.74
C LYS D 317 7.53 40.07 -37.19
N ILE D 318 6.39 39.82 -37.81
CA ILE D 318 5.41 38.88 -37.26
C ILE D 318 4.65 38.20 -38.38
N GLN D 319 4.13 37.01 -38.13
CA GLN D 319 3.26 36.34 -39.09
C GLN D 319 1.82 36.80 -38.87
N ILE D 320 1.17 37.20 -39.96
CA ILE D 320 -0.25 37.56 -39.97
C ILE D 320 -1.00 36.60 -40.89
N VAL D 321 -1.97 35.87 -40.31
CA VAL D 321 -2.59 34.71 -40.95
C VAL D 321 -4.05 34.98 -41.31
N GLY D 322 -4.40 34.69 -42.57
CA GLY D 322 -5.79 34.73 -43.03
C GLY D 322 -6.47 33.40 -42.76
N ASP D 323 -7.68 33.46 -42.20
CA ASP D 323 -8.57 32.30 -42.05
C ASP D 323 -9.93 32.68 -42.63
N ASP D 324 -10.75 33.42 -41.87
CA ASP D 324 -11.99 34.00 -42.40
C ASP D 324 -11.70 34.95 -43.57
N LEU D 325 -10.53 35.60 -43.56
CA LEU D 325 -10.15 36.49 -44.67
C LEU D 325 -10.05 35.77 -46.01
N THR D 326 -9.46 34.58 -45.99
CA THR D 326 -9.02 33.89 -47.20
C THR D 326 -9.83 32.62 -47.53
N VAL D 327 -10.34 31.94 -46.50
CA VAL D 327 -11.17 30.71 -46.63
C VAL D 327 -10.66 29.73 -47.69
N THR D 328 -9.33 29.55 -47.74
CA THR D 328 -8.66 28.67 -48.72
C THR D 328 -9.26 28.87 -50.13
N ASN D 329 -9.58 30.11 -50.48
CA ASN D 329 -10.28 30.45 -51.72
C ASN D 329 -9.32 31.17 -52.68
N PRO D 330 -9.07 30.60 -53.87
CA PRO D 330 -8.05 31.17 -54.77
C PRO D 330 -8.17 32.66 -55.03
N THR D 331 -9.39 33.12 -55.26
CA THR D 331 -9.66 34.51 -55.62
C THR D 331 -9.43 35.42 -54.40
N ARG D 332 -9.88 34.99 -53.21
CA ARG D 332 -9.68 35.74 -51.96
C ARG D 332 -8.18 35.84 -51.65
N ILE D 333 -7.46 34.74 -51.87
CA ILE D 333 -6.02 34.69 -51.65
C ILE D 333 -5.29 35.66 -52.59
N LYS D 334 -5.67 35.64 -53.87
CA LYS D 334 -5.14 36.57 -54.88
C LYS D 334 -5.32 38.03 -54.41
N THR D 335 -6.52 38.36 -53.96
CA THR D 335 -6.84 39.69 -53.44
C THR D 335 -5.94 40.07 -52.25
N ALA D 336 -5.80 39.14 -51.31
CA ALA D 336 -5.04 39.41 -50.09
C ALA D 336 -3.55 39.60 -50.40
N ILE D 337 -3.04 38.86 -51.37
CA ILE D 337 -1.64 38.99 -51.80
C ILE D 337 -1.43 40.35 -52.45
N GLU D 338 -2.32 40.71 -53.37
CA GLU D 338 -2.17 41.96 -54.13
C GLU D 338 -2.34 43.19 -53.24
N LYS D 339 -3.26 43.11 -52.27
CA LYS D 339 -3.49 44.18 -51.28
C LYS D 339 -2.37 44.28 -50.24
N LYS D 340 -1.58 43.21 -50.08
CA LYS D 340 -0.58 43.13 -49.01
C LYS D 340 -1.27 43.14 -47.62
N ALA D 341 -2.32 42.33 -47.49
CA ALA D 341 -3.15 42.28 -46.27
C ALA D 341 -2.54 41.39 -45.18
N ALA D 342 -1.75 40.40 -45.59
CA ALA D 342 -1.26 39.39 -44.64
C ALA D 342 0.02 38.76 -45.20
N ASN D 343 0.61 37.80 -44.49
CA ASN D 343 1.76 37.06 -45.03
C ASN D 343 1.72 35.55 -44.76
N ALA D 344 0.52 35.02 -44.50
CA ALA D 344 0.32 33.59 -44.29
C ALA D 344 -1.14 33.20 -44.51
N LEU D 345 -1.30 31.95 -44.95
CA LEU D 345 -2.58 31.35 -45.31
C LEU D 345 -2.82 30.19 -44.36
N LEU D 346 -4.01 30.11 -43.76
CA LEU D 346 -4.46 28.87 -43.14
C LEU D 346 -4.97 27.97 -44.28
N LEU D 347 -4.41 26.77 -44.43
CA LEU D 347 -4.80 25.86 -45.50
C LEU D 347 -5.72 24.77 -44.96
N LYS D 348 -7.00 24.84 -45.32
CA LYS D 348 -7.99 23.83 -44.97
C LYS D 348 -8.44 23.12 -46.25
N VAL D 349 -7.94 21.89 -46.45
CA VAL D 349 -8.15 21.18 -47.71
C VAL D 349 -9.64 21.02 -48.02
N ASN D 350 -10.46 20.82 -46.99
CA ASN D 350 -11.89 20.61 -47.23
C ASN D 350 -12.67 21.91 -47.48
N GLN D 351 -12.00 23.06 -47.35
CA GLN D 351 -12.58 24.36 -47.73
C GLN D 351 -12.49 24.60 -49.23
N ILE D 352 -11.57 23.91 -49.90
CA ILE D 352 -11.41 24.06 -51.35
C ILE D 352 -11.86 22.78 -52.08
N GLY D 353 -11.50 21.61 -51.56
CA GLY D 353 -12.21 20.38 -51.95
C GLY D 353 -11.49 19.36 -52.81
N THR D 354 -10.30 19.70 -53.32
CA THR D 354 -9.41 18.71 -53.96
C THR D 354 -7.99 18.96 -53.50
N LEU D 355 -7.16 17.93 -53.55
CA LEU D 355 -5.75 18.07 -53.20
C LEU D 355 -5.00 18.99 -54.17
N THR D 356 -5.28 18.87 -55.47
CA THR D 356 -4.57 19.68 -56.45
C THR D 356 -4.83 21.16 -56.21
N GLU D 357 -6.10 21.53 -56.04
CA GLU D 357 -6.48 22.92 -55.76
C GLU D 357 -5.86 23.40 -54.43
N SER D 358 -5.80 22.52 -53.43
CA SER D 358 -5.15 22.87 -52.16
C SER D 358 -3.67 23.16 -52.37
N ILE D 359 -3.01 22.31 -53.15
CA ILE D 359 -1.57 22.49 -53.40
C ILE D 359 -1.35 23.77 -54.22
N GLN D 360 -2.28 24.09 -55.11
CA GLN D 360 -2.20 25.32 -55.92
C GLN D 360 -2.22 26.54 -55.01
N ALA D 361 -3.18 26.55 -54.07
CA ALA D 361 -3.32 27.63 -53.09
C ALA D 361 -2.04 27.81 -52.27
N ALA D 362 -1.44 26.70 -51.82
CA ALA D 362 -0.18 26.74 -51.08
C ALA D 362 0.97 27.33 -51.91
N ASN D 363 1.09 26.92 -53.16
CA ASN D 363 2.19 27.37 -54.02
C ASN D 363 2.04 28.84 -54.44
N ASP D 364 0.80 29.26 -54.67
CA ASP D 364 0.47 30.68 -54.91
C ASP D 364 0.84 31.55 -53.71
N SER D 365 0.60 31.03 -52.50
CA SER D 365 1.06 31.70 -51.26
C SER D 365 2.58 31.78 -51.21
N TYR D 366 3.26 30.66 -51.45
CA TYR D 366 4.72 30.63 -51.39
C TYR D 366 5.34 31.60 -52.42
N ALA D 367 4.75 31.65 -53.60
CA ALA D 367 5.21 32.52 -54.69
C ALA D 367 5.22 33.99 -54.26
N ALA D 368 4.27 34.35 -53.40
CA ALA D 368 4.17 35.69 -52.81
C ALA D 368 5.02 35.90 -51.55
N GLY D 369 5.78 34.88 -51.14
CA GLY D 369 6.59 34.93 -49.94
C GLY D 369 5.80 34.73 -48.65
N TRP D 370 4.56 34.24 -48.79
CA TRP D 370 3.70 33.93 -47.64
C TRP D 370 4.05 32.57 -47.04
N GLY D 371 3.76 32.43 -45.75
CA GLY D 371 3.76 31.14 -45.07
C GLY D 371 2.44 30.40 -45.28
N VAL D 372 2.45 29.10 -45.00
CA VAL D 372 1.24 28.26 -45.11
C VAL D 372 1.15 27.49 -43.80
N MET D 373 0.01 27.62 -43.12
CA MET D 373 -0.24 26.85 -41.90
C MET D 373 -1.32 25.83 -42.22
N VAL D 374 -0.92 24.57 -42.35
CA VAL D 374 -1.85 23.49 -42.66
C VAL D 374 -2.74 23.29 -41.43
N SER D 375 -4.05 23.25 -41.63
CA SER D 375 -5.01 23.30 -40.53
C SER D 375 -5.97 22.12 -40.41
N HIS D 376 -6.27 21.78 -39.16
CA HIS D 376 -7.40 20.91 -38.79
C HIS D 376 -8.73 21.66 -38.96
N ARG D 377 -9.84 20.94 -38.76
CA ARG D 377 -11.16 21.55 -38.60
C ARG D 377 -11.64 21.23 -37.19
N SER D 378 -12.74 21.88 -36.79
CA SER D 378 -13.31 21.62 -35.46
C SER D 378 -13.77 20.18 -35.32
N GLY D 379 -14.39 19.65 -36.37
CA GLY D 379 -14.82 18.24 -36.43
C GLY D 379 -13.76 17.47 -37.20
N GLU D 380 -12.85 16.84 -36.47
CA GLU D 380 -11.76 16.08 -37.09
C GLU D 380 -12.00 14.59 -36.96
N THR D 381 -11.06 13.79 -37.46
CA THR D 381 -11.16 12.34 -37.44
C THR D 381 -9.81 11.71 -37.13
N GLU D 382 -9.81 10.38 -37.07
CA GLU D 382 -8.59 9.58 -36.91
C GLU D 382 -7.68 9.61 -38.15
N ASP D 383 -8.16 10.19 -39.26
CA ASP D 383 -7.37 10.37 -40.47
C ASP D 383 -6.16 11.26 -40.23
N THR D 384 -5.01 10.93 -40.83
CA THR D 384 -3.76 11.67 -40.58
C THR D 384 -3.17 12.37 -41.82
N PHE D 385 -3.99 12.52 -42.86
CA PHE D 385 -3.52 13.10 -44.14
C PHE D 385 -2.77 14.42 -43.98
N ILE D 386 -3.29 15.32 -43.14
CA ILE D 386 -2.71 16.67 -43.03
C ILE D 386 -1.32 16.66 -42.40
N ALA D 387 -0.96 15.60 -41.67
CA ALA D 387 0.42 15.45 -41.17
C ALA D 387 1.38 15.32 -42.35
N ASP D 388 1.12 14.35 -43.21
CA ASP D 388 1.91 14.14 -44.43
C ASP D 388 1.86 15.35 -45.35
N LEU D 389 0.70 16.01 -45.40
CA LEU D 389 0.54 17.22 -46.21
C LEU D 389 1.44 18.35 -45.72
N SER D 390 1.52 18.56 -44.41
CA SER D 390 2.36 19.62 -43.86
C SER D 390 3.83 19.35 -44.16
N VAL D 391 4.23 18.09 -44.12
CA VAL D 391 5.61 17.71 -44.41
C VAL D 391 5.88 17.84 -45.90
N GLY D 392 5.03 17.21 -46.71
CA GLY D 392 5.15 17.23 -48.19
C GLY D 392 5.26 18.64 -48.75
N LEU D 393 4.38 19.54 -48.28
CA LEU D 393 4.37 20.94 -48.73
C LEU D 393 5.49 21.81 -48.16
N ARG D 394 6.25 21.29 -47.19
CA ARG D 394 7.38 21.99 -46.63
C ARG D 394 6.93 23.27 -45.89
N SER D 395 5.71 23.23 -45.35
CA SER D 395 5.07 24.41 -44.76
C SER D 395 5.77 24.89 -43.49
N GLY D 396 6.38 23.95 -42.76
CA GLY D 396 6.99 24.24 -41.47
C GLY D 396 6.00 24.64 -40.38
N GLN D 397 4.70 24.54 -40.65
CA GLN D 397 3.64 24.92 -39.69
C GLN D 397 2.45 24.00 -39.82
N ILE D 398 1.98 23.50 -38.69
CA ILE D 398 0.71 22.78 -38.63
C ILE D 398 -0.09 23.25 -37.41
N LYS D 399 -1.39 23.45 -37.60
CA LYS D 399 -2.33 23.75 -36.51
C LYS D 399 -3.26 22.56 -36.45
N THR D 400 -3.06 21.66 -35.49
CA THR D 400 -3.88 20.44 -35.42
C THR D 400 -4.34 20.12 -34.01
N GLY D 401 -4.46 21.18 -33.19
CA GLY D 401 -5.09 21.06 -31.87
C GLY D 401 -4.13 21.11 -30.70
N ALA D 402 -4.71 21.09 -29.50
CA ALA D 402 -3.95 20.89 -28.27
C ALA D 402 -3.40 19.47 -28.27
N PRO D 403 -2.42 19.18 -27.38
CA PRO D 403 -1.95 17.80 -27.28
C PRO D 403 -2.90 16.97 -26.39
N ALA D 404 -4.17 16.95 -26.78
CA ALA D 404 -5.19 16.11 -26.15
C ALA D 404 -6.30 15.88 -27.16
N ARG D 405 -6.94 14.70 -27.07
CA ARG D 405 -7.93 14.18 -28.02
C ARG D 405 -7.22 13.60 -29.24
N SER D 406 -7.46 12.33 -29.52
CA SER D 406 -6.65 11.63 -30.51
C SER D 406 -6.90 12.06 -31.96
N GLU D 407 -8.00 12.77 -32.24
CA GLU D 407 -8.14 13.38 -33.57
C GLU D 407 -7.10 14.49 -33.78
N ARG D 408 -6.53 14.98 -32.66
CA ARG D 408 -5.47 15.98 -32.69
C ARG D 408 -4.12 15.24 -32.65
N LEU D 409 -3.93 14.38 -31.65
CA LEU D 409 -2.66 13.65 -31.48
C LEU D 409 -2.33 12.71 -32.63
N ALA D 410 -3.35 12.16 -33.30
CA ALA D 410 -3.08 11.20 -34.40
C ALA D 410 -2.17 11.83 -35.45
N LYS D 411 -2.38 13.13 -35.70
CA LYS D 411 -1.56 13.87 -36.67
C LYS D 411 -0.13 14.02 -36.16
N LEU D 412 -0.01 14.42 -34.90
CA LEU D 412 1.29 14.69 -34.29
C LEU D 412 2.06 13.38 -34.13
N ASN D 413 1.35 12.29 -33.81
CA ASN D 413 1.98 10.97 -33.78
C ASN D 413 2.52 10.56 -35.14
N GLN D 414 1.79 10.91 -36.20
CA GLN D 414 2.22 10.56 -37.55
C GLN D 414 3.50 11.32 -37.91
N ILE D 415 3.60 12.57 -37.46
CA ILE D 415 4.85 13.35 -37.65
C ILE D 415 6.02 12.72 -36.87
N LEU D 416 5.78 12.22 -35.66
CA LEU D 416 6.81 11.43 -34.95
C LEU D 416 7.32 10.24 -35.78
N ARG D 417 6.39 9.54 -36.42
CA ARG D 417 6.74 8.37 -37.26
C ARG D 417 7.56 8.82 -38.47
N ILE D 418 7.15 9.93 -39.08
CA ILE D 418 7.86 10.49 -40.23
C ILE D 418 9.27 10.95 -39.83
N GLU D 419 9.36 11.64 -38.69
CA GLU D 419 10.65 12.06 -38.11
C GLU D 419 11.61 10.88 -37.93
N GLU D 420 11.11 9.79 -37.35
CA GLU D 420 11.95 8.63 -37.09
C GLU D 420 12.44 7.99 -38.39
N GLU D 421 11.53 7.85 -39.37
CA GLU D 421 11.81 7.29 -40.68
C GLU D 421 12.92 8.09 -41.40
N LEU D 422 12.80 9.41 -41.35
CA LEU D 422 13.72 10.30 -42.07
C LEU D 422 15.10 10.43 -41.44
N GLY D 423 15.17 10.33 -40.11
CA GLY D 423 16.43 10.51 -39.37
C GLY D 423 17.14 11.81 -39.74
N SER D 424 18.41 11.73 -40.09
CA SER D 424 19.20 12.91 -40.47
C SER D 424 18.71 13.65 -41.73
N GLU D 425 17.77 13.07 -42.48
CA GLU D 425 17.23 13.73 -43.68
C GLU D 425 16.02 14.65 -43.40
N ALA D 426 15.73 14.88 -42.13
CA ALA D 426 14.70 15.84 -41.73
C ALA D 426 15.31 16.95 -40.89
N ILE D 427 14.79 18.17 -41.04
CA ILE D 427 15.10 19.25 -40.11
C ILE D 427 13.79 19.81 -39.55
N TYR D 428 13.82 20.21 -38.30
CA TYR D 428 12.69 20.87 -37.65
C TYR D 428 12.70 22.35 -38.01
N ALA D 429 11.58 22.86 -38.53
CA ALA D 429 11.49 24.26 -38.99
C ALA D 429 11.86 25.26 -37.90
N GLY D 430 11.43 24.99 -36.67
CA GLY D 430 11.82 25.80 -35.51
C GLY D 430 11.51 27.28 -35.74
N LYS D 431 12.50 28.14 -35.49
CA LYS D 431 12.35 29.59 -35.66
C LYS D 431 12.17 30.04 -37.13
N ASP D 432 12.49 29.17 -38.09
CA ASP D 432 12.32 29.48 -39.52
C ASP D 432 10.95 29.08 -40.08
N PHE D 433 9.93 28.97 -39.23
CA PHE D 433 8.63 28.48 -39.68
C PHE D 433 7.95 29.32 -40.80
N GLN D 434 8.11 30.64 -40.80
CA GLN D 434 7.37 31.48 -41.75
C GLN D 434 7.75 31.19 -43.19
N LYS D 435 9.05 31.10 -43.44
CA LYS D 435 9.59 30.88 -44.79
C LYS D 435 10.21 29.48 -44.90
N ALA D 436 9.57 28.48 -44.28
CA ALA D 436 10.11 27.12 -44.21
C ALA D 436 10.24 26.44 -45.58
N SER D 437 9.38 26.82 -46.51
CA SER D 437 9.37 26.20 -47.85
C SER D 437 10.63 26.57 -48.65
N GLN D 438 11.37 27.58 -48.16
CA GLN D 438 12.65 28.00 -48.76
C GLN D 438 13.90 27.39 -48.08
N LEU D 439 13.73 26.56 -47.04
CA LEU D 439 14.87 25.99 -46.30
C LEU D 439 15.74 25.07 -47.17
MG MG E . 15.06 -3.48 14.47
MG MG F . 11.52 -1.88 13.57
C1 2PG G . 12.17 -3.20 15.64
C2 2PG G . 12.52 -3.82 17.00
C3 2PG G . 11.42 -3.72 18.08
P 2PG G . 14.70 -4.86 17.44
O1 2PG G . 12.87 -3.36 14.59
O2 2PG G . 11.20 -2.40 15.62
O3 2PG G . 10.41 -4.70 17.92
O1P 2PG G . 13.14 -5.12 17.03
O2P 2PG G . 15.43 -6.16 17.31
O3P 2PG G . 14.70 -4.33 18.85
O4P 2PG G . 15.16 -3.81 16.47
MG MG H . 6.33 -30.70 37.75
MG MG I . -10.53 2.58 -13.72
MG MG J . -14.11 0.95 -14.37
C1 2PG K . -12.69 2.33 -15.94
C2 2PG K . -11.75 2.95 -16.97
C3 2PG K . -12.21 2.82 -18.43
P 2PG K . -9.65 4.10 -16.53
O1 2PG K . -13.57 1.54 -16.34
O2 2PG K . -12.50 2.51 -14.69
O3 2PG K . -13.23 3.78 -18.70
O1P 2PG K . -11.24 4.29 -16.76
O2P 2PG K . -9.09 3.63 -17.84
O3P 2PG K . -9.09 5.39 -16.05
O4P 2PG K . -9.62 3.01 -15.53
MG MG L . -9.59 30.93 -37.23
#